data_2LOZ
#
_entry.id   2LOZ
#
loop_
_entity.id
_entity.type
_entity.pdbx_description
1 polymer 'Tensin-like C1 domain-containing phosphatase'
2 polymer 'Rho GTPase-activating protein 7'
#
loop_
_entity_poly.entity_id
_entity_poly.type
_entity_poly.pdbx_seq_one_letter_code
_entity_poly.pdbx_strand_id
1 'polypeptide(L)'
;MSTAADLLRQGAACSVLYLTSVETESLTGPQAVARASSAALSCSPRPTPAVVHFKVSAQGITLTDNQRKLFFRRHYPVNS
ITFSSTDPQDRRWTNPDGTTSKIFGFVAKKPGSPWENVCHLFAELDPDQPAGAIVTFITKVLLGQRK
;
A
2 'polypeptide(L)' EDHKPGTFPKALTN B
#
# COMPACT_ATOMS: atom_id res chain seq x y z
N MET A 1 0.72 10.68 15.10
CA MET A 1 -0.17 9.93 14.17
C MET A 1 -1.62 9.95 14.64
N SER A 2 -1.89 10.61 15.77
CA SER A 2 -3.24 10.70 16.29
C SER A 2 -4.05 11.72 15.51
N THR A 3 -3.36 12.73 15.00
CA THR A 3 -3.97 13.79 14.22
C THR A 3 -3.93 13.45 12.73
N ALA A 4 -3.79 12.15 12.45
CA ALA A 4 -3.71 11.65 11.07
C ALA A 4 -5.06 11.65 10.38
N ALA A 5 -6.10 12.05 11.13
CA ALA A 5 -7.45 12.11 10.59
C ALA A 5 -7.49 12.93 9.30
N ASP A 6 -6.56 13.87 9.16
CA ASP A 6 -6.49 14.73 7.98
C ASP A 6 -6.43 13.93 6.68
N LEU A 7 -5.78 12.78 6.71
CA LEU A 7 -5.65 11.95 5.52
C LEU A 7 -6.89 11.09 5.27
N LEU A 8 -7.49 10.57 6.34
CA LEU A 8 -8.65 9.70 6.21
C LEU A 8 -9.94 10.49 6.05
N ARG A 9 -10.01 11.67 6.66
CA ARG A 9 -11.18 12.52 6.55
C ARG A 9 -11.26 13.08 5.14
N GLN A 10 -10.14 13.06 4.45
CA GLN A 10 -10.07 13.54 3.09
C GLN A 10 -10.19 12.39 2.10
N GLY A 11 -9.31 11.41 2.24
CA GLY A 11 -9.30 10.29 1.32
C GLY A 11 -8.49 10.63 0.10
N ALA A 12 -7.19 10.81 0.32
CA ALA A 12 -6.27 11.20 -0.73
C ALA A 12 -6.05 10.11 -1.76
N ALA A 13 -6.20 10.49 -3.02
CA ALA A 13 -5.95 9.60 -4.15
C ALA A 13 -4.62 10.00 -4.77
N CYS A 14 -3.56 9.38 -4.30
CA CYS A 14 -2.21 9.70 -4.77
C CYS A 14 -1.73 8.72 -5.83
N SER A 15 -0.46 8.86 -6.17
CA SER A 15 0.18 7.99 -7.16
C SER A 15 1.31 7.22 -6.50
N VAL A 16 1.37 5.92 -6.75
CA VAL A 16 2.40 5.07 -6.19
C VAL A 16 3.12 4.29 -7.27
N LEU A 17 4.22 3.66 -6.90
CA LEU A 17 5.01 2.86 -7.82
C LEU A 17 4.60 1.39 -7.71
N TYR A 18 4.00 0.85 -8.75
CA TYR A 18 3.55 -0.53 -8.72
C TYR A 18 4.73 -1.47 -8.96
N LEU A 19 4.80 -2.53 -8.17
CA LEU A 19 5.88 -3.50 -8.31
C LEU A 19 5.32 -4.89 -8.59
N THR A 20 4.74 -5.52 -7.57
CA THR A 20 4.20 -6.87 -7.74
C THR A 20 3.43 -7.30 -6.50
N SER A 21 2.68 -8.40 -6.61
CA SER A 21 1.90 -8.93 -5.49
C SER A 21 2.46 -10.28 -5.03
N VAL A 22 2.53 -10.50 -3.73
CA VAL A 22 3.05 -11.75 -3.18
C VAL A 22 2.16 -12.27 -2.05
N GLU A 23 1.97 -13.59 -1.99
CA GLU A 23 1.14 -14.20 -0.95
C GLU A 23 1.85 -14.14 0.39
N THR A 24 1.12 -13.72 1.42
CA THR A 24 1.67 -13.63 2.77
C THR A 24 0.67 -14.11 3.80
N GLU A 25 -0.23 -14.99 3.35
CA GLU A 25 -1.29 -15.56 4.17
C GLU A 25 -0.77 -16.20 5.46
N SER A 26 0.40 -16.80 5.40
CA SER A 26 0.98 -17.47 6.56
C SER A 26 1.94 -16.55 7.31
N LEU A 27 2.21 -15.40 6.73
CA LEU A 27 3.15 -14.45 7.34
C LEU A 27 2.46 -13.47 8.27
N THR A 28 3.27 -12.73 9.00
CA THR A 28 2.79 -11.72 9.91
C THR A 28 2.84 -10.36 9.23
N GLY A 29 2.64 -9.29 9.99
CA GLY A 29 2.65 -7.95 9.42
C GLY A 29 3.92 -7.60 8.65
N PRO A 30 5.01 -7.24 9.35
CA PRO A 30 6.28 -6.86 8.71
C PRO A 30 6.88 -7.97 7.85
N GLN A 31 6.78 -9.21 8.32
CA GLN A 31 7.33 -10.35 7.60
C GLN A 31 6.65 -10.49 6.23
N ALA A 32 5.39 -10.07 6.15
CA ALA A 32 4.66 -10.12 4.89
C ALA A 32 5.37 -9.28 3.85
N VAL A 33 5.67 -8.05 4.22
CA VAL A 33 6.37 -7.12 3.34
C VAL A 33 7.75 -7.66 3.01
N ALA A 34 8.33 -8.39 3.97
CA ALA A 34 9.65 -8.97 3.79
C ALA A 34 9.67 -10.00 2.67
N ARG A 35 8.83 -11.02 2.77
CA ARG A 35 8.77 -12.05 1.73
C ARG A 35 8.36 -11.42 0.40
N ALA A 36 7.43 -10.48 0.46
CA ALA A 36 6.96 -9.79 -0.73
C ALA A 36 8.09 -9.02 -1.41
N SER A 37 8.86 -8.28 -0.61
CA SER A 37 9.96 -7.49 -1.14
C SER A 37 11.11 -8.38 -1.60
N SER A 38 11.56 -9.26 -0.72
CA SER A 38 12.68 -10.14 -1.03
C SER A 38 12.41 -10.98 -2.28
N ALA A 39 11.22 -11.54 -2.39
CA ALA A 39 10.87 -12.36 -3.55
C ALA A 39 10.88 -11.52 -4.82
N ALA A 40 10.48 -10.27 -4.70
CA ALA A 40 10.45 -9.36 -5.84
C ALA A 40 11.86 -9.08 -6.34
N LEU A 41 12.83 -9.23 -5.45
CA LEU A 41 14.23 -8.98 -5.80
C LEU A 41 14.93 -10.25 -6.27
N SER A 42 14.76 -11.31 -5.48
CA SER A 42 15.39 -12.59 -5.76
C SER A 42 14.82 -13.27 -6.99
N CYS A 43 13.51 -13.25 -7.10
CA CYS A 43 12.83 -13.89 -8.22
C CYS A 43 12.60 -12.91 -9.35
N SER A 44 12.25 -11.69 -8.99
CA SER A 44 11.99 -10.63 -9.96
C SER A 44 10.87 -11.04 -10.93
N PRO A 45 9.62 -11.09 -10.45
CA PRO A 45 8.46 -11.46 -11.28
C PRO A 45 8.08 -10.34 -12.24
N ARG A 46 8.35 -9.12 -11.83
CA ARG A 46 8.04 -7.95 -12.63
C ARG A 46 9.34 -7.23 -13.01
N PRO A 47 9.53 -6.93 -14.30
CA PRO A 47 10.73 -6.26 -14.78
C PRO A 47 10.70 -4.73 -14.59
N THR A 48 9.94 -4.04 -15.42
CA THR A 48 9.83 -2.59 -15.33
C THR A 48 8.59 -2.18 -14.56
N PRO A 49 8.77 -1.38 -13.49
CA PRO A 49 7.67 -0.91 -12.66
C PRO A 49 6.94 0.28 -13.31
N ALA A 50 5.79 0.63 -12.75
CA ALA A 50 5.01 1.75 -13.29
C ALA A 50 4.28 2.52 -12.21
N VAL A 51 4.02 3.79 -12.46
CA VAL A 51 3.32 4.64 -11.51
C VAL A 51 1.82 4.51 -11.71
N VAL A 52 1.13 4.09 -10.66
CA VAL A 52 -0.31 3.90 -10.70
C VAL A 52 -0.98 4.72 -9.60
N HIS A 53 -2.30 4.68 -9.54
CA HIS A 53 -3.02 5.45 -8.53
C HIS A 53 -3.28 4.62 -7.28
N PHE A 54 -3.32 5.30 -6.15
CA PHE A 54 -3.54 4.68 -4.85
C PHE A 54 -4.40 5.60 -3.98
N LYS A 55 -5.44 5.06 -3.39
CA LYS A 55 -6.33 5.86 -2.56
C LYS A 55 -6.32 5.37 -1.12
N VAL A 56 -6.07 6.31 -0.20
CA VAL A 56 -6.04 6.00 1.21
C VAL A 56 -7.34 6.45 1.89
N SER A 57 -8.05 5.50 2.49
CA SER A 57 -9.29 5.81 3.16
C SER A 57 -9.42 4.97 4.43
N ALA A 58 -10.10 5.51 5.44
CA ALA A 58 -10.30 4.80 6.70
C ALA A 58 -11.27 3.65 6.56
N GLN A 59 -12.00 3.63 5.44
CA GLN A 59 -12.95 2.56 5.17
C GLN A 59 -12.28 1.43 4.42
N GLY A 60 -11.03 1.66 4.02
CA GLY A 60 -10.29 0.66 3.28
C GLY A 60 -9.33 1.30 2.31
N ILE A 61 -8.41 0.50 1.79
CA ILE A 61 -7.43 1.01 0.86
C ILE A 61 -7.84 0.64 -0.56
N THR A 62 -7.57 1.50 -1.51
CA THR A 62 -7.95 1.23 -2.88
C THR A 62 -6.83 1.52 -3.88
N LEU A 63 -6.60 0.57 -4.78
CA LEU A 63 -5.62 0.73 -5.83
C LEU A 63 -6.36 1.22 -7.06
N THR A 64 -5.71 1.93 -7.96
CA THR A 64 -6.42 2.42 -9.13
C THR A 64 -5.58 2.30 -10.40
N ASP A 65 -6.23 1.79 -11.44
CA ASP A 65 -5.62 1.62 -12.75
C ASP A 65 -5.68 2.92 -13.53
N ASN A 66 -4.68 3.76 -13.35
CA ASN A 66 -4.62 5.04 -14.02
C ASN A 66 -4.34 4.87 -15.51
N GLN A 67 -3.45 3.96 -15.86
CA GLN A 67 -3.11 3.73 -17.26
C GLN A 67 -3.54 2.34 -17.73
N ARG A 68 -3.76 1.43 -16.77
CA ARG A 68 -4.17 0.05 -17.07
C ARG A 68 -3.19 -0.62 -18.00
N LYS A 69 -1.90 -0.43 -17.74
CA LYS A 69 -0.88 -1.03 -18.59
C LYS A 69 -0.48 -2.42 -18.12
N LEU A 70 -0.20 -2.58 -16.82
CA LEU A 70 0.20 -3.88 -16.31
C LEU A 70 -0.99 -4.69 -15.80
N PHE A 71 -1.63 -4.18 -14.75
CA PHE A 71 -2.79 -4.83 -14.13
C PHE A 71 -3.14 -4.13 -12.82
N PHE A 72 -4.17 -3.29 -12.84
CA PHE A 72 -4.62 -2.58 -11.65
C PHE A 72 -6.13 -2.44 -11.70
N ARG A 73 -6.76 -2.14 -10.57
CA ARG A 73 -8.21 -2.00 -10.52
C ARG A 73 -8.67 -1.39 -9.20
N ARG A 74 -8.40 -2.09 -8.11
CA ARG A 74 -8.79 -1.63 -6.79
C ARG A 74 -7.99 -2.40 -5.75
N HIS A 75 -8.35 -2.24 -4.48
CA HIS A 75 -7.65 -2.92 -3.42
C HIS A 75 -8.63 -3.61 -2.48
N TYR A 76 -8.54 -3.30 -1.19
CA TYR A 76 -9.39 -3.96 -0.20
C TYR A 76 -9.85 -2.99 0.88
N PRO A 77 -11.12 -3.10 1.29
CA PRO A 77 -11.68 -2.27 2.35
C PRO A 77 -11.19 -2.71 3.73
N VAL A 78 -11.58 -1.97 4.77
CA VAL A 78 -11.17 -2.27 6.14
C VAL A 78 -11.58 -3.67 6.56
N ASN A 79 -12.63 -4.19 5.94
CA ASN A 79 -13.14 -5.52 6.26
C ASN A 79 -12.22 -6.62 5.72
N SER A 80 -11.26 -6.23 4.89
CA SER A 80 -10.33 -7.20 4.32
C SER A 80 -8.88 -6.91 4.72
N ILE A 81 -8.57 -5.66 5.02
CA ILE A 81 -7.21 -5.28 5.42
C ILE A 81 -6.87 -5.82 6.80
N THR A 82 -5.68 -6.40 6.92
CA THR A 82 -5.23 -6.95 8.19
C THR A 82 -3.97 -6.25 8.68
N PHE A 83 -3.19 -5.66 7.77
CA PHE A 83 -1.95 -4.98 8.15
C PHE A 83 -1.37 -4.15 7.01
N SER A 84 -0.57 -3.14 7.36
CA SER A 84 0.07 -2.28 6.39
C SER A 84 1.46 -1.86 6.90
N SER A 85 2.44 -1.87 6.01
CA SER A 85 3.81 -1.49 6.38
C SER A 85 4.52 -0.80 5.22
N THR A 86 5.55 -0.02 5.55
CA THR A 86 6.31 0.71 4.56
C THR A 86 7.53 -0.08 4.10
N ASP A 87 7.92 -1.08 4.89
CA ASP A 87 9.06 -1.93 4.58
C ASP A 87 9.27 -2.96 5.68
N PRO A 88 9.79 -4.14 5.33
CA PRO A 88 10.08 -5.19 6.30
C PRO A 88 11.25 -4.86 7.20
N GLN A 89 12.39 -4.54 6.58
CA GLN A 89 13.60 -4.22 7.31
C GLN A 89 14.25 -2.96 6.74
N ASP A 90 13.43 -2.05 6.20
CA ASP A 90 13.90 -0.79 5.62
C ASP A 90 14.67 -1.03 4.33
N ARG A 91 14.02 -1.73 3.40
CA ARG A 91 14.62 -2.05 2.12
C ARG A 91 14.10 -1.10 1.04
N ARG A 92 14.85 -0.91 -0.03
CA ARG A 92 14.45 -0.01 -1.11
C ARG A 92 14.48 -0.70 -2.46
N TRP A 93 13.78 -0.12 -3.42
CA TRP A 93 13.72 -0.64 -4.78
C TRP A 93 14.60 0.19 -5.68
N THR A 94 15.31 -0.46 -6.59
CA THR A 94 16.19 0.23 -7.51
C THR A 94 15.52 0.30 -8.88
N ASN A 95 15.12 1.50 -9.26
CA ASN A 95 14.49 1.71 -10.55
C ASN A 95 15.54 1.60 -11.64
N PRO A 96 15.13 1.27 -12.88
CA PRO A 96 16.06 1.13 -14.01
C PRO A 96 16.89 2.40 -14.22
N ASP A 97 16.36 3.53 -13.75
CA ASP A 97 17.05 4.82 -13.89
C ASP A 97 18.21 4.91 -12.89
N GLY A 98 18.17 4.08 -11.87
CA GLY A 98 19.22 4.08 -10.87
C GLY A 98 18.77 4.64 -9.54
N THR A 99 17.65 5.34 -9.53
CA THR A 99 17.13 5.93 -8.30
C THR A 99 16.51 4.84 -7.41
N THR A 100 16.58 5.05 -6.10
CA THR A 100 16.04 4.09 -5.15
C THR A 100 14.86 4.67 -4.37
N SER A 101 13.82 3.88 -4.21
CA SER A 101 12.63 4.30 -3.48
C SER A 101 12.19 3.20 -2.52
N LYS A 102 11.56 3.58 -1.41
CA LYS A 102 11.09 2.62 -0.41
C LYS A 102 10.04 1.70 -1.02
N ILE A 103 9.87 0.53 -0.42
CA ILE A 103 8.89 -0.43 -0.91
C ILE A 103 7.93 -0.80 0.21
N PHE A 104 6.68 -0.40 0.08
CA PHE A 104 5.70 -0.68 1.11
C PHE A 104 4.76 -1.79 0.66
N GLY A 105 4.11 -2.42 1.61
CA GLY A 105 3.20 -3.49 1.29
C GLY A 105 1.99 -3.52 2.21
N PHE A 106 0.85 -3.90 1.65
CA PHE A 106 -0.38 -3.97 2.42
C PHE A 106 -0.84 -5.41 2.49
N VAL A 107 -1.28 -5.83 3.66
CA VAL A 107 -1.75 -7.17 3.86
C VAL A 107 -3.26 -7.17 3.97
N ALA A 108 -3.92 -7.79 3.00
CA ALA A 108 -5.38 -7.84 2.98
C ALA A 108 -5.88 -9.17 2.46
N LYS A 109 -7.04 -9.58 2.95
CA LYS A 109 -7.66 -10.83 2.54
C LYS A 109 -8.41 -10.65 1.22
N LYS A 110 -8.26 -11.60 0.31
CA LYS A 110 -8.91 -11.53 -0.99
C LYS A 110 -10.35 -12.06 -0.93
N PRO A 111 -11.27 -11.41 -1.65
CA PRO A 111 -12.68 -11.81 -1.69
C PRO A 111 -12.86 -13.27 -2.10
N GLY A 112 -13.58 -14.02 -1.27
CA GLY A 112 -13.83 -15.41 -1.54
C GLY A 112 -12.90 -16.30 -0.74
N SER A 113 -11.76 -15.75 -0.35
CA SER A 113 -10.78 -16.47 0.42
C SER A 113 -10.44 -15.70 1.70
N PRO A 114 -11.30 -15.75 2.72
CA PRO A 114 -11.09 -15.03 3.99
C PRO A 114 -10.01 -15.69 4.86
N TRP A 115 -9.63 -16.91 4.50
CA TRP A 115 -8.63 -17.64 5.27
C TRP A 115 -7.23 -17.24 4.84
N GLU A 116 -7.12 -16.58 3.69
CA GLU A 116 -5.81 -16.18 3.19
C GLU A 116 -5.74 -14.67 2.99
N ASN A 117 -4.53 -14.17 2.96
CA ASN A 117 -4.27 -12.75 2.76
C ASN A 117 -3.06 -12.58 1.86
N VAL A 118 -3.09 -11.57 1.01
CA VAL A 118 -2.00 -11.33 0.08
C VAL A 118 -1.40 -9.94 0.29
N CYS A 119 -0.09 -9.84 0.12
CA CYS A 119 0.59 -8.57 0.29
C CYS A 119 0.98 -8.00 -1.06
N HIS A 120 0.31 -6.94 -1.46
CA HIS A 120 0.63 -6.31 -2.73
C HIS A 120 1.75 -5.31 -2.50
N LEU A 121 2.89 -5.57 -3.13
CA LEU A 121 4.08 -4.74 -2.98
C LEU A 121 4.06 -3.54 -3.92
N PHE A 122 4.27 -2.35 -3.34
CA PHE A 122 4.28 -1.12 -4.11
C PHE A 122 5.38 -0.19 -3.58
N ALA A 123 6.16 0.36 -4.48
CA ALA A 123 7.23 1.27 -4.10
C ALA A 123 6.68 2.67 -3.83
N GLU A 124 7.43 3.48 -3.11
CA GLU A 124 7.02 4.83 -2.76
C GLU A 124 7.06 5.79 -3.95
N LEU A 125 6.19 6.78 -3.89
CA LEU A 125 6.07 7.84 -4.88
C LEU A 125 5.20 8.92 -4.29
N ASP A 126 5.12 10.08 -4.95
CA ASP A 126 4.30 11.19 -4.46
C ASP A 126 4.85 11.72 -3.14
N PRO A 127 5.78 12.69 -3.21
CA PRO A 127 6.42 13.27 -2.03
C PRO A 127 5.46 14.03 -1.10
N ASP A 128 4.20 14.17 -1.48
CA ASP A 128 3.24 14.85 -0.64
C ASP A 128 2.77 13.92 0.47
N GLN A 129 2.79 12.63 0.18
CA GLN A 129 2.38 11.62 1.14
C GLN A 129 3.50 10.63 1.40
N PRO A 130 4.27 10.85 2.47
CA PRO A 130 5.39 9.98 2.84
C PRO A 130 4.93 8.53 3.06
N ALA A 131 5.57 7.59 2.37
CA ALA A 131 5.24 6.17 2.47
C ALA A 131 5.38 5.67 3.90
N GLY A 132 6.40 6.19 4.59
CA GLY A 132 6.64 5.78 5.97
C GLY A 132 5.64 6.36 6.94
N ALA A 133 4.72 7.16 6.44
CA ALA A 133 3.69 7.76 7.26
C ALA A 133 2.30 7.28 6.85
N ILE A 134 2.07 7.19 5.54
CA ILE A 134 0.78 6.78 5.01
C ILE A 134 0.32 5.42 5.57
N VAL A 135 1.18 4.41 5.53
CA VAL A 135 0.81 3.10 6.05
C VAL A 135 0.77 3.11 7.57
N THR A 136 1.62 3.94 8.17
CA THR A 136 1.69 4.06 9.61
C THR A 136 0.37 4.52 10.21
N PHE A 137 -0.19 5.61 9.69
CA PHE A 137 -1.46 6.08 10.21
C PHE A 137 -2.59 5.19 9.74
N ILE A 138 -2.43 4.60 8.55
CA ILE A 138 -3.44 3.71 8.00
C ILE A 138 -3.68 2.53 8.96
N THR A 139 -2.60 1.89 9.39
CA THR A 139 -2.69 0.77 10.31
C THR A 139 -3.38 1.19 11.61
N LYS A 140 -3.08 2.39 12.04
CA LYS A 140 -3.62 2.92 13.28
C LYS A 140 -5.09 3.33 13.17
N VAL A 141 -5.49 3.87 12.02
CA VAL A 141 -6.87 4.31 11.84
C VAL A 141 -7.76 3.22 11.23
N LEU A 142 -7.18 2.32 10.45
CA LEU A 142 -7.94 1.25 9.82
C LEU A 142 -8.29 0.16 10.83
N LEU A 143 -7.27 -0.36 11.51
CA LEU A 143 -7.46 -1.42 12.49
C LEU A 143 -7.80 -0.86 13.86
N GLY A 144 -7.35 0.35 14.13
CA GLY A 144 -7.60 0.95 15.42
C GLY A 144 -6.40 0.81 16.33
N GLN A 145 -5.24 0.66 15.69
CA GLN A 145 -3.97 0.51 16.40
C GLN A 145 -3.52 1.81 17.04
N ARG A 146 -4.21 2.89 16.72
CA ARG A 146 -3.91 4.21 17.25
C ARG A 146 -3.70 4.20 18.76
N LYS A 147 -2.68 4.91 19.20
CA LYS A 147 -2.36 5.00 20.62
C LYS A 147 -3.13 6.16 21.23
N GLU B 1 1.77 14.08 -5.65
CA GLU B 1 3.06 14.74 -5.96
C GLU B 1 3.35 15.85 -4.96
N ASP B 2 2.69 17.00 -5.11
CA ASP B 2 2.91 18.11 -4.19
C ASP B 2 1.67 18.39 -3.35
N HIS B 3 0.55 18.54 -4.03
CA HIS B 3 -0.72 18.80 -3.37
C HIS B 3 -1.32 17.53 -2.81
N LYS B 4 -1.82 17.60 -1.59
CA LYS B 4 -2.43 16.44 -0.96
C LYS B 4 -3.91 16.38 -1.34
N PRO B 5 -4.37 15.26 -1.92
CA PRO B 5 -5.76 15.07 -2.33
C PRO B 5 -6.67 14.70 -1.18
N GLY B 6 -7.93 14.49 -1.49
CA GLY B 6 -8.89 14.14 -0.48
C GLY B 6 -10.30 14.07 -1.03
N THR B 7 -10.48 13.24 -2.04
CA THR B 7 -11.78 13.09 -2.66
C THR B 7 -12.04 11.62 -3.01
N PHE B 8 -12.83 10.94 -2.18
CA PHE B 8 -13.14 9.53 -2.40
C PHE B 8 -14.07 8.95 -1.31
N PRO B 9 -13.69 9.00 -0.02
CA PRO B 9 -14.50 8.44 1.06
C PRO B 9 -15.55 9.40 1.60
N LYS B 10 -15.92 9.18 2.86
CA LYS B 10 -16.92 10.00 3.53
C LYS B 10 -16.39 10.57 4.84
N ALA B 11 -15.08 10.88 4.87
CA ALA B 11 -14.43 11.42 6.07
C ALA B 11 -14.61 10.47 7.25
N LEU B 12 -13.85 9.39 7.23
CA LEU B 12 -13.94 8.38 8.28
C LEU B 12 -12.75 8.44 9.21
N THR B 13 -12.86 7.75 10.33
CA THR B 13 -11.81 7.67 11.32
C THR B 13 -12.03 6.43 12.19
N ASN B 14 -11.63 5.27 11.64
CA ASN B 14 -11.78 3.98 12.32
C ASN B 14 -13.25 3.61 12.47
N MET A 1 1.81 10.87 13.77
CA MET A 1 0.65 11.53 13.13
C MET A 1 -0.57 11.44 14.04
N SER A 2 -0.90 12.54 14.68
CA SER A 2 -2.04 12.59 15.58
C SER A 2 -3.28 13.14 14.87
N THR A 3 -4.41 12.47 15.08
CA THR A 3 -5.68 12.86 14.46
C THR A 3 -5.58 12.92 12.93
N ALA A 4 -4.68 12.13 12.37
CA ALA A 4 -4.47 12.09 10.92
C ALA A 4 -5.58 11.30 10.23
N ALA A 5 -6.49 10.77 11.04
CA ALA A 5 -7.62 9.99 10.56
C ALA A 5 -8.45 10.75 9.53
N ASP A 6 -8.46 12.07 9.62
CA ASP A 6 -9.25 12.89 8.70
C ASP A 6 -8.71 12.79 7.28
N LEU A 7 -7.41 12.58 7.17
CA LEU A 7 -6.74 12.46 5.88
C LEU A 7 -7.28 11.29 5.08
N LEU A 8 -7.46 10.16 5.73
CA LEU A 8 -7.92 8.96 5.05
C LEU A 8 -9.42 8.77 5.23
N ARG A 9 -9.99 9.32 6.29
CA ARG A 9 -11.43 9.18 6.51
C ARG A 9 -12.18 9.84 5.38
N GLN A 10 -11.55 10.85 4.78
CA GLN A 10 -12.14 11.55 3.66
C GLN A 10 -11.81 10.82 2.36
N GLY A 11 -10.61 10.27 2.31
CA GLY A 11 -10.18 9.54 1.14
C GLY A 11 -9.07 10.26 0.39
N ALA A 12 -7.85 9.77 0.55
CA ALA A 12 -6.69 10.37 -0.10
C ALA A 12 -6.47 9.76 -1.47
N ALA A 13 -6.19 10.61 -2.44
CA ALA A 13 -5.94 10.18 -3.80
C ALA A 13 -4.52 10.55 -4.20
N CYS A 14 -3.62 9.59 -4.09
CA CYS A 14 -2.22 9.80 -4.41
C CYS A 14 -1.78 8.91 -5.58
N SER A 15 -0.49 8.66 -5.65
CA SER A 15 0.09 7.83 -6.69
C SER A 15 1.14 6.94 -6.05
N VAL A 16 1.19 5.69 -6.47
CA VAL A 16 2.14 4.75 -5.90
C VAL A 16 2.80 3.94 -7.02
N LEU A 17 3.96 3.37 -6.75
CA LEU A 17 4.67 2.58 -7.75
C LEU A 17 4.40 1.10 -7.55
N TYR A 18 3.70 0.49 -8.49
CA TYR A 18 3.36 -0.92 -8.41
C TYR A 18 4.58 -1.79 -8.70
N LEU A 19 4.75 -2.84 -7.90
CA LEU A 19 5.86 -3.75 -8.09
C LEU A 19 5.35 -5.15 -8.42
N THR A 20 4.74 -5.81 -7.44
CA THR A 20 4.22 -7.15 -7.65
C THR A 20 3.50 -7.66 -6.40
N SER A 21 2.71 -8.72 -6.56
CA SER A 21 1.97 -9.30 -5.45
C SER A 21 2.58 -10.62 -5.00
N VAL A 22 2.65 -10.82 -3.69
CA VAL A 22 3.22 -12.05 -3.13
C VAL A 22 2.33 -12.56 -1.99
N GLU A 23 2.15 -13.87 -1.91
CA GLU A 23 1.32 -14.47 -0.88
C GLU A 23 1.97 -14.34 0.48
N THR A 24 1.16 -14.00 1.48
CA THR A 24 1.65 -13.83 2.83
C THR A 24 0.63 -14.39 3.83
N GLU A 25 -0.18 -15.34 3.34
CA GLU A 25 -1.23 -15.96 4.15
C GLU A 25 -0.75 -16.43 5.53
N SER A 26 0.37 -17.14 5.57
CA SER A 26 0.91 -17.65 6.82
C SER A 26 1.86 -16.65 7.47
N LEU A 27 2.18 -15.59 6.74
CA LEU A 27 3.10 -14.59 7.26
C LEU A 27 2.41 -13.60 8.18
N THR A 28 3.22 -12.95 8.98
CA THR A 28 2.75 -11.96 9.92
C THR A 28 2.82 -10.58 9.27
N GLY A 29 2.52 -9.55 10.05
CA GLY A 29 2.53 -8.19 9.54
C GLY A 29 3.82 -7.79 8.85
N PRO A 30 4.94 -7.65 9.60
CA PRO A 30 6.23 -7.25 9.04
C PRO A 30 6.80 -8.24 8.02
N GLN A 31 6.69 -9.55 8.31
CA GLN A 31 7.23 -10.56 7.41
C GLN A 31 6.48 -10.59 6.09
N ALA A 32 5.23 -10.12 6.10
CA ALA A 32 4.44 -10.07 4.88
C ALA A 32 5.19 -9.27 3.83
N VAL A 33 5.54 -8.05 4.18
CA VAL A 33 6.29 -7.18 3.28
C VAL A 33 7.67 -7.78 3.02
N ALA A 34 8.19 -8.50 4.01
CA ALA A 34 9.51 -9.12 3.90
C ALA A 34 9.58 -10.11 2.75
N ARG A 35 8.76 -11.15 2.78
CA ARG A 35 8.79 -12.15 1.72
C ARG A 35 8.35 -11.52 0.41
N ALA A 36 7.37 -10.62 0.48
CA ALA A 36 6.87 -9.94 -0.71
C ALA A 36 7.98 -9.14 -1.39
N SER A 37 8.71 -8.38 -0.60
CA SER A 37 9.79 -7.54 -1.11
C SER A 37 10.98 -8.39 -1.55
N SER A 38 11.43 -9.29 -0.68
CA SER A 38 12.58 -10.14 -0.98
C SER A 38 12.36 -10.94 -2.25
N ALA A 39 11.20 -11.58 -2.37
CA ALA A 39 10.90 -12.40 -3.54
C ALA A 39 10.91 -11.56 -4.82
N ALA A 40 10.56 -10.29 -4.71
CA ALA A 40 10.53 -9.40 -5.86
C ALA A 40 11.95 -9.09 -6.34
N LEU A 41 12.91 -9.12 -5.43
CA LEU A 41 14.30 -8.82 -5.78
C LEU A 41 15.08 -10.07 -6.13
N SER A 42 14.80 -11.15 -5.41
CA SER A 42 15.50 -12.40 -5.62
C SER A 42 14.99 -13.14 -6.85
N CYS A 43 13.68 -13.15 -7.02
CA CYS A 43 13.07 -13.86 -8.13
C CYS A 43 12.83 -12.94 -9.31
N SER A 44 12.68 -11.65 -9.02
CA SER A 44 12.43 -10.63 -10.03
C SER A 44 11.29 -11.02 -10.96
N PRO A 45 10.05 -11.15 -10.43
CA PRO A 45 8.88 -11.50 -11.23
C PRO A 45 8.43 -10.37 -12.14
N ARG A 46 8.65 -9.15 -11.70
CA ARG A 46 8.28 -7.96 -12.46
C ARG A 46 9.52 -7.14 -12.76
N PRO A 47 9.84 -6.97 -14.05
CA PRO A 47 11.01 -6.21 -14.49
C PRO A 47 10.86 -4.71 -14.27
N THR A 48 9.93 -4.09 -14.98
CA THR A 48 9.73 -2.66 -14.86
C THR A 48 8.45 -2.34 -14.11
N PRO A 49 8.55 -1.48 -13.08
CA PRO A 49 7.41 -1.07 -12.27
C PRO A 49 6.62 0.05 -12.96
N ALA A 50 5.52 0.47 -12.33
CA ALA A 50 4.69 1.52 -12.90
C ALA A 50 4.04 2.37 -11.82
N VAL A 51 3.85 3.66 -12.11
CA VAL A 51 3.23 4.56 -11.15
C VAL A 51 1.73 4.60 -11.38
N VAL A 52 1.00 4.04 -10.44
CA VAL A 52 -0.45 3.98 -10.51
C VAL A 52 -1.11 4.91 -9.49
N HIS A 53 -2.43 4.95 -9.49
CA HIS A 53 -3.19 5.79 -8.58
C HIS A 53 -3.41 5.06 -7.26
N PHE A 54 -3.07 5.70 -6.16
CA PHE A 54 -3.21 5.10 -4.85
C PHE A 54 -4.26 5.83 -4.03
N LYS A 55 -5.36 5.16 -3.73
CA LYS A 55 -6.44 5.74 -2.96
C LYS A 55 -6.54 5.06 -1.60
N VAL A 56 -6.54 5.85 -0.54
CA VAL A 56 -6.63 5.29 0.81
C VAL A 56 -7.76 5.92 1.59
N SER A 57 -8.56 5.08 2.24
CA SER A 57 -9.67 5.55 3.04
C SER A 57 -9.84 4.72 4.29
N ALA A 58 -10.83 5.07 5.10
CA ALA A 58 -11.10 4.34 6.33
C ALA A 58 -11.90 3.07 6.04
N GLN A 59 -12.27 2.89 4.77
CA GLN A 59 -13.02 1.72 4.37
C GLN A 59 -12.14 0.76 3.60
N GLY A 60 -10.86 1.10 3.49
CA GLY A 60 -9.94 0.25 2.80
C GLY A 60 -9.05 1.02 1.84
N ILE A 61 -8.30 0.27 1.04
CA ILE A 61 -7.38 0.86 0.08
C ILE A 61 -7.82 0.52 -1.34
N THR A 62 -7.72 1.50 -2.22
CA THR A 62 -8.10 1.33 -3.62
C THR A 62 -6.90 1.31 -4.55
N LEU A 63 -6.85 0.29 -5.39
CA LEU A 63 -5.79 0.15 -6.38
C LEU A 63 -6.32 0.59 -7.74
N THR A 64 -5.84 1.72 -8.22
CA THR A 64 -6.26 2.24 -9.50
C THR A 64 -5.05 2.58 -10.34
N ASP A 65 -5.18 2.53 -11.66
CA ASP A 65 -4.07 2.88 -12.52
C ASP A 65 -4.25 4.32 -12.97
N ASN A 66 -3.26 5.15 -12.66
CA ASN A 66 -3.33 6.57 -13.02
C ASN A 66 -3.12 6.79 -14.50
N GLN A 67 -2.57 5.78 -15.18
CA GLN A 67 -2.32 5.87 -16.61
C GLN A 67 -3.05 4.73 -17.33
N ARG A 68 -3.89 4.02 -16.57
CA ARG A 68 -4.68 2.89 -17.06
C ARG A 68 -3.88 1.97 -17.99
N LYS A 69 -2.69 1.59 -17.54
CA LYS A 69 -1.81 0.73 -18.32
C LYS A 69 -1.98 -0.73 -17.95
N LEU A 70 -2.01 -1.00 -16.65
CA LEU A 70 -2.13 -2.36 -16.15
C LEU A 70 -3.55 -2.91 -16.26
N PHE A 71 -4.50 -2.27 -15.58
CA PHE A 71 -5.87 -2.73 -15.58
C PHE A 71 -6.83 -1.70 -15.00
N PHE A 72 -8.02 -2.17 -14.66
CA PHE A 72 -9.06 -1.34 -14.07
C PHE A 72 -8.83 -1.16 -12.58
N ARG A 73 -9.67 -0.38 -11.93
CA ARG A 73 -9.51 -0.13 -10.50
C ARG A 73 -10.20 -1.20 -9.66
N ARG A 74 -9.51 -1.61 -8.61
CA ARG A 74 -10.01 -2.61 -7.68
C ARG A 74 -9.70 -2.17 -6.26
N HIS A 75 -10.69 -2.12 -5.40
CA HIS A 75 -10.46 -1.69 -4.02
C HIS A 75 -10.65 -2.85 -3.04
N TYR A 76 -9.80 -2.86 -2.03
CA TYR A 76 -9.86 -3.87 -0.99
C TYR A 76 -10.48 -3.28 0.25
N PRO A 77 -11.61 -3.86 0.70
CA PRO A 77 -12.30 -3.38 1.90
C PRO A 77 -11.45 -3.55 3.15
N VAL A 78 -11.71 -2.74 4.17
CA VAL A 78 -10.95 -2.82 5.42
C VAL A 78 -11.09 -4.20 6.06
N ASN A 79 -12.19 -4.89 5.74
CA ASN A 79 -12.43 -6.23 6.27
C ASN A 79 -11.42 -7.21 5.68
N SER A 80 -10.94 -6.92 4.49
CA SER A 80 -9.96 -7.78 3.83
C SER A 80 -8.53 -7.40 4.23
N ILE A 81 -8.33 -6.13 4.56
CA ILE A 81 -7.02 -5.65 4.95
C ILE A 81 -6.71 -6.06 6.39
N THR A 82 -5.69 -6.88 6.55
CA THR A 82 -5.32 -7.36 7.88
C THR A 82 -4.13 -6.61 8.45
N PHE A 83 -3.31 -6.02 7.59
CA PHE A 83 -2.13 -5.28 8.03
C PHE A 83 -1.54 -4.46 6.89
N SER A 84 -0.81 -3.41 7.26
CA SER A 84 -0.15 -2.53 6.31
C SER A 84 1.17 -2.06 6.89
N SER A 85 2.25 -2.22 6.14
CA SER A 85 3.57 -1.80 6.60
C SER A 85 4.31 -1.13 5.44
N THR A 86 5.34 -0.35 5.75
CA THR A 86 6.08 0.33 4.71
C THR A 86 7.40 -0.35 4.39
N ASP A 87 7.78 -1.35 5.18
CA ASP A 87 8.99 -2.10 4.96
C ASP A 87 9.16 -3.16 6.03
N PRO A 88 9.68 -4.33 5.67
CA PRO A 88 9.93 -5.39 6.64
C PRO A 88 11.14 -5.08 7.51
N GLN A 89 12.25 -4.81 6.83
CA GLN A 89 13.52 -4.50 7.48
C GLN A 89 14.19 -3.34 6.76
N ASP A 90 13.38 -2.44 6.20
CA ASP A 90 13.88 -1.27 5.46
C ASP A 90 14.42 -1.68 4.09
N ARG A 91 13.60 -2.36 3.32
CA ARG A 91 13.99 -2.79 1.98
C ARG A 91 13.90 -1.63 1.00
N ARG A 92 14.78 -1.62 0.01
CA ARG A 92 14.79 -0.55 -0.99
C ARG A 92 14.67 -1.12 -2.40
N TRP A 93 13.94 -0.41 -3.24
CA TRP A 93 13.73 -0.80 -4.62
C TRP A 93 14.61 0.06 -5.51
N THR A 94 15.21 -0.55 -6.52
CA THR A 94 16.08 0.17 -7.43
C THR A 94 15.39 0.41 -8.76
N ASN A 95 15.05 1.66 -9.02
CA ASN A 95 14.40 2.05 -10.26
C ASN A 95 15.39 1.91 -11.41
N PRO A 96 14.89 1.69 -12.64
CA PRO A 96 15.74 1.53 -13.83
C PRO A 96 16.63 2.74 -14.08
N ASP A 97 16.33 3.85 -13.41
CA ASP A 97 17.13 5.07 -13.56
C ASP A 97 18.38 5.00 -12.70
N GLY A 98 18.35 4.16 -11.67
CA GLY A 98 19.48 3.99 -10.78
C GLY A 98 19.17 4.51 -9.39
N THR A 99 17.97 5.03 -9.24
CA THR A 99 17.51 5.58 -7.98
C THR A 99 16.96 4.49 -7.06
N THR A 100 16.91 4.78 -5.77
CA THR A 100 16.42 3.83 -4.80
C THR A 100 15.33 4.43 -3.92
N SER A 101 14.31 3.64 -3.61
CA SER A 101 13.22 4.09 -2.77
C SER A 101 12.80 2.94 -1.85
N LYS A 102 12.04 3.23 -0.80
CA LYS A 102 11.58 2.19 0.12
C LYS A 102 10.53 1.32 -0.57
N ILE A 103 10.16 0.23 0.07
CA ILE A 103 9.15 -0.66 -0.48
C ILE A 103 8.12 -1.01 0.58
N PHE A 104 6.90 -0.55 0.37
CA PHE A 104 5.81 -0.80 1.30
C PHE A 104 4.86 -1.83 0.72
N GLY A 105 4.17 -2.53 1.61
CA GLY A 105 3.23 -3.54 1.18
C GLY A 105 2.06 -3.64 2.13
N PHE A 106 0.89 -3.92 1.59
CA PHE A 106 -0.30 -4.06 2.41
C PHE A 106 -0.84 -5.47 2.28
N VAL A 107 -1.35 -6.00 3.37
CA VAL A 107 -1.86 -7.34 3.40
C VAL A 107 -3.38 -7.34 3.31
N ALA A 108 -3.90 -7.97 2.27
CA ALA A 108 -5.33 -8.04 2.06
C ALA A 108 -5.75 -9.44 1.62
N LYS A 109 -6.88 -9.90 2.13
CA LYS A 109 -7.40 -11.21 1.79
C LYS A 109 -8.01 -11.19 0.39
N LYS A 110 -7.82 -12.28 -0.34
CA LYS A 110 -8.33 -12.37 -1.70
C LYS A 110 -9.81 -12.77 -1.70
N PRO A 111 -10.60 -12.19 -2.63
CA PRO A 111 -12.03 -12.49 -2.73
C PRO A 111 -12.29 -13.97 -2.96
N GLY A 112 -13.16 -14.55 -2.14
CA GLY A 112 -13.47 -15.95 -2.25
C GLY A 112 -12.69 -16.79 -1.27
N SER A 113 -11.49 -16.33 -0.94
CA SER A 113 -10.63 -17.03 -0.02
C SER A 113 -10.30 -16.16 1.20
N PRO A 114 -11.23 -16.04 2.15
CA PRO A 114 -11.03 -15.23 3.35
C PRO A 114 -10.13 -15.92 4.36
N TRP A 115 -9.76 -17.16 4.07
CA TRP A 115 -8.89 -17.93 4.94
C TRP A 115 -7.43 -17.59 4.69
N GLU A 116 -7.15 -16.91 3.59
CA GLU A 116 -5.79 -16.52 3.24
C GLU A 116 -5.70 -15.03 2.96
N ASN A 117 -4.47 -14.55 2.77
CA ASN A 117 -4.23 -13.14 2.48
C ASN A 117 -3.00 -12.99 1.59
N VAL A 118 -2.96 -11.92 0.81
CA VAL A 118 -1.85 -11.67 -0.10
C VAL A 118 -1.33 -10.23 0.07
N CYS A 119 -0.03 -10.05 -0.07
CA CYS A 119 0.58 -8.75 0.07
C CYS A 119 0.97 -8.19 -1.30
N HIS A 120 0.60 -6.95 -1.56
CA HIS A 120 0.96 -6.31 -2.83
C HIS A 120 2.03 -5.26 -2.59
N LEU A 121 3.13 -5.37 -3.33
CA LEU A 121 4.25 -4.44 -3.22
C LEU A 121 4.00 -3.19 -4.04
N PHE A 122 4.17 -2.02 -3.41
CA PHE A 122 3.94 -0.75 -4.09
C PHE A 122 5.01 0.30 -3.77
N ALA A 123 6.26 -0.13 -3.72
CA ALA A 123 7.40 0.76 -3.43
C ALA A 123 7.08 1.79 -2.35
N GLU A 124 7.51 3.04 -2.55
CA GLU A 124 7.23 4.10 -1.59
C GLU A 124 6.83 5.39 -2.30
N LEU A 125 6.59 5.28 -3.60
CA LEU A 125 6.22 6.44 -4.41
C LEU A 125 4.94 7.09 -3.91
N ASP A 126 4.98 8.42 -3.80
CA ASP A 126 3.83 9.20 -3.36
C ASP A 126 4.10 10.69 -3.57
N PRO A 127 3.07 11.42 -4.04
CA PRO A 127 3.10 12.85 -4.29
C PRO A 127 4.02 13.66 -3.36
N ASP A 128 3.63 13.77 -2.10
CA ASP A 128 4.41 14.54 -1.13
C ASP A 128 4.36 13.91 0.26
N GLN A 129 3.83 12.71 0.34
CA GLN A 129 3.72 12.02 1.62
C GLN A 129 4.57 10.76 1.59
N PRO A 130 5.79 10.82 2.13
CA PRO A 130 6.70 9.67 2.17
C PRO A 130 6.03 8.41 2.72
N ALA A 131 6.34 7.27 2.13
CA ALA A 131 5.75 6.00 2.55
C ALA A 131 5.92 5.77 4.04
N GLY A 132 7.12 6.07 4.54
CA GLY A 132 7.41 5.90 5.96
C GLY A 132 6.57 6.78 6.85
N ALA A 133 5.87 7.74 6.26
CA ALA A 133 5.03 8.65 7.01
C ALA A 133 3.55 8.34 6.76
N ILE A 134 3.21 8.02 5.51
CA ILE A 134 1.83 7.72 5.14
C ILE A 134 1.35 6.41 5.78
N VAL A 135 2.26 5.44 5.89
CA VAL A 135 1.92 4.15 6.47
C VAL A 135 1.68 4.29 7.97
N THR A 136 2.38 5.24 8.59
CA THR A 136 2.25 5.47 10.02
C THR A 136 0.80 5.76 10.42
N PHE A 137 0.09 6.56 9.64
CA PHE A 137 -1.30 6.86 9.98
C PHE A 137 -2.25 5.85 9.35
N ILE A 138 -1.92 5.33 8.15
CA ILE A 138 -2.80 4.37 7.50
C ILE A 138 -3.05 3.15 8.40
N THR A 139 -2.00 2.66 9.05
CA THR A 139 -2.12 1.51 9.93
C THR A 139 -2.79 1.90 11.23
N LYS A 140 -2.23 2.90 11.88
CA LYS A 140 -2.73 3.35 13.17
C LYS A 140 -4.21 3.72 13.11
N VAL A 141 -4.66 4.21 11.97
CA VAL A 141 -6.05 4.60 11.84
C VAL A 141 -6.92 3.44 11.39
N LEU A 142 -6.56 2.81 10.28
CA LEU A 142 -7.34 1.70 9.72
C LEU A 142 -7.46 0.53 10.71
N LEU A 143 -6.37 0.20 11.38
CA LEU A 143 -6.38 -0.90 12.33
C LEU A 143 -6.93 -0.45 13.68
N GLY A 144 -6.63 0.79 14.05
CA GLY A 144 -7.09 1.31 15.32
C GLY A 144 -5.98 1.38 16.35
N GLN A 145 -4.74 1.43 15.86
CA GLN A 145 -3.58 1.52 16.74
C GLN A 145 -3.45 2.93 17.31
N ARG A 146 -4.10 3.87 16.64
CA ARG A 146 -4.11 5.26 17.06
C ARG A 146 -5.34 5.53 17.93
N LYS A 147 -5.27 6.55 18.76
CA LYS A 147 -6.38 6.90 19.63
C LYS A 147 -6.79 8.34 19.42
N GLU B 1 4.81 14.19 -8.52
CA GLU B 1 3.52 13.49 -8.62
C GLU B 1 2.54 13.99 -7.55
N ASP B 2 2.75 15.21 -7.08
CA ASP B 2 1.91 15.84 -6.06
C ASP B 2 0.43 15.74 -6.40
N HIS B 3 -0.34 15.19 -5.48
CA HIS B 3 -1.77 14.99 -5.66
C HIS B 3 -2.55 15.59 -4.50
N LYS B 4 -3.85 15.35 -4.46
CA LYS B 4 -4.70 15.87 -3.41
C LYS B 4 -5.63 14.78 -2.89
N PRO B 5 -5.79 14.68 -1.55
CA PRO B 5 -6.69 13.69 -0.93
C PRO B 5 -8.17 13.99 -1.21
N GLY B 6 -8.60 13.74 -2.44
CA GLY B 6 -9.97 13.97 -2.82
C GLY B 6 -10.55 12.81 -3.59
N THR B 7 -11.06 11.82 -2.86
CA THR B 7 -11.64 10.64 -3.48
C THR B 7 -12.45 9.86 -2.43
N PHE B 8 -13.07 8.75 -2.85
CA PHE B 8 -13.88 7.90 -1.97
C PHE B 8 -15.19 8.59 -1.57
N PRO B 9 -16.16 7.81 -1.04
CA PRO B 9 -17.49 8.31 -0.63
C PRO B 9 -17.46 9.60 0.18
N LYS B 10 -17.10 9.51 1.45
CA LYS B 10 -17.06 10.66 2.33
C LYS B 10 -16.30 10.31 3.60
N ALA B 11 -16.39 11.18 4.62
CA ALA B 11 -15.72 10.95 5.89
C ALA B 11 -16.25 9.69 6.57
N LEU B 12 -15.45 8.65 6.56
CA LEU B 12 -15.83 7.38 7.16
C LEU B 12 -15.32 7.28 8.61
N THR B 13 -14.00 7.26 8.78
CA THR B 13 -13.34 7.16 10.09
C THR B 13 -13.52 5.78 10.74
N ASN B 14 -12.48 5.34 11.45
CA ASN B 14 -12.52 4.04 12.13
C ASN B 14 -12.60 4.27 13.64
N MET A 1 2.65 13.35 9.64
CA MET A 1 2.00 12.28 10.46
C MET A 1 0.96 12.89 11.40
N SER A 2 0.60 14.14 11.18
CA SER A 2 -0.38 14.82 11.99
C SER A 2 -1.68 14.99 11.20
N THR A 3 -2.78 15.23 11.90
CA THR A 3 -4.08 15.40 11.27
C THR A 3 -4.40 14.22 10.35
N ALA A 4 -4.10 13.02 10.84
CA ALA A 4 -4.32 11.79 10.08
C ALA A 4 -5.80 11.57 9.79
N ALA A 5 -6.67 12.05 10.68
CA ALA A 5 -8.11 11.89 10.51
C ALA A 5 -8.59 12.66 9.28
N ASP A 6 -7.95 13.79 9.01
CA ASP A 6 -8.31 14.62 7.87
C ASP A 6 -8.00 13.90 6.57
N LEU A 7 -6.98 13.05 6.62
CA LEU A 7 -6.54 12.29 5.47
C LEU A 7 -7.59 11.28 5.04
N LEU A 8 -8.13 10.54 6.00
CA LEU A 8 -9.14 9.52 5.69
C LEU A 8 -10.54 10.12 5.62
N ARG A 9 -10.77 11.23 6.31
CA ARG A 9 -12.08 11.86 6.30
C ARG A 9 -12.30 12.62 4.99
N GLN A 10 -11.21 12.98 4.33
CA GLN A 10 -11.29 13.70 3.06
C GLN A 10 -10.98 12.77 1.90
N GLY A 11 -10.20 11.73 2.16
CA GLY A 11 -9.89 10.78 1.11
C GLY A 11 -8.53 11.01 0.50
N ALA A 12 -7.50 10.50 1.15
CA ALA A 12 -6.14 10.64 0.65
C ALA A 12 -5.91 9.73 -0.55
N ALA A 13 -5.53 10.34 -1.66
CA ALA A 13 -5.28 9.60 -2.89
C ALA A 13 -4.08 10.18 -3.62
N CYS A 14 -2.96 9.49 -3.56
CA CYS A 14 -1.73 9.96 -4.19
C CYS A 14 -1.22 8.92 -5.20
N SER A 15 -0.07 9.21 -5.80
CA SER A 15 0.51 8.30 -6.78
C SER A 15 1.64 7.48 -6.16
N VAL A 16 1.73 6.22 -6.57
CA VAL A 16 2.76 5.30 -6.06
C VAL A 16 3.34 4.48 -7.21
N LEU A 17 4.22 3.56 -6.89
CA LEU A 17 4.86 2.72 -7.88
C LEU A 17 4.47 1.26 -7.65
N TYR A 18 4.08 0.57 -8.71
CA TYR A 18 3.68 -0.82 -8.60
C TYR A 18 4.88 -1.73 -8.81
N LEU A 19 5.03 -2.74 -7.96
CA LEU A 19 6.14 -3.67 -8.09
C LEU A 19 5.65 -5.06 -8.43
N THR A 20 4.99 -5.71 -7.48
CA THR A 20 4.47 -7.07 -7.69
C THR A 20 3.67 -7.54 -6.49
N SER A 21 2.93 -8.63 -6.65
CA SER A 21 2.12 -9.17 -5.57
C SER A 21 2.65 -10.53 -5.10
N VAL A 22 2.76 -10.71 -3.78
CA VAL A 22 3.25 -11.95 -3.20
C VAL A 22 2.29 -12.45 -2.11
N GLU A 23 1.93 -13.73 -2.16
CA GLU A 23 1.02 -14.29 -1.17
C GLU A 23 1.72 -14.47 0.17
N THR A 24 1.17 -13.86 1.20
CA THR A 24 1.76 -13.91 2.54
C THR A 24 0.78 -14.46 3.56
N GLU A 25 -0.12 -15.33 3.10
CA GLU A 25 -1.14 -15.95 3.94
C GLU A 25 -0.57 -16.58 5.21
N SER A 26 0.57 -17.26 5.09
CA SER A 26 1.20 -17.92 6.21
C SER A 26 2.09 -16.98 7.02
N LEU A 27 2.27 -15.77 6.52
CA LEU A 27 3.12 -14.80 7.18
C LEU A 27 2.36 -13.92 8.15
N THR A 28 3.09 -13.07 8.84
CA THR A 28 2.51 -12.15 9.79
C THR A 28 2.58 -10.72 9.24
N GLY A 29 2.25 -9.74 10.07
CA GLY A 29 2.26 -8.34 9.65
C GLY A 29 3.52 -7.89 8.94
N PRO A 30 4.59 -7.58 9.68
CA PRO A 30 5.86 -7.12 9.09
C PRO A 30 6.50 -8.15 8.16
N GLN A 31 6.42 -9.41 8.56
CA GLN A 31 6.99 -10.51 7.80
C GLN A 31 6.44 -10.54 6.38
N ALA A 32 5.18 -10.14 6.21
CA ALA A 32 4.54 -10.09 4.90
C ALA A 32 5.33 -9.19 3.96
N VAL A 33 5.58 -7.95 4.38
CA VAL A 33 6.31 -6.99 3.57
C VAL A 33 7.73 -7.51 3.31
N ALA A 34 8.26 -8.23 4.28
CA ALA A 34 9.60 -8.80 4.19
C ALA A 34 9.73 -9.77 3.03
N ARG A 35 8.93 -10.82 3.05
CA ARG A 35 8.97 -11.83 2.00
C ARG A 35 8.55 -11.24 0.65
N ALA A 36 7.55 -10.38 0.67
CA ALA A 36 7.07 -9.75 -0.55
C ALA A 36 8.14 -8.90 -1.22
N SER A 37 8.88 -8.13 -0.41
CA SER A 37 9.94 -7.28 -0.95
C SER A 37 11.16 -8.08 -1.35
N SER A 38 11.59 -8.99 -0.48
CA SER A 38 12.77 -9.82 -0.77
C SER A 38 12.58 -10.60 -2.06
N ALA A 39 11.41 -11.19 -2.23
CA ALA A 39 11.11 -11.96 -3.44
C ALA A 39 11.19 -11.07 -4.67
N ALA A 40 10.76 -9.82 -4.53
CA ALA A 40 10.81 -8.87 -5.63
C ALA A 40 12.26 -8.59 -6.05
N LEU A 41 13.18 -8.71 -5.11
CA LEU A 41 14.59 -8.46 -5.37
C LEU A 41 15.34 -9.75 -5.76
N SER A 42 15.14 -10.78 -4.96
CA SER A 42 15.79 -12.07 -5.15
C SER A 42 15.26 -12.83 -6.38
N CYS A 43 13.98 -12.67 -6.67
CA CYS A 43 13.38 -13.37 -7.80
C CYS A 43 13.15 -12.43 -8.97
N SER A 44 12.81 -11.19 -8.66
CA SER A 44 12.54 -10.16 -9.64
C SER A 44 11.51 -10.64 -10.68
N PRO A 45 10.26 -10.90 -10.24
CA PRO A 45 9.20 -11.37 -11.14
C PRO A 45 8.78 -10.28 -12.12
N ARG A 46 8.95 -9.04 -11.70
CA ARG A 46 8.60 -7.89 -12.51
C ARG A 46 9.86 -7.11 -12.87
N PRO A 47 10.15 -6.94 -14.16
CA PRO A 47 11.33 -6.21 -14.62
C PRO A 47 11.26 -4.71 -14.33
N THR A 48 10.28 -4.05 -14.92
CA THR A 48 10.11 -2.62 -14.74
C THR A 48 8.79 -2.29 -14.06
N PRO A 49 8.84 -1.49 -12.98
CA PRO A 49 7.66 -1.07 -12.24
C PRO A 49 6.80 -0.07 -13.03
N ALA A 50 5.71 0.38 -12.44
CA ALA A 50 4.82 1.34 -13.10
C ALA A 50 4.20 2.30 -12.10
N VAL A 51 3.99 3.54 -12.53
CA VAL A 51 3.38 4.55 -11.67
C VAL A 51 1.87 4.39 -11.64
N VAL A 52 1.34 4.12 -10.47
CA VAL A 52 -0.09 3.92 -10.29
C VAL A 52 -0.64 4.84 -9.21
N HIS A 53 -1.95 4.78 -8.98
CA HIS A 53 -2.59 5.61 -7.98
C HIS A 53 -2.92 4.79 -6.73
N PHE A 54 -2.75 5.41 -5.58
CA PHE A 54 -3.00 4.76 -4.30
C PHE A 54 -3.97 5.59 -3.48
N LYS A 55 -5.15 5.03 -3.24
CA LYS A 55 -6.19 5.72 -2.49
C LYS A 55 -6.45 4.99 -1.17
N VAL A 56 -6.61 5.73 -0.09
CA VAL A 56 -6.88 5.12 1.22
C VAL A 56 -8.16 5.65 1.84
N SER A 57 -8.94 4.74 2.40
CA SER A 57 -10.20 5.10 3.05
C SER A 57 -10.38 4.23 4.29
N ALA A 58 -11.31 4.64 5.16
CA ALA A 58 -11.57 3.90 6.39
C ALA A 58 -12.17 2.54 6.10
N GLN A 59 -12.83 2.42 4.95
CA GLN A 59 -13.43 1.16 4.56
C GLN A 59 -12.45 0.27 3.81
N GLY A 60 -11.22 0.73 3.65
CA GLY A 60 -10.22 -0.07 2.97
C GLY A 60 -9.31 0.74 2.05
N ILE A 61 -8.37 0.04 1.43
CA ILE A 61 -7.41 0.66 0.53
C ILE A 61 -7.85 0.43 -0.91
N THR A 62 -7.56 1.37 -1.78
CA THR A 62 -7.96 1.26 -3.16
C THR A 62 -6.76 1.32 -4.12
N LEU A 63 -6.66 0.30 -4.95
CA LEU A 63 -5.62 0.24 -5.96
C LEU A 63 -6.17 0.81 -7.25
N THR A 64 -5.51 1.81 -7.80
CA THR A 64 -5.99 2.43 -9.02
C THR A 64 -4.87 2.64 -10.04
N ASP A 65 -5.14 2.28 -11.28
CA ASP A 65 -4.17 2.47 -12.34
C ASP A 65 -4.64 3.64 -13.20
N ASN A 66 -3.89 4.73 -13.16
CA ASN A 66 -4.23 5.93 -13.90
C ASN A 66 -4.27 5.70 -15.40
N GLN A 67 -3.46 4.77 -15.89
CA GLN A 67 -3.41 4.49 -17.32
C GLN A 67 -4.06 3.14 -17.63
N ARG A 68 -4.36 2.38 -16.57
CA ARG A 68 -4.98 1.06 -16.71
C ARG A 68 -4.12 0.15 -17.57
N LYS A 69 -2.81 0.22 -17.36
CA LYS A 69 -1.85 -0.56 -18.10
C LYS A 69 -1.66 -1.93 -17.47
N LEU A 70 -1.75 -1.98 -16.16
CA LEU A 70 -1.54 -3.22 -15.43
C LEU A 70 -2.85 -3.89 -15.03
N PHE A 71 -3.65 -3.19 -14.24
CA PHE A 71 -4.91 -3.73 -13.76
C PHE A 71 -5.92 -2.62 -13.47
N PHE A 72 -7.19 -2.93 -13.66
CA PHE A 72 -8.26 -1.98 -13.40
C PHE A 72 -8.34 -1.68 -11.90
N ARG A 73 -8.90 -0.52 -11.54
CA ARG A 73 -9.02 -0.11 -10.14
C ARG A 73 -9.74 -1.19 -9.32
N ARG A 74 -9.25 -1.40 -8.10
CA ARG A 74 -9.82 -2.38 -7.20
C ARG A 74 -9.87 -1.86 -5.78
N HIS A 75 -11.05 -1.90 -5.17
CA HIS A 75 -11.22 -1.44 -3.80
C HIS A 75 -11.11 -2.61 -2.84
N TYR A 76 -10.08 -2.59 -2.01
CA TYR A 76 -9.86 -3.66 -1.04
C TYR A 76 -10.50 -3.29 0.29
N PRO A 77 -11.54 -4.04 0.69
CA PRO A 77 -12.25 -3.79 1.95
C PRO A 77 -11.34 -3.95 3.17
N VAL A 78 -11.46 -3.03 4.11
CA VAL A 78 -10.65 -3.04 5.33
C VAL A 78 -10.86 -4.34 6.11
N ASN A 79 -12.00 -4.97 5.91
CA ASN A 79 -12.32 -6.22 6.59
C ASN A 79 -11.41 -7.34 6.08
N SER A 80 -10.90 -7.18 4.88
CA SER A 80 -10.00 -8.15 4.28
C SER A 80 -8.55 -7.75 4.54
N ILE A 81 -8.34 -6.48 4.84
CA ILE A 81 -7.02 -5.96 5.13
C ILE A 81 -6.65 -6.22 6.58
N THR A 82 -5.63 -7.02 6.78
CA THR A 82 -5.19 -7.38 8.12
C THR A 82 -3.99 -6.55 8.57
N PHE A 83 -3.16 -6.12 7.62
CA PHE A 83 -1.97 -5.35 7.96
C PHE A 83 -1.50 -4.51 6.79
N SER A 84 -0.80 -3.42 7.10
CA SER A 84 -0.27 -2.51 6.10
C SER A 84 1.01 -1.89 6.63
N SER A 85 2.08 -1.98 5.86
CA SER A 85 3.36 -1.42 6.27
C SER A 85 4.15 -0.94 5.06
N THR A 86 5.14 -0.09 5.31
CA THR A 86 5.97 0.44 4.24
C THR A 86 7.35 -0.19 4.25
N ASP A 87 7.58 -1.11 5.19
CA ASP A 87 8.84 -1.81 5.28
C ASP A 87 8.88 -2.74 6.47
N PRO A 88 9.45 -3.94 6.29
CA PRO A 88 9.62 -4.90 7.36
C PRO A 88 10.93 -4.65 8.10
N GLN A 89 11.97 -4.35 7.32
CA GLN A 89 13.29 -4.05 7.84
C GLN A 89 13.81 -2.79 7.14
N ASP A 90 12.88 -2.05 6.53
CA ASP A 90 13.20 -0.82 5.80
C ASP A 90 14.01 -1.11 4.54
N ARG A 91 13.36 -1.69 3.55
CA ARG A 91 13.99 -2.00 2.28
C ARG A 91 13.72 -0.89 1.27
N ARG A 92 14.53 -0.85 0.22
CA ARG A 92 14.37 0.16 -0.82
C ARG A 92 14.42 -0.50 -2.19
N TRP A 93 13.70 0.08 -3.14
CA TRP A 93 13.65 -0.42 -4.50
C TRP A 93 14.46 0.47 -5.41
N THR A 94 15.21 -0.13 -6.30
CA THR A 94 16.03 0.62 -7.23
C THR A 94 15.36 0.69 -8.60
N ASN A 95 14.94 1.87 -8.99
CA ASN A 95 14.29 2.06 -10.27
C ASN A 95 15.34 1.98 -11.38
N PRO A 96 14.95 1.57 -12.60
CA PRO A 96 15.88 1.45 -13.73
C PRO A 96 16.55 2.77 -14.09
N ASP A 97 16.04 3.87 -13.52
CA ASP A 97 16.59 5.19 -13.77
C ASP A 97 17.73 5.48 -12.80
N GLY A 98 17.81 4.70 -11.72
CA GLY A 98 18.86 4.88 -10.74
C GLY A 98 18.35 5.33 -9.37
N THR A 99 17.19 5.98 -9.33
CA THR A 99 16.63 6.46 -8.07
C THR A 99 16.06 5.30 -7.24
N THR A 100 16.12 5.46 -5.93
CA THR A 100 15.60 4.45 -5.02
C THR A 100 14.37 4.96 -4.30
N SER A 101 13.48 4.05 -3.94
CA SER A 101 12.25 4.40 -3.24
C SER A 101 11.91 3.35 -2.19
N LYS A 102 11.13 3.72 -1.18
CA LYS A 102 10.74 2.77 -0.14
C LYS A 102 9.71 1.79 -0.72
N ILE A 103 9.68 0.58 -0.18
CA ILE A 103 8.74 -0.43 -0.66
C ILE A 103 7.72 -0.78 0.40
N PHE A 104 6.46 -0.45 0.15
CA PHE A 104 5.41 -0.74 1.10
C PHE A 104 4.56 -1.90 0.62
N GLY A 105 3.90 -2.56 1.55
CA GLY A 105 3.06 -3.69 1.20
C GLY A 105 1.87 -3.79 2.11
N PHE A 106 0.73 -4.17 1.55
CA PHE A 106 -0.48 -4.29 2.34
C PHE A 106 -1.00 -5.72 2.26
N VAL A 107 -1.35 -6.25 3.42
CA VAL A 107 -1.83 -7.61 3.52
C VAL A 107 -3.35 -7.62 3.43
N ALA A 108 -3.87 -8.18 2.35
CA ALA A 108 -5.31 -8.24 2.15
C ALA A 108 -5.76 -9.64 1.76
N LYS A 109 -6.85 -10.06 2.37
CA LYS A 109 -7.42 -11.38 2.11
C LYS A 109 -8.10 -11.40 0.74
N LYS A 110 -8.09 -12.56 0.11
CA LYS A 110 -8.70 -12.71 -1.21
C LYS A 110 -10.16 -13.14 -1.07
N PRO A 111 -11.03 -12.70 -1.99
CA PRO A 111 -12.44 -13.08 -1.98
C PRO A 111 -12.62 -14.57 -2.20
N GLY A 112 -13.29 -15.23 -1.28
CA GLY A 112 -13.52 -16.65 -1.39
C GLY A 112 -12.66 -17.43 -0.40
N SER A 113 -11.49 -16.90 -0.12
CA SER A 113 -10.58 -17.51 0.82
C SER A 113 -10.15 -16.51 1.88
N PRO A 114 -11.01 -16.25 2.88
CA PRO A 114 -10.73 -15.30 3.94
C PRO A 114 -9.66 -15.77 4.92
N TRP A 115 -9.34 -17.05 4.87
CA TRP A 115 -8.31 -17.59 5.75
C TRP A 115 -6.93 -17.27 5.22
N GLU A 116 -6.84 -17.02 3.91
CA GLU A 116 -5.58 -16.69 3.28
C GLU A 116 -5.53 -15.20 2.96
N ASN A 117 -4.34 -14.70 2.65
CA ASN A 117 -4.15 -13.29 2.34
C ASN A 117 -2.95 -13.11 1.42
N VAL A 118 -2.95 -12.00 0.69
CA VAL A 118 -1.87 -11.71 -0.24
C VAL A 118 -1.33 -10.30 0.02
N CYS A 119 -0.01 -10.16 -0.05
CA CYS A 119 0.63 -8.88 0.16
C CYS A 119 1.05 -8.28 -1.17
N HIS A 120 0.36 -7.26 -1.60
CA HIS A 120 0.71 -6.60 -2.85
C HIS A 120 1.79 -5.57 -2.57
N LEU A 121 2.95 -5.79 -3.15
CA LEU A 121 4.11 -4.93 -2.94
C LEU A 121 4.10 -3.74 -3.89
N PHE A 122 4.26 -2.55 -3.32
CA PHE A 122 4.27 -1.33 -4.10
C PHE A 122 5.36 -0.39 -3.58
N ALA A 123 6.05 0.27 -4.49
CA ALA A 123 7.08 1.22 -4.11
C ALA A 123 6.45 2.62 -3.99
N GLU A 124 7.11 3.51 -3.28
CA GLU A 124 6.58 4.85 -3.11
C GLU A 124 7.09 5.81 -4.18
N LEU A 125 6.28 6.80 -4.48
CA LEU A 125 6.64 7.82 -5.45
C LEU A 125 7.01 9.09 -4.70
N ASP A 126 6.75 10.24 -5.29
CA ASP A 126 7.04 11.50 -4.64
C ASP A 126 5.81 12.41 -4.68
N PRO A 127 4.78 12.08 -3.89
CA PRO A 127 3.55 12.85 -3.83
C PRO A 127 3.53 13.81 -2.65
N ASP A 128 2.33 14.09 -2.13
CA ASP A 128 2.18 15.00 -1.00
C ASP A 128 2.36 14.21 0.29
N GLN A 129 1.98 12.94 0.24
CA GLN A 129 2.09 12.07 1.39
C GLN A 129 2.96 10.85 1.05
N PRO A 130 4.19 10.83 1.58
CA PRO A 130 5.13 9.73 1.33
C PRO A 130 4.65 8.43 1.97
N ALA A 131 5.18 7.30 1.49
CA ALA A 131 4.79 5.99 2.00
C ALA A 131 5.08 5.87 3.49
N GLY A 132 6.19 6.45 3.93
CA GLY A 132 6.54 6.41 5.34
C GLY A 132 5.50 7.09 6.20
N ALA A 133 4.91 8.15 5.67
CA ALA A 133 3.89 8.89 6.38
C ALA A 133 2.58 8.12 6.36
N ILE A 134 2.27 7.53 5.20
CA ILE A 134 1.04 6.76 5.03
C ILE A 134 0.96 5.63 6.05
N VAL A 135 1.99 4.78 6.10
CA VAL A 135 2.01 3.66 7.02
C VAL A 135 1.94 4.14 8.47
N THR A 136 2.51 5.31 8.73
CA THR A 136 2.51 5.86 10.08
C THR A 136 1.09 5.98 10.64
N PHE A 137 0.12 6.33 9.80
CA PHE A 137 -1.25 6.47 10.28
C PHE A 137 -2.15 5.31 9.82
N ILE A 138 -1.94 4.82 8.59
CA ILE A 138 -2.78 3.75 8.03
C ILE A 138 -2.86 2.54 8.96
N THR A 139 -1.77 2.24 9.66
CA THR A 139 -1.73 1.12 10.57
C THR A 139 -2.66 1.34 11.77
N LYS A 140 -2.58 2.52 12.35
CA LYS A 140 -3.39 2.86 13.51
C LYS A 140 -4.83 3.16 13.11
N VAL A 141 -5.01 3.66 11.90
CA VAL A 141 -6.34 4.04 11.41
C VAL A 141 -7.16 2.85 10.88
N LEU A 142 -6.63 2.16 9.89
CA LEU A 142 -7.35 1.04 9.28
C LEU A 142 -7.28 -0.23 10.11
N LEU A 143 -6.10 -0.56 10.59
CA LEU A 143 -5.90 -1.78 11.36
C LEU A 143 -6.29 -1.58 12.82
N GLY A 144 -6.40 -0.33 13.23
CA GLY A 144 -6.76 -0.03 14.61
C GLY A 144 -5.68 -0.46 15.58
N GLN A 145 -4.44 -0.08 15.30
CA GLN A 145 -3.31 -0.43 16.14
C GLN A 145 -3.16 0.59 17.27
N ARG A 146 -3.81 1.73 17.12
CA ARG A 146 -3.76 2.78 18.11
C ARG A 146 -4.60 2.44 19.33
N LYS A 147 -4.25 3.02 20.47
CA LYS A 147 -4.97 2.79 21.72
C LYS A 147 -6.42 3.25 21.61
N GLU B 1 2.77 14.73 -8.81
CA GLU B 1 2.26 13.58 -8.02
C GLU B 1 1.67 14.05 -6.70
N ASP B 2 1.78 15.35 -6.43
CA ASP B 2 1.27 15.92 -5.19
C ASP B 2 -0.24 16.08 -5.23
N HIS B 3 -0.95 15.23 -4.50
CA HIS B 3 -2.40 15.27 -4.45
C HIS B 3 -2.88 15.43 -3.01
N LYS B 4 -3.98 16.12 -2.82
CA LYS B 4 -4.55 16.33 -1.50
C LYS B 4 -5.82 15.50 -1.30
N PRO B 5 -6.14 15.15 -0.04
CA PRO B 5 -7.34 14.37 0.28
C PRO B 5 -8.61 15.02 -0.23
N GLY B 6 -9.24 14.38 -1.21
CA GLY B 6 -10.46 14.89 -1.80
C GLY B 6 -11.14 13.86 -2.67
N THR B 7 -11.43 12.72 -2.07
CA THR B 7 -12.07 11.62 -2.78
C THR B 7 -12.72 10.68 -1.75
N PHE B 8 -13.35 9.61 -2.21
CA PHE B 8 -13.99 8.64 -1.32
C PHE B 8 -15.27 9.25 -0.70
N PRO B 9 -15.99 8.49 0.18
CA PRO B 9 -17.23 8.97 0.83
C PRO B 9 -17.07 10.24 1.70
N LYS B 10 -17.79 10.27 2.81
CA LYS B 10 -17.78 11.41 3.72
C LYS B 10 -16.59 11.36 4.69
N ALA B 11 -16.67 12.20 5.72
CA ALA B 11 -15.63 12.28 6.74
C ALA B 11 -15.69 11.08 7.67
N LEU B 12 -14.75 10.18 7.50
CA LEU B 12 -14.67 8.97 8.32
C LEU B 12 -13.60 9.12 9.39
N THR B 13 -13.58 8.21 10.35
CA THR B 13 -12.60 8.25 11.42
C THR B 13 -12.36 6.85 12.00
N ASN B 14 -11.21 6.63 12.61
CA ASN B 14 -10.89 5.34 13.20
C ASN B 14 -11.66 5.16 14.50
N MET A 1 -0.95 10.74 13.82
CA MET A 1 -1.50 10.27 15.11
C MET A 1 -3.01 10.06 14.99
N SER A 2 -3.72 10.22 16.10
CA SER A 2 -5.17 10.03 16.13
C SER A 2 -5.92 11.00 15.21
N THR A 3 -5.31 12.15 14.92
CA THR A 3 -5.93 13.14 14.06
C THR A 3 -5.66 12.88 12.58
N ALA A 4 -5.15 11.69 12.27
CA ALA A 4 -4.84 11.32 10.89
C ALA A 4 -6.09 11.16 10.04
N ALA A 5 -7.24 11.23 10.70
CA ALA A 5 -8.53 11.11 10.03
C ALA A 5 -8.64 12.07 8.85
N ASP A 6 -7.94 13.18 8.94
CA ASP A 6 -7.95 14.19 7.89
C ASP A 6 -7.51 13.60 6.54
N LEU A 7 -6.42 12.84 6.56
CA LEU A 7 -5.87 12.23 5.35
C LEU A 7 -6.85 11.29 4.65
N LEU A 8 -7.65 10.58 5.44
CA LEU A 8 -8.62 9.64 4.91
C LEU A 8 -9.94 10.34 4.58
N ARG A 9 -10.31 11.31 5.41
CA ARG A 9 -11.54 12.04 5.21
C ARG A 9 -11.45 12.92 3.97
N GLN A 10 -10.23 13.33 3.63
CA GLN A 10 -10.01 14.15 2.45
C GLN A 10 -9.89 13.27 1.22
N GLY A 11 -9.41 12.05 1.45
CA GLY A 11 -9.24 11.10 0.38
C GLY A 11 -8.05 11.44 -0.48
N ALA A 12 -6.86 11.30 0.09
CA ALA A 12 -5.63 11.59 -0.61
C ALA A 12 -5.41 10.57 -1.73
N ALA A 13 -5.90 10.89 -2.91
CA ALA A 13 -5.75 10.04 -4.07
C ALA A 13 -4.42 10.35 -4.75
N CYS A 14 -3.34 9.86 -4.16
CA CYS A 14 -2.01 10.13 -4.67
C CYS A 14 -1.49 8.97 -5.51
N SER A 15 -0.67 9.31 -6.49
CA SER A 15 -0.08 8.32 -7.37
C SER A 15 1.12 7.66 -6.69
N VAL A 16 1.31 6.38 -6.96
CA VAL A 16 2.41 5.64 -6.37
C VAL A 16 2.90 4.57 -7.37
N LEU A 17 4.14 4.12 -7.19
CA LEU A 17 4.71 3.12 -8.08
C LEU A 17 4.30 1.71 -7.65
N TYR A 18 3.71 0.96 -8.57
CA TYR A 18 3.28 -0.40 -8.30
C TYR A 18 4.43 -1.36 -8.56
N LEU A 19 4.42 -2.49 -7.88
CA LEU A 19 5.47 -3.48 -8.07
C LEU A 19 4.88 -4.85 -8.39
N THR A 20 4.29 -5.51 -7.39
CA THR A 20 3.70 -6.83 -7.59
C THR A 20 3.07 -7.39 -6.32
N SER A 21 2.09 -8.25 -6.49
CA SER A 21 1.42 -8.89 -5.38
C SER A 21 2.09 -10.22 -5.04
N VAL A 22 2.28 -10.49 -3.75
CA VAL A 22 2.90 -11.74 -3.32
C VAL A 22 2.13 -12.32 -2.13
N GLU A 23 1.83 -13.60 -2.17
CA GLU A 23 1.10 -14.24 -1.09
C GLU A 23 2.01 -14.37 0.13
N THR A 24 1.40 -14.28 1.30
CA THR A 24 2.16 -14.38 2.55
C THR A 24 1.58 -15.46 3.45
N GLU A 25 0.26 -15.68 3.31
CA GLU A 25 -0.49 -16.70 4.04
C GLU A 25 -0.18 -16.80 5.55
N SER A 26 0.90 -17.52 5.87
CA SER A 26 1.28 -17.76 7.26
C SER A 26 2.19 -16.67 7.81
N LEU A 27 2.64 -15.77 6.96
CA LEU A 27 3.54 -14.71 7.37
C LEU A 27 2.85 -13.71 8.32
N THR A 28 3.68 -12.95 9.02
CA THR A 28 3.20 -11.94 9.94
C THR A 28 3.19 -10.58 9.24
N GLY A 29 3.00 -9.51 10.00
CA GLY A 29 2.95 -8.18 9.41
C GLY A 29 4.18 -7.82 8.60
N PRO A 30 5.32 -7.58 9.26
CA PRO A 30 6.57 -7.22 8.57
C PRO A 30 7.06 -8.34 7.66
N GLN A 31 6.92 -9.57 8.13
CA GLN A 31 7.34 -10.74 7.37
C GLN A 31 6.63 -10.79 6.03
N ALA A 32 5.36 -10.38 6.01
CA ALA A 32 4.58 -10.33 4.79
C ALA A 32 5.32 -9.46 3.76
N VAL A 33 5.75 -8.30 4.21
CA VAL A 33 6.47 -7.37 3.36
C VAL A 33 7.80 -7.99 2.94
N ALA A 34 8.37 -8.84 3.80
CA ALA A 34 9.64 -9.50 3.53
C ALA A 34 9.55 -10.41 2.32
N ARG A 35 8.68 -11.41 2.39
CA ARG A 35 8.52 -12.35 1.27
C ARG A 35 8.06 -11.60 0.03
N ALA A 36 7.21 -10.61 0.22
CA ALA A 36 6.70 -9.80 -0.88
C ALA A 36 7.84 -9.03 -1.55
N SER A 37 8.70 -8.41 -0.73
CA SER A 37 9.83 -7.64 -1.23
C SER A 37 10.88 -8.57 -1.85
N SER A 38 11.20 -9.64 -1.13
CA SER A 38 12.18 -10.61 -1.60
C SER A 38 11.77 -11.16 -2.96
N ALA A 39 10.49 -11.47 -3.12
CA ALA A 39 9.97 -12.00 -4.37
C ALA A 39 10.07 -10.95 -5.48
N ALA A 40 10.02 -9.68 -5.11
CA ALA A 40 10.11 -8.61 -6.09
C ALA A 40 11.55 -8.40 -6.55
N LEU A 41 12.50 -8.74 -5.69
CA LEU A 41 13.91 -8.59 -6.02
C LEU A 41 14.47 -9.88 -6.63
N SER A 42 14.20 -10.99 -5.96
CA SER A 42 14.67 -12.30 -6.38
C SER A 42 13.92 -12.83 -7.60
N CYS A 43 12.61 -12.62 -7.64
CA CYS A 43 11.81 -13.13 -8.75
C CYS A 43 11.51 -12.02 -9.76
N SER A 44 10.78 -11.02 -9.30
CA SER A 44 10.38 -9.90 -10.14
C SER A 44 9.51 -10.37 -11.32
N PRO A 45 8.27 -10.78 -11.03
CA PRO A 45 7.35 -11.25 -12.07
C PRO A 45 6.96 -10.13 -13.03
N ARG A 46 6.90 -8.92 -12.50
CA ARG A 46 6.55 -7.76 -13.30
C ARG A 46 7.83 -7.16 -13.88
N PRO A 47 7.89 -6.99 -15.20
CA PRO A 47 9.06 -6.45 -15.90
C PRO A 47 9.48 -5.07 -15.40
N THR A 48 8.68 -4.07 -15.73
CA THR A 48 8.96 -2.71 -15.32
C THR A 48 7.80 -2.13 -14.49
N PRO A 49 8.13 -1.43 -13.40
CA PRO A 49 7.14 -0.82 -12.52
C PRO A 49 6.37 0.31 -13.20
N ALA A 50 5.26 0.71 -12.61
CA ALA A 50 4.45 1.80 -13.18
C ALA A 50 3.77 2.61 -12.08
N VAL A 51 3.58 3.89 -12.36
CA VAL A 51 2.94 4.78 -11.39
C VAL A 51 1.41 4.74 -11.57
N VAL A 52 0.74 4.20 -10.57
CA VAL A 52 -0.71 4.09 -10.59
C VAL A 52 -1.32 4.99 -9.52
N HIS A 53 -2.64 5.13 -9.53
CA HIS A 53 -3.32 5.96 -8.55
C HIS A 53 -3.73 5.12 -7.34
N PHE A 54 -3.41 5.64 -6.18
CA PHE A 54 -3.73 4.96 -4.93
C PHE A 54 -4.59 5.86 -4.06
N LYS A 55 -5.60 5.29 -3.43
CA LYS A 55 -6.50 6.05 -2.58
C LYS A 55 -6.47 5.52 -1.15
N VAL A 56 -6.00 6.34 -0.23
CA VAL A 56 -5.95 5.98 1.18
C VAL A 56 -7.32 6.14 1.81
N SER A 57 -7.83 5.07 2.38
CA SER A 57 -9.13 5.09 3.02
C SER A 57 -9.13 4.25 4.28
N ALA A 58 -9.83 4.71 5.30
CA ALA A 58 -9.92 4.00 6.56
C ALA A 58 -10.84 2.79 6.42
N GLN A 59 -11.54 2.72 5.29
CA GLN A 59 -12.44 1.62 5.01
C GLN A 59 -11.80 0.66 4.02
N GLY A 60 -10.50 0.82 3.83
CA GLY A 60 -9.79 -0.03 2.91
C GLY A 60 -8.87 0.75 2.01
N ILE A 61 -8.00 0.04 1.32
CA ILE A 61 -7.06 0.67 0.42
C ILE A 61 -7.60 0.56 -0.99
N THR A 62 -7.46 1.61 -1.76
CA THR A 62 -7.99 1.59 -3.11
C THR A 62 -6.90 1.71 -4.17
N LEU A 63 -7.13 1.05 -5.30
CA LEU A 63 -6.21 1.06 -6.42
C LEU A 63 -6.97 1.59 -7.64
N THR A 64 -6.30 2.36 -8.48
CA THR A 64 -6.95 2.90 -9.67
C THR A 64 -5.95 3.14 -10.81
N ASP A 65 -6.00 2.31 -11.84
CA ASP A 65 -5.14 2.46 -12.99
C ASP A 65 -5.81 3.43 -13.95
N ASN A 66 -5.56 4.71 -13.75
CA ASN A 66 -6.16 5.77 -14.57
C ASN A 66 -5.82 5.62 -16.04
N GLN A 67 -4.63 5.14 -16.33
CA GLN A 67 -4.20 4.97 -17.71
C GLN A 67 -4.67 3.63 -18.26
N ARG A 68 -4.94 2.69 -17.36
CA ARG A 68 -5.39 1.35 -17.74
C ARG A 68 -4.37 0.71 -18.67
N LYS A 69 -3.10 0.84 -18.30
CA LYS A 69 -2.03 0.29 -19.11
C LYS A 69 -1.67 -1.13 -18.68
N LEU A 70 -1.93 -1.44 -17.42
CA LEU A 70 -1.59 -2.77 -16.91
C LEU A 70 -2.81 -3.68 -16.87
N PHE A 71 -3.79 -3.29 -16.05
CA PHE A 71 -5.03 -4.06 -15.82
C PHE A 71 -5.52 -3.77 -14.41
N PHE A 72 -4.75 -2.95 -13.71
CA PHE A 72 -5.01 -2.63 -12.32
C PHE A 72 -6.35 -1.96 -12.09
N ARG A 73 -6.97 -2.37 -10.99
CA ARG A 73 -8.26 -1.85 -10.56
C ARG A 73 -8.31 -1.87 -9.03
N ARG A 74 -9.43 -1.37 -8.48
CA ARG A 74 -9.72 -1.33 -7.04
C ARG A 74 -8.89 -2.34 -6.23
N HIS A 75 -8.44 -1.90 -5.08
CA HIS A 75 -7.55 -2.70 -4.27
C HIS A 75 -8.30 -3.62 -3.31
N TYR A 76 -8.19 -3.33 -2.02
CA TYR A 76 -8.81 -4.16 -1.00
C TYR A 76 -9.36 -3.35 0.17
N PRO A 77 -10.62 -3.56 0.52
CA PRO A 77 -11.25 -2.90 1.67
C PRO A 77 -10.63 -3.38 2.98
N VAL A 78 -10.89 -2.69 4.09
CA VAL A 78 -10.32 -3.07 5.38
C VAL A 78 -10.81 -4.45 5.85
N ASN A 79 -11.87 -4.93 5.21
CA ASN A 79 -12.40 -6.25 5.55
C ASN A 79 -11.42 -7.33 5.11
N SER A 80 -10.55 -6.96 4.20
CA SER A 80 -9.53 -7.88 3.70
C SER A 80 -8.17 -7.52 4.29
N ILE A 81 -7.93 -6.23 4.50
CA ILE A 81 -6.66 -5.77 5.05
C ILE A 81 -6.50 -6.25 6.49
N THR A 82 -5.43 -6.98 6.74
CA THR A 82 -5.15 -7.50 8.06
C THR A 82 -4.00 -6.73 8.72
N PHE A 83 -3.14 -6.15 7.90
CA PHE A 83 -1.98 -5.42 8.41
C PHE A 83 -1.44 -4.47 7.34
N SER A 84 -0.76 -3.43 7.77
CA SER A 84 -0.17 -2.46 6.86
C SER A 84 1.23 -2.09 7.34
N SER A 85 2.23 -2.37 6.52
CA SER A 85 3.62 -2.07 6.86
C SER A 85 4.33 -1.40 5.67
N THR A 86 5.57 -0.98 5.87
CA THR A 86 6.29 -0.33 4.80
C THR A 86 7.71 -0.90 4.62
N ASP A 87 8.03 -1.98 5.35
CA ASP A 87 9.33 -2.61 5.23
C ASP A 87 9.46 -3.79 6.17
N PRO A 88 10.01 -4.91 5.68
CA PRO A 88 10.25 -6.08 6.52
C PRO A 88 11.50 -5.88 7.38
N GLN A 89 12.55 -5.47 6.70
CA GLN A 89 13.84 -5.22 7.30
C GLN A 89 14.41 -3.93 6.73
N ASP A 90 13.51 -3.02 6.36
CA ASP A 90 13.90 -1.73 5.77
C ASP A 90 14.55 -1.96 4.40
N ARG A 91 13.75 -2.49 3.49
CA ARG A 91 14.22 -2.77 2.12
C ARG A 91 13.90 -1.60 1.20
N ARG A 92 14.78 -1.34 0.24
CA ARG A 92 14.57 -0.26 -0.70
C ARG A 92 14.60 -0.79 -2.13
N TRP A 93 13.77 -0.21 -2.97
CA TRP A 93 13.66 -0.62 -4.37
C TRP A 93 14.47 0.31 -5.26
N THR A 94 15.17 -0.28 -6.21
CA THR A 94 15.96 0.49 -7.15
C THR A 94 15.24 0.59 -8.49
N ASN A 95 14.89 1.80 -8.87
CA ASN A 95 14.20 2.04 -10.12
C ASN A 95 15.21 2.13 -11.27
N PRO A 96 14.77 1.87 -12.51
CA PRO A 96 15.62 1.92 -13.69
C PRO A 96 16.29 3.28 -13.87
N ASP A 97 15.70 4.29 -13.23
CA ASP A 97 16.21 5.65 -13.29
C ASP A 97 17.48 5.79 -12.46
N GLY A 98 17.66 4.87 -11.51
CA GLY A 98 18.82 4.91 -10.65
C GLY A 98 18.47 5.34 -9.25
N THR A 99 17.28 5.91 -9.11
CA THR A 99 16.78 6.35 -7.82
C THR A 99 16.27 5.17 -7.00
N THR A 100 16.31 5.32 -5.68
CA THR A 100 15.86 4.29 -4.77
C THR A 100 14.82 4.82 -3.81
N SER A 101 13.81 4.02 -3.54
CA SER A 101 12.76 4.41 -2.61
C SER A 101 12.38 3.23 -1.73
N LYS A 102 11.61 3.48 -0.68
CA LYS A 102 11.20 2.42 0.24
C LYS A 102 10.15 1.53 -0.39
N ILE A 103 10.16 0.26 0.01
CA ILE A 103 9.17 -0.69 -0.50
C ILE A 103 8.19 -1.01 0.60
N PHE A 104 6.97 -0.60 0.43
CA PHE A 104 5.95 -0.83 1.42
C PHE A 104 4.96 -1.88 0.92
N GLY A 105 4.38 -2.61 1.86
CA GLY A 105 3.44 -3.64 1.50
C GLY A 105 2.35 -3.79 2.54
N PHE A 106 1.14 -3.92 2.08
CA PHE A 106 0.02 -4.08 2.98
C PHE A 106 -0.47 -5.50 2.89
N VAL A 107 -0.96 -6.01 3.99
CA VAL A 107 -1.42 -7.37 4.06
C VAL A 107 -2.94 -7.44 3.93
N ALA A 108 -3.42 -8.16 2.94
CA ALA A 108 -4.85 -8.30 2.69
C ALA A 108 -5.21 -9.75 2.39
N LYS A 109 -6.33 -10.19 2.93
CA LYS A 109 -6.81 -11.56 2.74
C LYS A 109 -7.03 -11.87 1.27
N LYS A 110 -6.83 -13.12 0.91
CA LYS A 110 -6.99 -13.57 -0.46
C LYS A 110 -8.24 -14.44 -0.61
N PRO A 111 -8.82 -14.47 -1.82
CA PRO A 111 -10.02 -15.28 -2.09
C PRO A 111 -9.75 -16.75 -1.81
N GLY A 112 -10.66 -17.38 -1.08
CA GLY A 112 -10.51 -18.76 -0.73
C GLY A 112 -9.94 -18.93 0.66
N SER A 113 -9.21 -17.92 1.10
CA SER A 113 -8.60 -17.92 2.42
C SER A 113 -8.85 -16.59 3.14
N PRO A 114 -10.08 -16.37 3.63
CA PRO A 114 -10.43 -15.13 4.35
C PRO A 114 -9.87 -15.09 5.77
N TRP A 115 -9.07 -16.09 6.09
CA TRP A 115 -8.44 -16.17 7.41
C TRP A 115 -6.93 -16.00 7.26
N GLU A 116 -6.46 -16.12 6.02
CA GLU A 116 -5.05 -15.97 5.71
C GLU A 116 -4.79 -14.57 5.18
N ASN A 117 -3.70 -14.37 4.45
CA ASN A 117 -3.39 -13.05 3.93
C ASN A 117 -2.41 -13.08 2.75
N VAL A 118 -2.37 -11.96 2.04
CA VAL A 118 -1.49 -11.75 0.88
C VAL A 118 -0.94 -10.33 0.94
N CYS A 119 0.29 -10.12 0.49
CA CYS A 119 0.89 -8.80 0.54
C CYS A 119 1.16 -8.23 -0.85
N HIS A 120 0.51 -7.13 -1.17
CA HIS A 120 0.74 -6.49 -2.45
C HIS A 120 1.83 -5.44 -2.25
N LEU A 121 2.96 -5.67 -2.91
CA LEU A 121 4.12 -4.80 -2.78
C LEU A 121 4.01 -3.57 -3.67
N PHE A 122 4.27 -2.43 -3.08
CA PHE A 122 4.23 -1.16 -3.79
C PHE A 122 5.48 -0.36 -3.45
N ALA A 123 6.08 0.26 -4.44
CA ALA A 123 7.28 1.05 -4.23
C ALA A 123 6.92 2.51 -4.00
N GLU A 124 7.62 3.13 -3.05
CA GLU A 124 7.41 4.51 -2.71
C GLU A 124 7.76 5.42 -3.89
N LEU A 125 6.94 6.45 -4.09
CA LEU A 125 7.16 7.40 -5.16
C LEU A 125 7.92 8.62 -4.62
N ASP A 126 7.67 9.78 -5.20
CA ASP A 126 8.32 10.99 -4.73
C ASP A 126 7.25 11.97 -4.24
N PRO A 127 6.79 11.77 -3.00
CA PRO A 127 5.76 12.59 -2.38
C PRO A 127 6.31 13.59 -1.38
N ASP A 128 5.43 14.11 -0.55
CA ASP A 128 5.81 15.05 0.49
C ASP A 128 5.84 14.30 1.80
N GLN A 129 5.03 13.27 1.86
CA GLN A 129 4.93 12.40 3.01
C GLN A 129 5.49 11.03 2.65
N PRO A 130 6.63 10.65 3.25
CA PRO A 130 7.28 9.35 2.98
C PRO A 130 6.34 8.17 3.21
N ALA A 131 6.60 7.07 2.51
CA ALA A 131 5.79 5.86 2.62
C ALA A 131 5.66 5.40 4.06
N GLY A 132 6.75 5.56 4.82
CA GLY A 132 6.75 5.18 6.22
C GLY A 132 5.75 5.98 7.02
N ALA A 133 5.59 7.25 6.66
CA ALA A 133 4.66 8.13 7.34
C ALA A 133 3.23 7.81 6.91
N ILE A 134 3.06 7.56 5.62
CA ILE A 134 1.75 7.25 5.05
C ILE A 134 1.17 5.99 5.70
N VAL A 135 1.96 4.93 5.72
CA VAL A 135 1.50 3.67 6.28
C VAL A 135 1.29 3.76 7.79
N THR A 136 2.07 4.61 8.46
CA THR A 136 1.96 4.78 9.90
C THR A 136 0.55 5.14 10.33
N PHE A 137 -0.04 6.17 9.71
CA PHE A 137 -1.39 6.56 10.09
C PHE A 137 -2.41 5.55 9.58
N ILE A 138 -2.11 4.94 8.44
CA ILE A 138 -2.99 3.96 7.83
C ILE A 138 -3.22 2.78 8.79
N THR A 139 -2.16 2.30 9.41
CA THR A 139 -2.27 1.17 10.34
C THR A 139 -3.19 1.51 11.51
N LYS A 140 -3.13 2.74 11.99
CA LYS A 140 -3.93 3.16 13.12
C LYS A 140 -5.39 3.38 12.77
N VAL A 141 -5.66 3.87 11.56
CA VAL A 141 -7.04 4.13 11.16
C VAL A 141 -7.70 2.93 10.47
N LEU A 142 -6.96 2.24 9.62
CA LEU A 142 -7.49 1.09 8.90
C LEU A 142 -7.65 -0.11 9.81
N LEU A 143 -6.57 -0.48 10.49
CA LEU A 143 -6.59 -1.62 11.39
C LEU A 143 -7.27 -1.26 12.71
N GLY A 144 -7.30 0.03 13.00
CA GLY A 144 -7.89 0.49 14.24
C GLY A 144 -6.93 0.34 15.39
N GLN A 145 -5.64 0.51 15.10
CA GLN A 145 -4.59 0.40 16.08
C GLN A 145 -4.69 1.52 17.11
N ARG A 146 -5.24 2.64 16.68
CA ARG A 146 -5.38 3.80 17.56
C ARG A 146 -6.58 3.64 18.49
N LYS A 147 -6.42 4.14 19.69
CA LYS A 147 -7.48 4.07 20.69
C LYS A 147 -8.10 5.45 20.88
N GLU B 1 3.43 14.79 -4.86
CA GLU B 1 2.96 13.51 -5.46
C GLU B 1 1.52 13.64 -5.94
N ASP B 2 0.74 14.46 -5.25
CA ASP B 2 -0.66 14.69 -5.58
C ASP B 2 -1.15 15.97 -4.92
N HIS B 3 -1.08 15.98 -3.59
CA HIS B 3 -1.49 17.13 -2.78
C HIS B 3 -2.93 17.54 -3.06
N LYS B 4 -3.80 16.59 -3.39
CA LYS B 4 -5.18 16.91 -3.67
C LYS B 4 -6.16 16.02 -2.88
N PRO B 5 -7.09 16.65 -2.14
CA PRO B 5 -8.12 15.95 -1.37
C PRO B 5 -9.25 15.46 -2.28
N GLY B 6 -8.96 14.41 -3.03
CA GLY B 6 -9.96 13.83 -3.92
C GLY B 6 -10.95 13.01 -3.12
N THR B 7 -11.79 13.72 -2.39
CA THR B 7 -12.81 13.13 -1.52
C THR B 7 -13.60 12.03 -2.21
N PHE B 8 -13.22 10.80 -1.90
CA PHE B 8 -13.84 9.61 -2.47
C PHE B 8 -14.33 8.66 -1.35
N PRO B 9 -13.49 8.34 -0.34
CA PRO B 9 -13.88 7.45 0.75
C PRO B 9 -14.73 8.14 1.82
N LYS B 10 -15.12 9.39 1.54
CA LYS B 10 -15.93 10.20 2.45
C LYS B 10 -15.11 10.63 3.66
N ALA B 11 -15.77 11.34 4.58
CA ALA B 11 -15.09 11.82 5.79
C ALA B 11 -14.97 10.69 6.80
N LEU B 12 -13.92 9.91 6.68
CA LEU B 12 -13.67 8.80 7.57
C LEU B 12 -12.87 9.23 8.79
N THR B 13 -13.27 8.72 9.95
CA THR B 13 -12.59 9.04 11.18
C THR B 13 -12.10 7.77 11.88
N ASN B 14 -10.86 7.38 11.57
CA ASN B 14 -10.24 6.18 12.13
C ASN B 14 -11.07 4.94 11.83
N MET A 1 4.07 11.38 9.37
CA MET A 1 2.91 11.55 10.28
C MET A 1 2.25 12.90 10.06
N SER A 2 2.64 13.60 8.99
CA SER A 2 2.07 14.91 8.71
C SER A 2 0.74 14.79 7.98
N THR A 3 -0.20 15.67 8.36
CA THR A 3 -1.55 15.71 7.78
C THR A 3 -2.17 14.32 7.70
N ALA A 4 -2.09 13.59 8.81
CA ALA A 4 -2.63 12.24 8.87
C ALA A 4 -4.14 12.25 8.94
N ALA A 5 -4.69 13.15 9.75
CA ALA A 5 -6.13 13.25 9.90
C ALA A 5 -6.77 13.59 8.56
N ASP A 6 -6.02 14.28 7.72
CA ASP A 6 -6.48 14.70 6.41
C ASP A 6 -6.97 13.55 5.53
N LEU A 7 -6.22 12.45 5.43
CA LEU A 7 -6.64 11.35 4.56
C LEU A 7 -7.75 10.51 5.20
N LEU A 8 -7.83 10.46 6.52
CA LEU A 8 -8.89 9.69 7.14
C LEU A 8 -10.22 10.46 7.13
N ARG A 9 -10.13 11.77 7.32
CA ARG A 9 -11.30 12.63 7.32
C ARG A 9 -11.73 13.03 5.91
N GLN A 10 -10.77 13.23 5.02
CA GLN A 10 -11.08 13.64 3.66
C GLN A 10 -10.78 12.55 2.65
N GLY A 11 -9.58 12.01 2.73
CA GLY A 11 -9.17 10.97 1.80
C GLY A 11 -8.22 11.53 0.77
N ALA A 12 -7.38 10.69 0.18
CA ALA A 12 -6.44 11.16 -0.82
C ALA A 12 -6.32 10.18 -1.96
N ALA A 13 -6.65 10.63 -3.16
CA ALA A 13 -6.57 9.82 -4.36
C ALA A 13 -5.43 10.34 -5.23
N CYS A 14 -4.26 9.78 -5.05
CA CYS A 14 -3.09 10.22 -5.79
C CYS A 14 -2.47 9.05 -6.54
N SER A 15 -1.16 9.09 -6.73
CA SER A 15 -0.48 8.04 -7.46
C SER A 15 0.73 7.50 -6.67
N VAL A 16 1.07 6.24 -6.92
CA VAL A 16 2.19 5.60 -6.27
C VAL A 16 2.83 4.59 -7.24
N LEU A 17 4.06 4.20 -6.97
CA LEU A 17 4.74 3.23 -7.83
C LEU A 17 4.40 1.82 -7.38
N TYR A 18 4.19 0.92 -8.32
CA TYR A 18 3.87 -0.47 -7.98
C TYR A 18 5.05 -1.36 -8.29
N LEU A 19 5.20 -2.43 -7.53
CA LEU A 19 6.29 -3.36 -7.74
C LEU A 19 5.74 -4.74 -8.11
N THR A 20 4.94 -5.32 -7.22
CA THR A 20 4.35 -6.65 -7.45
C THR A 20 3.60 -7.15 -6.21
N SER A 21 2.72 -8.10 -6.41
CA SER A 21 1.94 -8.70 -5.33
C SER A 21 2.48 -10.09 -5.00
N VAL A 22 2.61 -10.39 -3.70
CA VAL A 22 3.13 -11.70 -3.28
C VAL A 22 2.24 -12.33 -2.22
N GLU A 23 1.93 -13.61 -2.40
CA GLU A 23 1.09 -14.35 -1.45
C GLU A 23 1.78 -14.49 -0.10
N THR A 24 1.16 -13.98 0.95
CA THR A 24 1.73 -14.02 2.28
C THR A 24 0.72 -14.54 3.30
N GLU A 25 -0.16 -15.41 2.86
CA GLU A 25 -1.20 -15.99 3.69
C GLU A 25 -0.63 -16.67 4.95
N SER A 26 0.42 -17.44 4.79
CA SER A 26 1.04 -18.17 5.89
C SER A 26 2.02 -17.29 6.69
N LEU A 27 2.26 -16.09 6.20
CA LEU A 27 3.19 -15.18 6.86
C LEU A 27 2.47 -14.29 7.87
N THR A 28 3.24 -13.56 8.66
CA THR A 28 2.70 -12.66 9.64
C THR A 28 2.67 -11.23 9.09
N GLY A 29 2.35 -10.26 9.94
CA GLY A 29 2.29 -8.87 9.52
C GLY A 29 3.53 -8.37 8.79
N PRO A 30 4.60 -8.04 9.51
CA PRO A 30 5.83 -7.54 8.91
C PRO A 30 6.53 -8.56 8.01
N GLN A 31 6.52 -9.82 8.43
CA GLN A 31 7.15 -10.89 7.66
C GLN A 31 6.55 -11.00 6.26
N ALA A 32 5.27 -10.67 6.13
CA ALA A 32 4.61 -10.70 4.83
C ALA A 32 5.33 -9.80 3.85
N VAL A 33 5.60 -8.59 4.30
CA VAL A 33 6.29 -7.61 3.48
C VAL A 33 7.74 -8.03 3.26
N ALA A 34 8.31 -8.71 4.25
CA ALA A 34 9.69 -9.17 4.17
C ALA A 34 9.88 -10.12 3.00
N ARG A 35 9.05 -11.15 2.95
CA ARG A 35 9.11 -12.14 1.88
C ARG A 35 8.70 -11.51 0.55
N ALA A 36 7.71 -10.62 0.61
CA ALA A 36 7.20 -9.95 -0.58
C ALA A 36 8.29 -9.09 -1.23
N SER A 37 8.96 -8.27 -0.43
CA SER A 37 10.01 -7.41 -0.94
C SER A 37 11.21 -8.22 -1.42
N SER A 38 11.60 -9.21 -0.63
CA SER A 38 12.74 -10.04 -0.97
C SER A 38 12.50 -10.75 -2.30
N ALA A 39 11.31 -11.31 -2.47
CA ALA A 39 10.96 -12.01 -3.71
C ALA A 39 11.02 -11.06 -4.90
N ALA A 40 10.64 -9.81 -4.67
CA ALA A 40 10.65 -8.80 -5.72
C ALA A 40 12.06 -8.47 -6.19
N LEU A 41 13.03 -8.50 -5.28
CA LEU A 41 14.41 -8.18 -5.65
C LEU A 41 15.19 -9.43 -6.03
N SER A 42 14.99 -10.51 -5.29
CA SER A 42 15.70 -11.76 -5.51
C SER A 42 15.17 -12.54 -6.71
N CYS A 43 13.87 -12.46 -6.96
CA CYS A 43 13.29 -13.19 -8.07
C CYS A 43 12.93 -12.25 -9.21
N SER A 44 12.43 -11.07 -8.85
CA SER A 44 12.02 -10.05 -9.80
C SER A 44 10.94 -10.61 -10.75
N PRO A 45 9.73 -10.82 -10.24
CA PRO A 45 8.60 -11.33 -11.03
C PRO A 45 8.06 -10.32 -12.02
N ARG A 46 8.22 -9.06 -11.69
CA ARG A 46 7.76 -7.98 -12.56
C ARG A 46 8.95 -7.28 -13.19
N PRO A 47 8.89 -7.04 -14.52
CA PRO A 47 9.98 -6.41 -15.27
C PRO A 47 10.28 -4.97 -14.84
N THR A 48 9.36 -4.06 -15.14
CA THR A 48 9.54 -2.66 -14.81
C THR A 48 8.38 -2.16 -13.96
N PRO A 49 8.66 -1.35 -12.93
CA PRO A 49 7.64 -0.77 -12.07
C PRO A 49 6.76 0.22 -12.84
N ALA A 50 5.58 0.48 -12.32
CA ALA A 50 4.66 1.41 -12.99
C ALA A 50 4.00 2.34 -11.99
N VAL A 51 3.57 3.49 -12.48
CA VAL A 51 2.89 4.47 -11.65
C VAL A 51 1.39 4.23 -11.68
N VAL A 52 0.85 3.79 -10.56
CA VAL A 52 -0.56 3.51 -10.46
C VAL A 52 -1.26 4.56 -9.58
N HIS A 53 -2.57 4.51 -9.57
CA HIS A 53 -3.36 5.45 -8.78
C HIS A 53 -3.65 4.83 -7.41
N PHE A 54 -3.19 5.48 -6.37
CA PHE A 54 -3.36 4.99 -5.02
C PHE A 54 -4.33 5.87 -4.25
N LYS A 55 -5.43 5.29 -3.79
CA LYS A 55 -6.42 6.02 -3.03
C LYS A 55 -6.38 5.55 -1.58
N VAL A 56 -5.88 6.41 -0.70
CA VAL A 56 -5.82 6.09 0.71
C VAL A 56 -7.13 6.48 1.37
N SER A 57 -7.75 5.53 2.05
CA SER A 57 -9.03 5.77 2.68
C SER A 57 -9.11 5.04 4.02
N ALA A 58 -9.86 5.62 4.95
CA ALA A 58 -10.01 5.07 6.30
C ALA A 58 -10.85 3.79 6.33
N GLN A 59 -11.52 3.46 5.24
CA GLN A 59 -12.36 2.26 5.22
C GLN A 59 -11.83 1.22 4.25
N GLY A 60 -10.67 1.50 3.68
CA GLY A 60 -10.09 0.56 2.74
C GLY A 60 -9.14 1.25 1.79
N ILE A 61 -8.21 0.49 1.24
CA ILE A 61 -7.25 1.03 0.32
C ILE A 61 -7.66 0.71 -1.11
N THR A 62 -7.65 1.71 -1.96
CA THR A 62 -8.04 1.52 -3.34
C THR A 62 -6.83 1.51 -4.26
N LEU A 63 -6.74 0.44 -5.06
CA LEU A 63 -5.66 0.29 -6.02
C LEU A 63 -6.21 0.49 -7.43
N THR A 64 -5.96 1.66 -7.98
CA THR A 64 -6.43 1.98 -9.31
C THR A 64 -5.28 1.97 -10.30
N ASP A 65 -5.47 1.32 -11.43
CA ASP A 65 -4.42 1.27 -12.43
C ASP A 65 -4.42 2.56 -13.24
N ASN A 66 -3.38 3.36 -13.05
CA ASN A 66 -3.25 4.65 -13.73
C ASN A 66 -2.84 4.48 -15.19
N GLN A 67 -2.29 3.32 -15.53
CA GLN A 67 -1.85 3.08 -16.90
C GLN A 67 -2.69 2.02 -17.59
N ARG A 68 -3.41 1.24 -16.78
CA ARG A 68 -4.28 0.17 -17.28
C ARG A 68 -3.45 -0.95 -17.90
N LYS A 69 -2.21 -1.06 -17.46
CA LYS A 69 -1.29 -2.07 -17.95
C LYS A 69 -1.29 -3.30 -17.05
N LEU A 70 -1.68 -3.11 -15.81
CA LEU A 70 -1.71 -4.19 -14.83
C LEU A 70 -3.03 -4.94 -14.94
N PHE A 71 -4.12 -4.22 -14.69
CA PHE A 71 -5.46 -4.78 -14.74
C PHE A 71 -6.50 -3.68 -14.53
N PHE A 72 -7.58 -4.01 -13.85
CA PHE A 72 -8.64 -3.07 -13.56
C PHE A 72 -8.54 -2.58 -12.12
N ARG A 73 -9.13 -1.43 -11.84
CA ARG A 73 -9.08 -0.85 -10.49
C ARG A 73 -9.75 -1.78 -9.47
N ARG A 74 -9.06 -2.02 -8.37
CA ARG A 74 -9.58 -2.88 -7.32
C ARG A 74 -9.69 -2.16 -5.99
N HIS A 75 -10.79 -2.37 -5.30
CA HIS A 75 -11.02 -1.73 -4.01
C HIS A 75 -10.86 -2.77 -2.90
N TYR A 76 -9.88 -2.54 -2.03
CA TYR A 76 -9.62 -3.46 -0.92
C TYR A 76 -10.11 -2.85 0.39
N PRO A 77 -11.28 -3.28 0.87
CA PRO A 77 -11.86 -2.77 2.11
C PRO A 77 -11.04 -3.15 3.32
N VAL A 78 -11.21 -2.40 4.41
CA VAL A 78 -10.47 -2.66 5.64
C VAL A 78 -10.73 -4.07 6.16
N ASN A 79 -11.89 -4.62 5.85
CA ASN A 79 -12.24 -5.98 6.27
C ASN A 79 -11.30 -7.00 5.66
N SER A 80 -10.69 -6.64 4.54
CA SER A 80 -9.76 -7.52 3.86
C SER A 80 -8.31 -7.19 4.24
N ILE A 81 -8.11 -5.99 4.76
CA ILE A 81 -6.77 -5.56 5.16
C ILE A 81 -6.44 -6.08 6.54
N THR A 82 -5.43 -6.93 6.62
CA THR A 82 -5.02 -7.51 7.89
C THR A 82 -3.82 -6.77 8.47
N PHE A 83 -3.03 -6.16 7.59
CA PHE A 83 -1.86 -5.42 8.02
C PHE A 83 -1.42 -4.43 6.95
N SER A 84 -0.77 -3.35 7.37
CA SER A 84 -0.31 -2.33 6.46
C SER A 84 1.04 -1.79 6.91
N SER A 85 2.10 -2.24 6.24
CA SER A 85 3.45 -1.80 6.56
C SER A 85 4.28 -1.83 5.30
N THR A 86 4.76 -0.67 4.96
CA THR A 86 5.58 -0.46 3.77
C THR A 86 6.77 -1.39 3.70
N ASP A 87 7.45 -1.54 4.82
CA ASP A 87 8.63 -2.38 4.86
C ASP A 87 8.76 -3.07 6.21
N PRO A 88 9.34 -4.26 6.22
CA PRO A 88 9.57 -5.03 7.43
C PRO A 88 10.87 -4.63 8.13
N GLN A 89 11.94 -4.56 7.35
CA GLN A 89 13.25 -4.19 7.88
C GLN A 89 13.77 -2.95 7.16
N ASP A 90 12.83 -2.18 6.62
CA ASP A 90 13.14 -0.94 5.91
C ASP A 90 13.90 -1.20 4.61
N ARG A 91 13.22 -1.86 3.67
CA ARG A 91 13.81 -2.16 2.37
C ARG A 91 13.49 -1.06 1.37
N ARG A 92 14.37 -0.86 0.41
CA ARG A 92 14.18 0.15 -0.60
C ARG A 92 14.21 -0.46 -2.00
N TRP A 93 13.62 0.24 -2.96
CA TRP A 93 13.56 -0.20 -4.34
C TRP A 93 14.56 0.59 -5.18
N THR A 94 15.17 -0.08 -6.14
CA THR A 94 16.13 0.55 -7.01
C THR A 94 15.55 0.65 -8.42
N ASN A 95 15.24 1.86 -8.84
CA ASN A 95 14.68 2.08 -10.16
C ASN A 95 15.75 1.87 -11.23
N PRO A 96 15.36 1.43 -12.43
CA PRO A 96 16.30 1.18 -13.54
C PRO A 96 17.04 2.43 -13.99
N ASP A 97 16.67 3.58 -13.43
CA ASP A 97 17.31 4.83 -13.76
C ASP A 97 18.53 5.05 -12.87
N GLY A 98 18.58 4.30 -11.76
CA GLY A 98 19.68 4.42 -10.85
C GLY A 98 19.31 5.22 -9.61
N THR A 99 18.03 5.24 -9.31
CA THR A 99 17.52 5.96 -8.16
C THR A 99 16.92 5.00 -7.14
N THR A 100 16.91 5.39 -5.88
CA THR A 100 16.36 4.52 -4.85
C THR A 100 15.21 5.20 -4.11
N SER A 101 14.15 4.45 -3.89
CA SER A 101 12.98 4.92 -3.19
C SER A 101 12.56 3.84 -2.20
N LYS A 102 11.72 4.16 -1.24
CA LYS A 102 11.26 3.16 -0.27
C LYS A 102 10.22 2.25 -0.90
N ILE A 103 9.80 1.24 -0.13
CA ILE A 103 8.82 0.28 -0.60
C ILE A 103 7.61 0.26 0.35
N PHE A 104 6.43 -0.07 -0.18
CA PHE A 104 5.21 -0.17 0.63
C PHE A 104 4.68 -1.59 0.56
N GLY A 105 3.99 -2.03 1.60
CA GLY A 105 3.42 -3.35 1.62
C GLY A 105 2.12 -3.41 2.38
N PHE A 106 1.10 -4.01 1.79
CA PHE A 106 -0.21 -4.13 2.44
C PHE A 106 -0.72 -5.55 2.34
N VAL A 107 -0.95 -6.16 3.48
CA VAL A 107 -1.47 -7.50 3.54
C VAL A 107 -2.98 -7.45 3.44
N ALA A 108 -3.51 -7.81 2.29
CA ALA A 108 -4.94 -7.76 2.07
C ALA A 108 -5.46 -9.06 1.48
N LYS A 109 -6.63 -9.47 1.93
CA LYS A 109 -7.26 -10.69 1.45
C LYS A 109 -7.79 -10.50 0.04
N LYS A 110 -7.59 -11.50 -0.79
CA LYS A 110 -8.04 -11.47 -2.17
C LYS A 110 -9.51 -11.85 -2.26
N PRO A 111 -10.23 -11.31 -3.27
CA PRO A 111 -11.64 -11.60 -3.46
C PRO A 111 -11.89 -13.08 -3.73
N GLY A 112 -12.81 -13.66 -3.01
CA GLY A 112 -13.12 -15.07 -3.17
C GLY A 112 -12.40 -15.93 -2.16
N SER A 113 -11.21 -15.50 -1.78
CA SER A 113 -10.40 -16.22 -0.82
C SER A 113 -10.04 -15.33 0.36
N PRO A 114 -10.99 -15.13 1.29
CA PRO A 114 -10.77 -14.28 2.47
C PRO A 114 -9.87 -14.94 3.51
N TRP A 115 -9.62 -16.24 3.32
CA TRP A 115 -8.78 -16.98 4.23
C TRP A 115 -7.31 -16.85 3.85
N GLU A 116 -7.06 -16.22 2.69
CA GLU A 116 -5.71 -16.03 2.21
C GLU A 116 -5.46 -14.58 1.84
N ASN A 117 -4.54 -13.94 2.54
CA ASN A 117 -4.21 -12.55 2.26
C ASN A 117 -2.82 -12.46 1.63
N VAL A 118 -2.70 -11.59 0.63
CA VAL A 118 -1.44 -11.42 -0.06
C VAL A 118 -0.89 -10.02 0.19
N CYS A 119 0.42 -9.91 0.23
CA CYS A 119 1.06 -8.63 0.45
C CYS A 119 1.38 -7.97 -0.87
N HIS A 120 0.68 -6.88 -1.16
CA HIS A 120 0.91 -6.14 -2.38
C HIS A 120 2.06 -5.19 -2.17
N LEU A 121 3.16 -5.44 -2.85
CA LEU A 121 4.35 -4.62 -2.72
C LEU A 121 4.34 -3.46 -3.71
N PHE A 122 4.54 -2.28 -3.20
CA PHE A 122 4.58 -1.09 -4.02
C PHE A 122 5.84 -0.30 -3.73
N ALA A 123 6.19 0.61 -4.61
CA ALA A 123 7.38 1.44 -4.42
C ALA A 123 7.01 2.90 -4.18
N GLU A 124 7.93 3.64 -3.58
CA GLU A 124 7.73 5.05 -3.27
C GLU A 124 7.63 5.91 -4.52
N LEU A 125 6.71 6.87 -4.49
CA LEU A 125 6.52 7.78 -5.62
C LEU A 125 6.37 9.22 -5.12
N ASP A 126 6.28 9.40 -3.82
CA ASP A 126 6.14 10.73 -3.27
C ASP A 126 7.51 11.31 -2.94
N PRO A 127 7.78 12.54 -3.42
CA PRO A 127 9.07 13.21 -3.20
C PRO A 127 9.24 13.75 -1.78
N ASP A 128 8.18 13.77 -0.99
CA ASP A 128 8.29 14.30 0.37
C ASP A 128 7.74 13.33 1.41
N GLN A 129 6.66 12.64 1.07
CA GLN A 129 6.06 11.68 2.01
C GLN A 129 6.83 10.37 2.04
N PRO A 130 7.32 9.98 3.22
CA PRO A 130 8.06 8.75 3.39
C PRO A 130 7.11 7.56 3.52
N ALA A 131 7.46 6.46 2.88
CA ALA A 131 6.64 5.24 2.91
C ALA A 131 6.27 4.83 4.33
N GLY A 132 7.28 4.68 5.19
CA GLY A 132 7.03 4.26 6.57
C GLY A 132 6.14 5.21 7.35
N ALA A 133 6.09 6.47 6.93
CA ALA A 133 5.30 7.48 7.60
C ALA A 133 3.80 7.27 7.35
N ILE A 134 3.43 6.95 6.12
CA ILE A 134 2.03 6.79 5.77
C ILE A 134 1.38 5.58 6.45
N VAL A 135 2.11 4.45 6.50
CA VAL A 135 1.57 3.24 7.12
C VAL A 135 1.49 3.41 8.63
N THR A 136 2.41 4.20 9.19
CA THR A 136 2.45 4.45 10.62
C THR A 136 1.08 4.91 11.13
N PHE A 137 0.50 5.91 10.48
CA PHE A 137 -0.79 6.40 10.92
C PHE A 137 -1.91 5.60 10.28
N ILE A 138 -1.70 5.10 9.06
CA ILE A 138 -2.72 4.31 8.37
C ILE A 138 -3.18 3.14 9.23
N THR A 139 -2.30 2.62 10.08
CA THR A 139 -2.65 1.51 10.97
C THR A 139 -3.78 1.96 11.92
N LYS A 140 -3.65 3.18 12.44
CA LYS A 140 -4.65 3.73 13.35
C LYS A 140 -5.89 4.16 12.56
N VAL A 141 -5.66 4.54 11.31
CA VAL A 141 -6.72 4.98 10.42
C VAL A 141 -7.61 3.83 9.97
N LEU A 142 -6.99 2.81 9.38
CA LEU A 142 -7.72 1.67 8.85
C LEU A 142 -8.14 0.68 9.94
N LEU A 143 -7.18 0.21 10.71
CA LEU A 143 -7.44 -0.77 11.75
C LEU A 143 -7.94 -0.13 13.04
N GLY A 144 -7.42 1.06 13.33
CA GLY A 144 -7.81 1.75 14.55
C GLY A 144 -7.28 1.05 15.77
N GLN A 145 -6.07 0.49 15.63
CA GLN A 145 -5.42 -0.23 16.72
C GLN A 145 -5.19 0.71 17.90
N ARG A 146 -4.96 1.97 17.60
CA ARG A 146 -4.73 2.97 18.61
C ARG A 146 -5.75 4.09 18.48
N LYS A 147 -6.09 4.70 19.61
CA LYS A 147 -7.04 5.79 19.62
C LYS A 147 -6.32 7.10 19.87
N GLU B 1 3.81 17.81 -0.15
CA GLU B 1 4.17 16.54 -0.82
C GLU B 1 3.30 16.34 -2.05
N ASP B 2 3.32 15.14 -2.62
CA ASP B 2 2.51 14.86 -3.81
C ASP B 2 1.13 14.38 -3.40
N HIS B 3 1.08 13.48 -2.43
CA HIS B 3 -0.19 12.95 -1.95
C HIS B 3 -0.96 14.04 -1.20
N LYS B 4 -1.98 14.57 -1.85
CA LYS B 4 -2.80 15.62 -1.27
C LYS B 4 -4.23 15.13 -1.04
N PRO B 5 -4.74 15.29 0.20
CA PRO B 5 -6.10 14.87 0.57
C PRO B 5 -7.16 15.87 0.10
N GLY B 6 -8.42 15.41 0.11
CA GLY B 6 -9.52 16.25 -0.30
C GLY B 6 -10.52 15.54 -1.18
N THR B 7 -10.45 14.21 -1.23
CA THR B 7 -11.38 13.44 -2.06
C THR B 7 -11.47 11.99 -1.58
N PHE B 8 -12.64 11.38 -1.80
CA PHE B 8 -12.88 9.98 -1.42
C PHE B 8 -12.92 9.80 0.11
N PRO B 9 -13.92 10.41 0.79
CA PRO B 9 -14.06 10.30 2.25
C PRO B 9 -14.45 8.89 2.67
N LYS B 10 -14.32 8.59 3.97
CA LYS B 10 -14.66 7.26 4.45
C LYS B 10 -15.25 7.29 5.85
N ALA B 11 -14.52 6.68 6.80
CA ALA B 11 -14.95 6.60 8.19
C ALA B 11 -15.08 7.95 8.85
N LEU B 12 -14.23 8.89 8.43
CA LEU B 12 -14.23 10.24 8.98
C LEU B 12 -13.80 10.21 10.44
N THR B 13 -12.72 9.47 10.70
CA THR B 13 -12.17 9.32 12.04
C THR B 13 -11.66 10.65 12.59
N ASN B 14 -11.21 10.64 13.84
CA ASN B 14 -10.69 11.83 14.51
C ASN B 14 -11.77 12.88 14.68
N MET A 1 -0.40 11.49 15.76
CA MET A 1 -1.07 10.88 14.59
C MET A 1 -2.58 11.11 14.65
N SER A 2 -3.00 12.18 15.31
CA SER A 2 -4.41 12.50 15.43
C SER A 2 -4.97 13.03 14.11
N THR A 3 -4.08 13.53 13.27
CA THR A 3 -4.44 14.07 11.97
C THR A 3 -4.73 12.96 10.96
N ALA A 4 -4.54 11.72 11.40
CA ALA A 4 -4.77 10.56 10.56
C ALA A 4 -6.17 10.56 9.97
N ALA A 5 -7.15 10.86 10.81
CA ALA A 5 -8.54 10.91 10.39
C ALA A 5 -8.74 11.96 9.31
N ASP A 6 -8.12 13.12 9.50
CA ASP A 6 -8.24 14.20 8.54
C ASP A 6 -7.49 13.85 7.26
N LEU A 7 -6.42 13.08 7.38
CA LEU A 7 -5.62 12.67 6.23
C LEU A 7 -6.38 11.70 5.34
N LEU A 8 -7.17 10.83 5.94
CA LEU A 8 -7.94 9.87 5.17
C LEU A 8 -9.28 10.46 4.73
N ARG A 9 -9.84 11.35 5.55
CA ARG A 9 -11.12 11.98 5.21
C ARG A 9 -10.96 12.92 4.01
N GLN A 10 -9.77 13.49 3.86
CA GLN A 10 -9.51 14.37 2.74
C GLN A 10 -9.18 13.53 1.52
N GLY A 11 -8.73 12.32 1.80
CA GLY A 11 -8.37 11.38 0.76
C GLY A 11 -7.06 11.71 0.11
N ALA A 12 -5.98 11.21 0.69
CA ALA A 12 -4.64 11.45 0.16
C ALA A 12 -4.47 10.76 -1.19
N ALA A 13 -4.93 11.44 -2.23
CA ALA A 13 -4.85 10.92 -3.58
C ALA A 13 -3.46 11.15 -4.16
N CYS A 14 -2.59 10.17 -4.00
CA CYS A 14 -1.24 10.27 -4.48
C CYS A 14 -0.85 8.99 -5.22
N SER A 15 -0.32 9.13 -6.42
CA SER A 15 0.07 7.98 -7.20
C SER A 15 1.33 7.36 -6.62
N VAL A 16 1.45 6.05 -6.76
CA VAL A 16 2.59 5.30 -6.27
C VAL A 16 3.09 4.36 -7.34
N LEU A 17 4.10 3.57 -7.03
CA LEU A 17 4.66 2.64 -7.98
C LEU A 17 4.21 1.23 -7.64
N TYR A 18 3.66 0.52 -8.61
CA TYR A 18 3.21 -0.83 -8.39
C TYR A 18 4.35 -1.80 -8.66
N LEU A 19 4.51 -2.79 -7.80
CA LEU A 19 5.58 -3.76 -7.96
C LEU A 19 5.03 -5.16 -8.19
N THR A 20 4.55 -5.80 -7.13
CA THR A 20 4.03 -7.16 -7.26
C THR A 20 3.39 -7.68 -5.97
N SER A 21 2.51 -8.65 -6.12
CA SER A 21 1.82 -9.26 -4.98
C SER A 21 2.52 -10.56 -4.58
N VAL A 22 2.70 -10.78 -3.28
CA VAL A 22 3.37 -11.99 -2.79
C VAL A 22 2.60 -12.61 -1.62
N GLU A 23 2.54 -13.94 -1.57
CA GLU A 23 1.83 -14.65 -0.50
C GLU A 23 2.56 -14.51 0.84
N THR A 24 1.85 -14.04 1.86
CA THR A 24 2.44 -13.85 3.18
C THR A 24 1.45 -14.22 4.29
N GLU A 25 0.67 -15.27 4.04
CA GLU A 25 -0.34 -15.74 4.99
C GLU A 25 0.23 -16.13 6.35
N SER A 26 1.35 -16.82 6.34
CA SER A 26 1.96 -17.29 7.59
C SER A 26 2.99 -16.30 8.14
N LEU A 27 3.30 -15.27 7.38
CA LEU A 27 4.28 -14.29 7.82
C LEU A 27 3.68 -13.30 8.79
N THR A 28 4.54 -12.55 9.46
CA THR A 28 4.11 -11.54 10.41
C THR A 28 4.02 -10.18 9.71
N GLY A 29 3.75 -9.14 10.48
CA GLY A 29 3.62 -7.80 9.92
C GLY A 29 4.78 -7.39 9.03
N PRO A 30 5.97 -7.12 9.59
CA PRO A 30 7.13 -6.69 8.80
C PRO A 30 7.64 -7.77 7.86
N GLN A 31 7.64 -9.02 8.31
CA GLN A 31 8.13 -10.13 7.51
C GLN A 31 7.32 -10.30 6.23
N ALA A 32 6.04 -9.93 6.29
CA ALA A 32 5.17 -10.01 5.12
C ALA A 32 5.79 -9.17 4.01
N VAL A 33 6.12 -7.93 4.34
CA VAL A 33 6.74 -7.02 3.39
C VAL A 33 8.12 -7.54 3.00
N ALA A 34 8.76 -8.25 3.93
CA ALA A 34 10.10 -8.80 3.70
C ALA A 34 10.10 -9.79 2.54
N ARG A 35 9.33 -10.87 2.67
CA ARG A 35 9.27 -11.87 1.61
C ARG A 35 8.80 -11.23 0.31
N ALA A 36 7.85 -10.31 0.43
CA ALA A 36 7.32 -9.60 -0.73
C ALA A 36 8.42 -8.80 -1.41
N SER A 37 9.18 -8.03 -0.63
CA SER A 37 10.26 -7.21 -1.16
C SER A 37 11.40 -8.09 -1.67
N SER A 38 11.82 -9.05 -0.87
CA SER A 38 12.91 -9.94 -1.24
C SER A 38 12.60 -10.63 -2.57
N ALA A 39 11.39 -11.12 -2.72
CA ALA A 39 10.98 -11.79 -3.95
C ALA A 39 10.97 -10.80 -5.11
N ALA A 40 10.61 -9.56 -4.84
CA ALA A 40 10.58 -8.53 -5.85
C ALA A 40 11.98 -8.21 -6.39
N LEU A 41 12.99 -8.33 -5.52
CA LEU A 41 14.35 -8.04 -5.93
C LEU A 41 15.08 -9.29 -6.43
N SER A 42 14.90 -10.38 -5.70
CA SER A 42 15.56 -11.65 -6.03
C SER A 42 14.89 -12.39 -7.18
N CYS A 43 13.58 -12.34 -7.25
CA CYS A 43 12.85 -13.05 -8.31
C CYS A 43 12.41 -12.09 -9.41
N SER A 44 11.99 -10.91 -9.00
CA SER A 44 11.51 -9.88 -9.90
C SER A 44 10.48 -10.42 -10.90
N PRO A 45 9.29 -10.79 -10.40
CA PRO A 45 8.21 -11.33 -11.25
C PRO A 45 7.72 -10.27 -12.25
N ARG A 46 7.81 -9.02 -11.85
CA ARG A 46 7.40 -7.91 -12.70
C ARG A 46 8.66 -7.22 -13.24
N PRO A 47 8.87 -7.29 -14.56
CA PRO A 47 10.06 -6.69 -15.20
C PRO A 47 10.17 -5.20 -14.94
N THR A 48 9.15 -4.45 -15.33
CA THR A 48 9.16 -3.01 -15.14
C THR A 48 7.96 -2.57 -14.33
N PRO A 49 8.19 -1.82 -13.24
CA PRO A 49 7.12 -1.32 -12.37
C PRO A 49 6.26 -0.27 -13.08
N ALA A 50 5.09 0.00 -12.54
CA ALA A 50 4.19 0.97 -13.14
C ALA A 50 3.66 1.96 -12.12
N VAL A 51 3.44 3.19 -12.57
CA VAL A 51 2.92 4.24 -11.70
C VAL A 51 1.40 4.19 -11.69
N VAL A 52 0.83 3.83 -10.55
CA VAL A 52 -0.62 3.74 -10.41
C VAL A 52 -1.09 4.68 -9.32
N HIS A 53 -2.31 5.19 -9.45
CA HIS A 53 -2.86 6.10 -8.46
C HIS A 53 -3.27 5.36 -7.20
N PHE A 54 -2.84 5.87 -6.06
CA PHE A 54 -3.13 5.27 -4.78
C PHE A 54 -3.93 6.24 -3.91
N LYS A 55 -4.97 5.72 -3.27
CA LYS A 55 -5.80 6.54 -2.42
C LYS A 55 -6.07 5.84 -1.09
N VAL A 56 -5.82 6.56 0.00
CA VAL A 56 -6.03 6.03 1.33
C VAL A 56 -7.52 6.08 1.70
N SER A 57 -8.02 5.02 2.29
CA SER A 57 -9.42 4.98 2.69
C SER A 57 -9.59 4.31 4.04
N ALA A 58 -10.64 4.67 4.77
CA ALA A 58 -10.91 4.07 6.06
C ALA A 58 -11.45 2.66 5.88
N GLN A 59 -11.87 2.40 4.65
CA GLN A 59 -12.43 1.10 4.29
C GLN A 59 -11.41 0.28 3.50
N GLY A 60 -10.13 0.54 3.75
CA GLY A 60 -9.10 -0.20 3.06
C GLY A 60 -8.26 0.70 2.17
N ILE A 61 -7.67 0.12 1.14
CA ILE A 61 -6.85 0.88 0.22
C ILE A 61 -7.47 0.88 -1.16
N THR A 62 -7.45 2.02 -1.81
CA THR A 62 -8.01 2.15 -3.14
C THR A 62 -6.91 2.28 -4.20
N LEU A 63 -6.99 1.45 -5.24
CA LEU A 63 -6.04 1.47 -6.32
C LEU A 63 -6.73 1.97 -7.59
N THR A 64 -6.20 3.01 -8.19
CA THR A 64 -6.79 3.56 -9.39
C THR A 64 -5.83 3.58 -10.57
N ASP A 65 -6.09 2.71 -11.54
CA ASP A 65 -5.28 2.66 -12.74
C ASP A 65 -5.83 3.68 -13.72
N ASN A 66 -5.34 4.90 -13.62
CA ASN A 66 -5.78 6.01 -14.45
C ASN A 66 -5.53 5.74 -15.93
N GLN A 67 -4.40 5.14 -16.25
CA GLN A 67 -4.06 4.85 -17.62
C GLN A 67 -4.69 3.53 -18.07
N ARG A 68 -5.01 2.69 -17.10
CA ARG A 68 -5.62 1.39 -17.35
C ARG A 68 -4.66 0.53 -18.16
N LYS A 69 -3.41 0.54 -17.72
CA LYS A 69 -2.36 -0.22 -18.37
C LYS A 69 -2.18 -1.58 -17.72
N LEU A 70 -2.66 -1.69 -16.49
CA LEU A 70 -2.56 -2.94 -15.74
C LEU A 70 -3.85 -3.72 -15.84
N PHE A 71 -4.93 -3.13 -15.35
CA PHE A 71 -6.24 -3.77 -15.35
C PHE A 71 -7.33 -2.74 -15.15
N PHE A 72 -8.34 -3.11 -14.38
CA PHE A 72 -9.46 -2.22 -14.10
C PHE A 72 -9.33 -1.68 -12.67
N ARG A 73 -10.02 -0.59 -12.39
CA ARG A 73 -9.98 0.03 -11.07
C ARG A 73 -10.45 -0.97 -10.01
N ARG A 74 -9.66 -1.12 -8.97
CA ARG A 74 -9.98 -2.07 -7.90
C ARG A 74 -9.61 -1.51 -6.53
N HIS A 75 -10.36 -1.90 -5.52
CA HIS A 75 -10.11 -1.44 -4.16
C HIS A 75 -10.02 -2.64 -3.22
N TYR A 76 -9.24 -2.50 -2.16
CA TYR A 76 -9.08 -3.56 -1.20
C TYR A 76 -9.75 -3.17 0.12
N PRO A 77 -10.89 -3.80 0.44
CA PRO A 77 -11.63 -3.50 1.67
C PRO A 77 -10.85 -3.88 2.93
N VAL A 78 -11.15 -3.19 4.03
CA VAL A 78 -10.47 -3.45 5.31
C VAL A 78 -10.79 -4.84 5.82
N ASN A 79 -11.87 -5.41 5.31
CA ASN A 79 -12.28 -6.76 5.69
C ASN A 79 -11.31 -7.80 5.12
N SER A 80 -10.56 -7.39 4.11
CA SER A 80 -9.59 -8.28 3.49
C SER A 80 -8.17 -7.94 3.96
N ILE A 81 -7.96 -6.68 4.32
CA ILE A 81 -6.65 -6.22 4.78
C ILE A 81 -6.43 -6.61 6.24
N THR A 82 -5.35 -7.31 6.50
CA THR A 82 -5.03 -7.73 7.84
C THR A 82 -3.90 -6.90 8.44
N PHE A 83 -2.99 -6.44 7.59
CA PHE A 83 -1.88 -5.62 8.04
C PHE A 83 -1.38 -4.70 6.93
N SER A 84 -0.78 -3.60 7.34
CA SER A 84 -0.24 -2.61 6.40
C SER A 84 1.10 -2.09 6.93
N SER A 85 2.16 -2.31 6.17
CA SER A 85 3.49 -1.87 6.58
C SER A 85 4.19 -1.17 5.41
N THR A 86 5.32 -0.51 5.70
CA THR A 86 6.06 0.20 4.67
C THR A 86 7.45 -0.41 4.43
N ASP A 87 7.88 -1.30 5.30
CA ASP A 87 9.18 -1.94 5.14
C ASP A 87 9.40 -3.03 6.16
N PRO A 88 10.06 -4.12 5.74
CA PRO A 88 10.39 -5.21 6.64
C PRO A 88 11.55 -4.83 7.54
N GLN A 89 12.65 -4.46 6.92
CA GLN A 89 13.87 -4.05 7.60
C GLN A 89 14.38 -2.77 6.97
N ASP A 90 13.45 -1.95 6.46
CA ASP A 90 13.78 -0.68 5.80
C ASP A 90 14.43 -0.94 4.44
N ARG A 91 13.74 -1.68 3.58
CA ARG A 91 14.24 -1.99 2.25
C ARG A 91 13.83 -0.89 1.27
N ARG A 92 14.67 -0.63 0.28
CA ARG A 92 14.38 0.37 -0.73
C ARG A 92 14.48 -0.23 -2.12
N TRP A 93 13.41 -0.08 -2.88
CA TRP A 93 13.35 -0.59 -4.23
C TRP A 93 14.15 0.31 -5.16
N THR A 94 14.89 -0.28 -6.06
CA THR A 94 15.68 0.47 -7.00
C THR A 94 15.08 0.39 -8.40
N ASN A 95 14.56 1.51 -8.87
CA ASN A 95 13.94 1.60 -10.19
C ASN A 95 15.01 1.54 -11.27
N PRO A 96 14.65 1.07 -12.48
CA PRO A 96 15.59 0.97 -13.60
C PRO A 96 16.15 2.34 -14.01
N ASP A 97 15.57 3.39 -13.45
CA ASP A 97 16.00 4.75 -13.73
C ASP A 97 17.18 5.12 -12.84
N GLY A 98 17.31 4.40 -11.74
CA GLY A 98 18.40 4.66 -10.81
C GLY A 98 17.90 5.14 -9.45
N THR A 99 16.72 5.74 -9.44
CA THR A 99 16.15 6.26 -8.21
C THR A 99 15.64 5.12 -7.31
N THR A 100 15.67 5.37 -6.01
CA THR A 100 15.23 4.39 -5.03
C THR A 100 13.99 4.90 -4.29
N SER A 101 13.17 3.97 -3.82
CA SER A 101 11.96 4.33 -3.09
C SER A 101 11.62 3.24 -2.07
N LYS A 102 10.92 3.62 -1.01
CA LYS A 102 10.53 2.68 0.02
C LYS A 102 9.54 1.67 -0.54
N ILE A 103 9.69 0.41 -0.15
CA ILE A 103 8.79 -0.63 -0.62
C ILE A 103 7.84 -1.01 0.49
N PHE A 104 6.58 -0.68 0.30
CA PHE A 104 5.58 -0.96 1.30
C PHE A 104 4.68 -2.09 0.85
N GLY A 105 4.17 -2.85 1.80
CA GLY A 105 3.32 -3.96 1.48
C GLY A 105 2.10 -4.04 2.35
N PHE A 106 0.96 -4.33 1.73
CA PHE A 106 -0.30 -4.45 2.44
C PHE A 106 -0.73 -5.90 2.42
N VAL A 107 -0.87 -6.48 3.60
CA VAL A 107 -1.27 -7.86 3.73
C VAL A 107 -2.79 -7.93 3.63
N ALA A 108 -3.27 -8.42 2.50
CA ALA A 108 -4.70 -8.54 2.26
C ALA A 108 -5.04 -9.91 1.69
N LYS A 109 -6.13 -10.48 2.17
CA LYS A 109 -6.58 -11.78 1.73
C LYS A 109 -6.96 -11.73 0.25
N LYS A 110 -6.39 -12.63 -0.53
CA LYS A 110 -6.66 -12.69 -1.97
C LYS A 110 -8.09 -13.16 -2.23
N PRO A 111 -8.73 -12.63 -3.28
CA PRO A 111 -10.10 -13.01 -3.65
C PRO A 111 -10.24 -14.50 -3.90
N GLY A 112 -11.13 -15.15 -3.14
CA GLY A 112 -11.34 -16.57 -3.30
C GLY A 112 -10.69 -17.37 -2.19
N SER A 113 -9.65 -16.80 -1.59
CA SER A 113 -8.92 -17.44 -0.53
C SER A 113 -8.89 -16.55 0.71
N PRO A 114 -9.98 -16.53 1.49
CA PRO A 114 -10.09 -15.70 2.69
C PRO A 114 -9.27 -16.26 3.86
N TRP A 115 -8.63 -17.40 3.65
CA TRP A 115 -7.84 -18.02 4.69
C TRP A 115 -6.35 -17.76 4.46
N GLU A 116 -6.03 -17.13 3.33
CA GLU A 116 -4.65 -16.81 3.01
C GLU A 116 -4.52 -15.35 2.56
N ASN A 117 -3.80 -14.56 3.34
CA ASN A 117 -3.61 -13.16 3.04
C ASN A 117 -2.26 -12.95 2.38
N VAL A 118 -2.24 -12.18 1.30
CA VAL A 118 -1.01 -11.93 0.58
C VAL A 118 -0.61 -10.47 0.69
N CYS A 119 0.68 -10.22 0.72
CA CYS A 119 1.20 -8.87 0.82
C CYS A 119 1.42 -8.28 -0.56
N HIS A 120 0.63 -7.26 -0.88
CA HIS A 120 0.76 -6.59 -2.16
C HIS A 120 1.85 -5.54 -2.02
N LEU A 121 2.98 -5.79 -2.66
CA LEU A 121 4.12 -4.90 -2.59
C LEU A 121 4.02 -3.75 -3.58
N PHE A 122 4.12 -2.54 -3.05
CA PHE A 122 4.06 -1.33 -3.85
C PHE A 122 5.17 -0.38 -3.41
N ALA A 123 5.79 0.30 -4.35
CA ALA A 123 6.85 1.25 -4.04
C ALA A 123 6.29 2.67 -3.98
N GLU A 124 6.91 3.53 -3.18
CA GLU A 124 6.45 4.91 -3.06
C GLU A 124 6.81 5.71 -4.31
N LEU A 125 6.21 6.88 -4.46
CA LEU A 125 6.47 7.74 -5.62
C LEU A 125 6.74 9.18 -5.19
N ASP A 126 6.16 9.56 -4.05
CA ASP A 126 6.31 10.91 -3.53
C ASP A 126 7.59 11.04 -2.70
N PRO A 127 8.55 11.86 -3.17
CA PRO A 127 9.81 12.07 -2.45
C PRO A 127 9.65 13.00 -1.23
N ASP A 128 8.52 13.69 -1.16
CA ASP A 128 8.26 14.61 -0.05
C ASP A 128 7.45 13.89 1.02
N GLN A 129 6.52 13.07 0.58
CA GLN A 129 5.69 12.30 1.48
C GLN A 129 6.16 10.85 1.48
N PRO A 130 6.99 10.48 2.45
CA PRO A 130 7.53 9.12 2.55
C PRO A 130 6.44 8.08 2.77
N ALA A 131 6.65 6.90 2.20
CA ALA A 131 5.70 5.80 2.32
C ALA A 131 5.39 5.51 3.79
N GLY A 132 6.40 5.68 4.64
CA GLY A 132 6.24 5.43 6.05
C GLY A 132 5.26 6.39 6.71
N ALA A 133 5.16 7.60 6.19
CA ALA A 133 4.26 8.60 6.75
C ALA A 133 2.80 8.21 6.59
N ILE A 134 2.42 7.85 5.37
CA ILE A 134 1.03 7.47 5.11
C ILE A 134 0.66 6.17 5.83
N VAL A 135 1.59 5.22 5.88
CA VAL A 135 1.33 3.95 6.52
C VAL A 135 1.27 4.11 8.04
N THR A 136 2.05 5.05 8.57
CA THR A 136 2.09 5.29 10.02
C THR A 136 0.69 5.46 10.58
N PHE A 137 -0.14 6.24 9.89
CA PHE A 137 -1.49 6.44 10.35
C PHE A 137 -2.46 5.41 9.77
N ILE A 138 -2.18 4.95 8.54
CA ILE A 138 -3.03 3.97 7.87
C ILE A 138 -3.24 2.72 8.72
N THR A 139 -2.17 2.14 9.25
CA THR A 139 -2.29 0.93 10.06
C THR A 139 -3.23 1.14 11.25
N LYS A 140 -3.15 2.31 11.84
CA LYS A 140 -3.96 2.64 13.01
C LYS A 140 -5.41 2.96 12.68
N VAL A 141 -5.67 3.59 11.54
CA VAL A 141 -7.04 3.96 11.17
C VAL A 141 -7.76 2.91 10.33
N LEU A 142 -7.03 2.15 9.54
CA LEU A 142 -7.64 1.13 8.69
C LEU A 142 -7.98 -0.12 9.48
N LEU A 143 -7.02 -0.63 10.23
CA LEU A 143 -7.24 -1.84 11.02
C LEU A 143 -7.78 -1.48 12.40
N GLY A 144 -7.36 -0.34 12.91
CA GLY A 144 -7.78 0.08 14.22
C GLY A 144 -6.95 -0.60 15.30
N GLN A 145 -5.65 -0.64 15.07
CA GLN A 145 -4.73 -1.26 16.01
C GLN A 145 -4.61 -0.42 17.27
N ARG A 146 -4.78 0.88 17.13
CA ARG A 146 -4.68 1.79 18.26
C ARG A 146 -5.97 2.60 18.41
N LYS A 147 -6.25 3.02 19.62
CA LYS A 147 -7.45 3.81 19.91
C LYS A 147 -7.09 5.27 20.03
N GLU B 1 3.20 15.36 -4.11
CA GLU B 1 3.96 15.75 -5.32
C GLU B 1 3.06 15.77 -6.55
N ASP B 2 2.31 14.70 -6.73
CA ASP B 2 1.40 14.59 -7.87
C ASP B 2 -0.05 14.59 -7.39
N HIS B 3 -0.92 15.16 -8.21
CA HIS B 3 -2.36 15.23 -7.93
C HIS B 3 -2.67 16.05 -6.69
N LYS B 4 -3.90 15.95 -6.21
CA LYS B 4 -4.35 16.68 -5.04
C LYS B 4 -5.19 15.79 -4.14
N PRO B 5 -5.00 15.88 -2.82
CA PRO B 5 -5.76 15.07 -1.87
C PRO B 5 -7.17 15.62 -1.64
N GLY B 6 -8.06 15.27 -2.54
CA GLY B 6 -9.45 15.69 -2.44
C GLY B 6 -10.38 14.60 -2.88
N THR B 7 -10.36 13.50 -2.13
CA THR B 7 -11.17 12.34 -2.45
C THR B 7 -11.74 11.72 -1.18
N PHE B 8 -12.74 10.85 -1.33
CA PHE B 8 -13.36 10.14 -0.20
C PHE B 8 -14.25 11.06 0.64
N PRO B 9 -15.16 10.48 1.45
CA PRO B 9 -16.09 11.24 2.28
C PRO B 9 -15.51 11.69 3.63
N LYS B 10 -15.83 10.95 4.69
CA LYS B 10 -15.38 11.31 6.04
C LYS B 10 -14.26 10.41 6.53
N ALA B 11 -13.88 10.62 7.80
CA ALA B 11 -12.81 9.84 8.42
C ALA B 11 -13.29 8.49 8.93
N LEU B 12 -14.60 8.35 9.12
CA LEU B 12 -15.21 7.10 9.61
C LEU B 12 -14.77 6.76 11.04
N THR B 13 -15.12 5.56 11.49
CA THR B 13 -14.78 5.12 12.84
C THR B 13 -13.95 3.83 12.78
N ASN B 14 -13.16 3.61 13.83
CA ASN B 14 -12.27 2.44 13.96
C ASN B 14 -11.20 2.47 12.89
N MET A 1 0.24 11.24 13.65
CA MET A 1 -0.98 10.53 14.13
C MET A 1 -2.00 11.53 14.65
N SER A 2 -3.00 11.02 15.38
CA SER A 2 -4.06 11.83 15.96
C SER A 2 -5.01 12.36 14.90
N THR A 3 -4.55 13.29 14.09
CA THR A 3 -5.37 13.89 13.04
C THR A 3 -5.36 13.00 11.79
N ALA A 4 -5.02 11.74 11.98
CA ALA A 4 -4.96 10.77 10.90
C ALA A 4 -6.30 10.63 10.21
N ALA A 5 -7.37 10.73 10.98
CA ALA A 5 -8.73 10.60 10.47
C ALA A 5 -9.01 11.58 9.34
N ASP A 6 -8.38 12.75 9.39
CA ASP A 6 -8.59 13.78 8.38
C ASP A 6 -8.17 13.28 7.00
N LEU A 7 -7.09 12.50 6.98
CA LEU A 7 -6.56 11.97 5.74
C LEU A 7 -7.53 11.01 5.06
N LEU A 8 -8.12 10.11 5.82
CA LEU A 8 -9.04 9.12 5.25
C LEU A 8 -10.46 9.64 5.15
N ARG A 9 -10.86 10.51 6.08
CA ARG A 9 -12.22 11.04 6.07
C ARG A 9 -12.40 11.97 4.89
N GLN A 10 -11.29 12.52 4.39
CA GLN A 10 -11.33 13.41 3.26
C GLN A 10 -10.87 12.68 1.99
N GLY A 11 -10.19 11.56 2.18
CA GLY A 11 -9.72 10.78 1.05
C GLY A 11 -8.34 11.20 0.62
N ALA A 12 -7.33 10.63 1.25
CA ALA A 12 -5.94 10.97 0.95
C ALA A 12 -5.55 10.49 -0.44
N ALA A 13 -5.55 11.40 -1.38
CA ALA A 13 -5.15 11.09 -2.74
C ALA A 13 -3.64 10.91 -2.80
N CYS A 14 -3.20 9.80 -3.37
CA CYS A 14 -1.78 9.53 -3.46
C CYS A 14 -1.39 9.14 -4.88
N SER A 15 -0.12 8.80 -5.07
CA SER A 15 0.41 8.40 -6.37
C SER A 15 1.73 7.68 -6.18
N VAL A 16 1.64 6.37 -6.12
CA VAL A 16 2.82 5.54 -5.93
C VAL A 16 2.84 4.43 -6.98
N LEU A 17 4.02 3.86 -7.25
CA LEU A 17 4.10 2.81 -8.24
C LEU A 17 4.03 1.44 -7.58
N TYR A 18 3.65 0.45 -8.36
CA TYR A 18 3.51 -0.90 -7.86
C TYR A 18 4.64 -1.79 -8.35
N LEU A 19 4.90 -2.85 -7.62
CA LEU A 19 5.94 -3.79 -7.98
C LEU A 19 5.33 -5.14 -8.32
N THR A 20 4.68 -5.75 -7.32
CA THR A 20 4.05 -7.05 -7.52
C THR A 20 3.32 -7.50 -6.26
N SER A 21 2.37 -8.41 -6.45
CA SER A 21 1.57 -8.96 -5.36
C SER A 21 2.15 -10.30 -4.91
N VAL A 22 2.13 -10.55 -3.60
CA VAL A 22 2.65 -11.79 -3.03
C VAL A 22 1.79 -12.25 -1.86
N GLU A 23 1.40 -13.52 -1.85
CA GLU A 23 0.57 -14.08 -0.79
C GLU A 23 1.30 -14.03 0.56
N THR A 24 0.61 -13.55 1.59
CA THR A 24 1.23 -13.43 2.92
C THR A 24 0.23 -13.75 4.03
N GLU A 25 -0.76 -14.57 3.73
CA GLU A 25 -1.79 -14.94 4.70
C GLU A 25 -1.20 -15.62 5.94
N SER A 26 -0.23 -16.49 5.74
CA SER A 26 0.39 -17.21 6.84
C SER A 26 1.55 -16.42 7.44
N LEU A 27 1.96 -15.37 6.75
CA LEU A 27 3.07 -14.55 7.21
C LEU A 27 2.63 -13.56 8.27
N THR A 28 3.61 -13.02 8.99
CA THR A 28 3.37 -12.05 10.03
C THR A 28 3.43 -10.64 9.45
N GLY A 29 3.46 -9.63 10.30
CA GLY A 29 3.51 -8.25 9.86
C GLY A 29 4.68 -7.96 8.92
N PRO A 30 5.89 -7.79 9.47
CA PRO A 30 7.09 -7.50 8.66
C PRO A 30 7.40 -8.58 7.64
N GLN A 31 7.21 -9.84 8.03
CA GLN A 31 7.47 -10.97 7.14
C GLN A 31 6.61 -10.90 5.88
N ALA A 32 5.41 -10.35 6.01
CA ALA A 32 4.52 -10.20 4.87
C ALA A 32 5.20 -9.38 3.79
N VAL A 33 5.73 -8.23 4.20
CA VAL A 33 6.43 -7.35 3.29
C VAL A 33 7.72 -8.01 2.83
N ALA A 34 8.33 -8.81 3.70
CA ALA A 34 9.57 -9.50 3.40
C ALA A 34 9.43 -10.45 2.21
N ARG A 35 8.50 -11.40 2.30
CA ARG A 35 8.31 -12.33 1.19
C ARG A 35 7.91 -11.57 -0.06
N ALA A 36 7.07 -10.57 0.11
CA ALA A 36 6.63 -9.74 -1.01
C ALA A 36 7.79 -8.99 -1.64
N SER A 37 8.67 -8.44 -0.82
CA SER A 37 9.83 -7.70 -1.31
C SER A 37 10.86 -8.64 -1.92
N SER A 38 11.24 -9.66 -1.17
CA SER A 38 12.23 -10.63 -1.62
C SER A 38 11.82 -11.30 -2.92
N ALA A 39 10.52 -11.61 -3.06
CA ALA A 39 10.04 -12.24 -4.29
C ALA A 39 10.25 -11.30 -5.47
N ALA A 40 10.09 -10.02 -5.23
CA ALA A 40 10.27 -9.01 -6.27
C ALA A 40 11.76 -8.83 -6.59
N LEU A 41 12.58 -8.88 -5.55
CA LEU A 41 14.02 -8.73 -5.72
C LEU A 41 14.62 -9.97 -6.39
N SER A 42 14.20 -11.12 -5.91
CA SER A 42 14.69 -12.39 -6.41
C SER A 42 14.12 -12.75 -7.78
N CYS A 43 12.92 -12.29 -8.09
CA CYS A 43 12.31 -12.62 -9.37
C CYS A 43 11.45 -11.49 -9.93
N SER A 44 10.33 -11.22 -9.26
CA SER A 44 9.37 -10.20 -9.70
C SER A 44 8.74 -10.58 -11.03
N PRO A 45 7.54 -11.17 -10.99
CA PRO A 45 6.82 -11.57 -12.20
C PRO A 45 6.52 -10.37 -13.07
N ARG A 46 6.41 -9.21 -12.43
CA ARG A 46 6.14 -7.96 -13.12
C ARG A 46 7.47 -7.34 -13.58
N PRO A 47 7.56 -6.95 -14.86
CA PRO A 47 8.79 -6.38 -15.44
C PRO A 47 9.31 -5.15 -14.71
N THR A 48 8.68 -4.00 -14.92
CA THR A 48 9.13 -2.76 -14.29
C THR A 48 7.99 -2.09 -13.51
N PRO A 49 8.33 -1.42 -12.39
CA PRO A 49 7.35 -0.72 -11.56
C PRO A 49 6.56 0.33 -12.35
N ALA A 50 5.27 0.40 -12.10
CA ALA A 50 4.41 1.36 -12.80
C ALA A 50 3.63 2.20 -11.81
N VAL A 51 3.67 3.51 -12.00
CA VAL A 51 2.96 4.43 -11.13
C VAL A 51 1.44 4.24 -11.29
N VAL A 52 0.80 3.82 -10.22
CA VAL A 52 -0.63 3.57 -10.25
C VAL A 52 -1.38 4.57 -9.37
N HIS A 53 -2.70 4.46 -9.35
CA HIS A 53 -3.53 5.36 -8.55
C HIS A 53 -3.77 4.80 -7.17
N PHE A 54 -3.10 5.40 -6.19
CA PHE A 54 -3.22 4.97 -4.81
C PHE A 54 -3.99 6.03 -4.03
N LYS A 55 -4.96 5.59 -3.23
CA LYS A 55 -5.74 6.52 -2.42
C LYS A 55 -6.06 5.91 -1.06
N VAL A 56 -6.19 6.76 -0.06
CA VAL A 56 -6.51 6.30 1.28
C VAL A 56 -7.94 6.69 1.65
N SER A 57 -8.71 5.71 2.06
CA SER A 57 -10.09 5.94 2.45
C SER A 57 -10.35 5.34 3.82
N ALA A 58 -11.40 5.82 4.48
CA ALA A 58 -11.75 5.33 5.81
C ALA A 58 -12.46 3.98 5.73
N GLN A 59 -12.72 3.52 4.51
CA GLN A 59 -13.38 2.26 4.29
C GLN A 59 -12.46 1.28 3.58
N GLY A 60 -11.20 1.67 3.42
CA GLY A 60 -10.25 0.79 2.77
C GLY A 60 -9.21 1.55 1.98
N ILE A 61 -8.31 0.80 1.34
CA ILE A 61 -7.25 1.39 0.54
C ILE A 61 -7.57 1.23 -0.95
N THR A 62 -7.04 2.10 -1.77
CA THR A 62 -7.31 2.03 -3.19
C THR A 62 -6.12 1.47 -3.98
N LEU A 63 -6.34 0.33 -4.62
CA LEU A 63 -5.32 -0.33 -5.42
C LEU A 63 -5.85 -0.44 -6.84
N THR A 64 -5.95 0.69 -7.51
CA THR A 64 -6.48 0.75 -8.86
C THR A 64 -5.54 1.47 -9.82
N ASP A 65 -5.65 1.14 -11.10
CA ASP A 65 -4.84 1.78 -12.12
C ASP A 65 -5.78 2.56 -13.04
N ASN A 66 -5.55 3.86 -13.16
CA ASN A 66 -6.40 4.70 -13.98
C ASN A 66 -6.20 4.44 -15.47
N GLN A 67 -5.00 4.00 -15.83
CA GLN A 67 -4.69 3.72 -17.22
C GLN A 67 -4.83 2.24 -17.52
N ARG A 68 -4.42 1.42 -16.55
CA ARG A 68 -4.48 -0.03 -16.68
C ARG A 68 -3.66 -0.49 -17.88
N LYS A 69 -2.40 -0.09 -17.92
CA LYS A 69 -1.52 -0.45 -19.01
C LYS A 69 -1.10 -1.90 -18.88
N LEU A 70 -0.81 -2.27 -17.65
CA LEU A 70 -0.36 -3.62 -17.34
C LEU A 70 -1.51 -4.47 -16.82
N PHE A 71 -2.02 -4.08 -15.65
CA PHE A 71 -3.12 -4.77 -14.97
C PHE A 71 -3.18 -4.27 -13.54
N PHE A 72 -4.36 -4.22 -12.96
CA PHE A 72 -4.51 -3.79 -11.58
C PHE A 72 -5.87 -4.18 -11.02
N ARG A 73 -6.19 -3.68 -9.84
CA ARG A 73 -7.45 -4.02 -9.19
C ARG A 73 -8.31 -2.78 -8.94
N ARG A 74 -8.86 -2.71 -7.74
CA ARG A 74 -9.73 -1.61 -7.34
C ARG A 74 -9.50 -1.30 -5.86
N HIS A 75 -10.50 -0.75 -5.20
CA HIS A 75 -10.35 -0.43 -3.79
C HIS A 75 -10.51 -1.69 -2.95
N TYR A 76 -9.66 -1.83 -1.95
CA TYR A 76 -9.69 -2.95 -1.05
C TYR A 76 -10.33 -2.52 0.26
N PRO A 77 -11.53 -3.03 0.54
CA PRO A 77 -12.26 -2.69 1.77
C PRO A 77 -11.41 -2.94 3.02
N VAL A 78 -11.64 -2.13 4.05
CA VAL A 78 -10.88 -2.22 5.28
C VAL A 78 -11.00 -3.62 5.93
N ASN A 79 -12.09 -4.33 5.64
CA ASN A 79 -12.28 -5.66 6.18
C ASN A 79 -11.35 -6.68 5.52
N SER A 80 -10.82 -6.32 4.36
CA SER A 80 -9.91 -7.18 3.63
C SER A 80 -8.48 -6.89 4.04
N ILE A 81 -8.21 -5.65 4.43
CA ILE A 81 -6.88 -5.24 4.87
C ILE A 81 -6.59 -5.81 6.24
N THR A 82 -5.41 -6.40 6.38
CA THR A 82 -5.02 -6.99 7.64
C THR A 82 -3.79 -6.31 8.21
N PHE A 83 -2.96 -5.73 7.34
CA PHE A 83 -1.74 -5.07 7.79
C PHE A 83 -1.15 -4.20 6.70
N SER A 84 -0.39 -3.20 7.13
CA SER A 84 0.26 -2.28 6.22
C SER A 84 1.61 -1.89 6.81
N SER A 85 2.69 -2.22 6.12
CA SER A 85 4.02 -1.90 6.62
C SER A 85 4.82 -1.11 5.60
N THR A 86 5.90 -0.51 6.06
CA THR A 86 6.76 0.29 5.21
C THR A 86 7.95 -0.51 4.70
N ASP A 87 8.25 -1.61 5.37
CA ASP A 87 9.37 -2.47 5.01
C ASP A 87 9.44 -3.67 5.93
N PRO A 88 9.94 -4.81 5.44
CA PRO A 88 10.09 -6.03 6.25
C PRO A 88 11.19 -5.88 7.30
N GLN A 89 12.39 -5.60 6.81
CA GLN A 89 13.57 -5.45 7.65
C GLN A 89 14.36 -4.22 7.21
N ASP A 90 13.63 -3.21 6.72
CA ASP A 90 14.25 -1.96 6.25
C ASP A 90 14.96 -2.19 4.91
N ARG A 91 14.22 -2.75 3.96
CA ARG A 91 14.77 -3.04 2.64
C ARG A 91 14.79 -1.79 1.76
N ARG A 92 15.73 -1.75 0.83
CA ARG A 92 15.86 -0.63 -0.08
C ARG A 92 15.61 -1.07 -1.53
N TRP A 93 14.79 -0.31 -2.23
CA TRP A 93 14.46 -0.59 -3.61
C TRP A 93 15.40 0.13 -4.54
N THR A 94 15.84 -0.52 -5.59
CA THR A 94 16.74 0.10 -6.53
C THR A 94 15.99 0.40 -7.83
N ASN A 95 15.78 1.68 -8.06
CA ASN A 95 15.08 2.13 -9.26
C ASN A 95 15.95 1.91 -10.49
N PRO A 96 15.33 1.83 -11.68
CA PRO A 96 16.07 1.63 -12.94
C PRO A 96 17.00 2.80 -13.23
N ASP A 97 16.77 3.90 -12.52
CA ASP A 97 17.55 5.11 -12.68
C ASP A 97 18.88 5.01 -11.91
N GLY A 98 18.91 4.11 -10.93
CA GLY A 98 20.11 3.93 -10.13
C GLY A 98 19.92 4.40 -8.71
N THR A 99 18.91 5.23 -8.50
CA THR A 99 18.61 5.76 -7.17
C THR A 99 17.92 4.69 -6.32
N THR A 100 18.05 4.81 -5.01
CA THR A 100 17.46 3.85 -4.10
C THR A 100 16.28 4.46 -3.35
N SER A 101 15.26 3.65 -3.15
CA SER A 101 14.06 4.07 -2.44
C SER A 101 13.68 3.00 -1.41
N LYS A 102 12.51 3.10 -0.81
CA LYS A 102 12.07 2.11 0.16
C LYS A 102 11.05 1.16 -0.45
N ILE A 103 10.84 0.01 0.18
CA ILE A 103 9.88 -0.97 -0.33
C ILE A 103 8.85 -1.26 0.74
N PHE A 104 7.61 -0.88 0.48
CA PHE A 104 6.53 -1.10 1.42
C PHE A 104 5.47 -1.99 0.82
N GLY A 105 4.63 -2.56 1.68
CA GLY A 105 3.59 -3.44 1.19
C GLY A 105 2.35 -3.43 2.07
N PHE A 106 1.21 -3.65 1.45
CA PHE A 106 -0.06 -3.69 2.15
C PHE A 106 -0.66 -5.07 2.04
N VAL A 107 -0.99 -5.64 3.17
CA VAL A 107 -1.58 -6.96 3.21
C VAL A 107 -3.10 -6.84 3.24
N ALA A 108 -3.74 -7.22 2.14
CA ALA A 108 -5.19 -7.11 2.05
C ALA A 108 -5.82 -8.14 1.11
N LYS A 109 -6.73 -8.94 1.67
CA LYS A 109 -7.49 -9.96 0.96
C LYS A 109 -6.68 -11.00 0.19
N LYS A 110 -7.18 -12.22 0.23
CA LYS A 110 -6.59 -13.32 -0.50
C LYS A 110 -7.65 -13.89 -1.43
N PRO A 111 -7.33 -14.06 -2.72
CA PRO A 111 -8.28 -14.59 -3.72
C PRO A 111 -8.89 -15.94 -3.32
N GLY A 112 -10.19 -15.91 -3.00
CA GLY A 112 -10.88 -17.12 -2.62
C GLY A 112 -10.95 -17.31 -1.12
N SER A 113 -10.20 -16.51 -0.39
CA SER A 113 -10.16 -16.59 1.05
C SER A 113 -10.20 -15.20 1.66
N PRO A 114 -11.40 -14.61 1.81
CA PRO A 114 -11.58 -13.28 2.39
C PRO A 114 -11.10 -13.21 3.85
N TRP A 115 -10.96 -14.37 4.46
CA TRP A 115 -10.51 -14.46 5.85
C TRP A 115 -8.99 -14.36 5.91
N GLU A 116 -8.32 -14.63 4.80
CA GLU A 116 -6.87 -14.53 4.72
C GLU A 116 -6.49 -13.21 4.10
N ASN A 117 -5.27 -13.12 3.57
CA ASN A 117 -4.81 -11.87 2.98
C ASN A 117 -3.58 -12.05 2.11
N VAL A 118 -3.47 -11.22 1.08
CA VAL A 118 -2.32 -11.23 0.18
C VAL A 118 -1.66 -9.84 0.21
N CYS A 119 -0.33 -9.81 0.20
CA CYS A 119 0.40 -8.55 0.25
C CYS A 119 0.65 -8.00 -1.15
N HIS A 120 0.64 -6.69 -1.26
CA HIS A 120 0.89 -6.03 -2.52
C HIS A 120 2.09 -5.12 -2.34
N LEU A 121 3.15 -5.41 -3.06
CA LEU A 121 4.38 -4.65 -2.94
C LEU A 121 4.35 -3.38 -3.78
N PHE A 122 4.72 -2.28 -3.14
CA PHE A 122 4.75 -0.99 -3.79
C PHE A 122 6.08 -0.30 -3.46
N ALA A 123 6.80 0.12 -4.48
CA ALA A 123 8.06 0.82 -4.27
C ALA A 123 7.77 2.27 -3.89
N GLU A 124 8.63 2.84 -3.06
CA GLU A 124 8.45 4.19 -2.59
C GLU A 124 8.56 5.24 -3.69
N LEU A 125 7.45 5.91 -3.94
CA LEU A 125 7.36 7.00 -4.92
C LEU A 125 7.03 8.24 -4.11
N ASP A 126 8.06 8.89 -3.60
CA ASP A 126 7.82 10.05 -2.75
C ASP A 126 8.41 11.35 -3.29
N PRO A 127 7.53 12.34 -3.47
CA PRO A 127 7.89 13.68 -3.92
C PRO A 127 8.06 14.66 -2.76
N ASP A 128 7.16 14.57 -1.79
CA ASP A 128 7.18 15.42 -0.60
C ASP A 128 7.14 14.53 0.64
N GLN A 129 6.00 13.87 0.83
CA GLN A 129 5.84 12.96 1.95
C GLN A 129 6.41 11.60 1.54
N PRO A 130 7.01 10.87 2.47
CA PRO A 130 7.60 9.56 2.17
C PRO A 130 6.55 8.45 2.02
N ALA A 131 7.02 7.24 1.75
CA ALA A 131 6.13 6.10 1.61
C ALA A 131 5.53 5.73 2.96
N GLY A 132 6.30 5.96 4.01
CA GLY A 132 5.85 5.66 5.35
C GLY A 132 4.73 6.56 5.80
N ALA A 133 4.46 7.63 5.04
CA ALA A 133 3.42 8.57 5.39
C ALA A 133 2.04 7.91 5.45
N ILE A 134 1.68 7.20 4.39
CA ILE A 134 0.38 6.55 4.31
C ILE A 134 0.22 5.41 5.33
N VAL A 135 1.20 4.52 5.38
CA VAL A 135 1.15 3.38 6.28
C VAL A 135 1.18 3.80 7.75
N THR A 136 1.88 4.90 8.05
CA THR A 136 2.00 5.37 9.42
C THR A 136 0.64 5.56 10.10
N PHE A 137 -0.27 6.28 9.45
CA PHE A 137 -1.56 6.52 10.07
C PHE A 137 -2.56 5.40 9.76
N ILE A 138 -2.49 4.85 8.55
CA ILE A 138 -3.41 3.79 8.13
C ILE A 138 -3.39 2.62 9.11
N THR A 139 -2.21 2.26 9.60
CA THR A 139 -2.06 1.16 10.54
C THR A 139 -2.82 1.43 11.85
N LYS A 140 -2.76 2.66 12.31
CA LYS A 140 -3.40 3.03 13.56
C LYS A 140 -4.91 3.20 13.43
N VAL A 141 -5.38 3.79 12.35
CA VAL A 141 -6.81 4.05 12.17
C VAL A 141 -7.54 2.90 11.44
N LEU A 142 -7.11 2.59 10.24
CA LEU A 142 -7.75 1.55 9.43
C LEU A 142 -7.64 0.18 10.09
N LEU A 143 -6.44 -0.17 10.51
CA LEU A 143 -6.23 -1.46 11.15
C LEU A 143 -6.63 -1.37 12.62
N GLY A 144 -6.78 -0.15 13.11
CA GLY A 144 -7.17 0.07 14.48
C GLY A 144 -6.13 -0.42 15.47
N GLN A 145 -4.88 -0.05 15.25
CA GLN A 145 -3.81 -0.47 16.14
C GLN A 145 -3.78 0.43 17.36
N ARG A 146 -4.33 1.63 17.20
CA ARG A 146 -4.39 2.59 18.28
C ARG A 146 -5.82 3.08 18.43
N LYS A 147 -6.23 3.29 19.66
CA LYS A 147 -7.58 3.75 19.95
C LYS A 147 -7.55 4.83 21.00
N GLU B 1 1.43 10.94 -0.06
CA GLU B 1 2.85 11.30 -0.25
C GLU B 1 2.99 12.56 -1.13
N ASP B 2 2.03 12.77 -2.03
CA ASP B 2 2.07 13.94 -2.91
C ASP B 2 0.84 14.82 -2.76
N HIS B 3 -0.33 14.27 -3.09
CA HIS B 3 -1.57 15.03 -3.03
C HIS B 3 -2.09 15.14 -1.59
N LYS B 4 -3.17 15.90 -1.42
CA LYS B 4 -3.80 16.09 -0.14
C LYS B 4 -5.14 15.38 -0.10
N PRO B 5 -5.71 15.13 1.09
CA PRO B 5 -7.00 14.47 1.23
C PRO B 5 -8.13 15.23 0.55
N GLY B 6 -8.77 14.58 -0.42
CA GLY B 6 -9.86 15.18 -1.15
C GLY B 6 -10.41 14.25 -2.21
N THR B 7 -10.91 13.09 -1.78
CA THR B 7 -11.46 12.10 -2.68
C THR B 7 -12.25 11.04 -1.90
N PHE B 8 -12.91 10.14 -2.61
CA PHE B 8 -13.69 9.05 -2.02
C PHE B 8 -14.97 9.57 -1.31
N PRO B 9 -15.94 8.68 -1.05
CA PRO B 9 -17.21 9.04 -0.42
C PRO B 9 -17.20 8.95 1.10
N LYS B 10 -17.96 9.85 1.73
CA LYS B 10 -18.13 9.89 3.19
C LYS B 10 -16.82 10.18 3.93
N ALA B 11 -16.97 10.57 5.19
CA ALA B 11 -15.83 10.83 6.04
C ALA B 11 -15.55 9.58 6.87
N LEU B 12 -16.62 9.01 7.41
CA LEU B 12 -16.53 7.79 8.21
C LEU B 12 -15.63 8.00 9.42
N THR B 13 -15.06 6.92 9.95
CA THR B 13 -14.18 6.97 11.11
C THR B 13 -14.92 7.55 12.32
N ASN B 14 -14.73 8.84 12.54
CA ASN B 14 -15.38 9.54 13.64
C ASN B 14 -15.31 11.03 13.39
N MET A 1 4.02 11.83 10.66
CA MET A 1 2.56 11.74 10.77
C MET A 1 1.93 13.13 10.68
N SER A 2 1.17 13.51 11.73
CA SER A 2 0.49 14.80 11.79
C SER A 2 -0.57 14.95 10.71
N THR A 3 -1.76 15.39 11.13
CA THR A 3 -2.89 15.56 10.23
C THR A 3 -3.28 14.22 9.61
N ALA A 4 -3.05 13.15 10.37
CA ALA A 4 -3.35 11.79 9.94
C ALA A 4 -4.83 11.64 9.59
N ALA A 5 -5.70 12.26 10.39
CA ALA A 5 -7.13 12.19 10.16
C ALA A 5 -7.48 12.69 8.77
N ASP A 6 -6.94 13.85 8.42
CA ASP A 6 -7.19 14.46 7.12
C ASP A 6 -6.65 13.59 6.00
N LEU A 7 -5.58 12.88 6.30
CA LEU A 7 -4.94 11.99 5.33
C LEU A 7 -5.84 10.81 4.97
N LEU A 8 -6.44 10.19 5.97
CA LEU A 8 -7.28 9.02 5.75
C LEU A 8 -8.74 9.35 5.44
N ARG A 9 -9.23 10.47 5.98
CA ARG A 9 -10.63 10.84 5.76
C ARG A 9 -10.88 11.23 4.30
N GLN A 10 -9.85 11.74 3.63
CA GLN A 10 -10.00 12.10 2.23
C GLN A 10 -9.43 10.98 1.38
N GLY A 11 -8.16 10.66 1.59
CA GLY A 11 -7.53 9.60 0.83
C GLY A 11 -7.46 9.88 -0.66
N ALA A 12 -7.36 11.15 -1.03
CA ALA A 12 -7.30 11.57 -2.43
C ALA A 12 -5.91 11.34 -3.02
N ALA A 13 -5.35 10.18 -2.77
CA ALA A 13 -4.03 9.85 -3.27
C ALA A 13 -4.11 9.00 -4.52
N CYS A 14 -3.07 9.02 -5.34
CA CYS A 14 -3.05 8.24 -6.58
C CYS A 14 -1.70 8.39 -7.29
N SER A 15 -0.61 8.27 -6.55
CA SER A 15 0.71 8.42 -7.13
C SER A 15 1.74 7.53 -6.43
N VAL A 16 1.82 6.28 -6.85
CA VAL A 16 2.75 5.35 -6.25
C VAL A 16 3.36 4.44 -7.31
N LEU A 17 4.49 3.84 -6.99
CA LEU A 17 5.17 2.94 -7.90
C LEU A 17 4.73 1.51 -7.65
N TYR A 18 4.32 0.80 -8.67
CA TYR A 18 3.92 -0.59 -8.49
C TYR A 18 5.10 -1.49 -8.76
N LEU A 19 5.26 -2.54 -7.96
CA LEU A 19 6.36 -3.46 -8.14
C LEU A 19 5.81 -4.86 -8.47
N THR A 20 5.07 -5.43 -7.52
CA THR A 20 4.48 -6.75 -7.70
C THR A 20 3.75 -7.21 -6.45
N SER A 21 2.79 -8.10 -6.62
CA SER A 21 2.03 -8.65 -5.51
C SER A 21 2.61 -9.99 -5.08
N VAL A 22 2.76 -10.20 -3.79
CA VAL A 22 3.31 -11.43 -3.25
C VAL A 22 2.44 -12.00 -2.14
N GLU A 23 2.19 -13.31 -2.18
CA GLU A 23 1.36 -13.95 -1.17
C GLU A 23 2.10 -13.99 0.17
N THR A 24 1.46 -13.47 1.21
CA THR A 24 2.07 -13.41 2.53
C THR A 24 1.07 -13.90 3.59
N GLU A 25 0.18 -14.80 3.17
CA GLU A 25 -0.84 -15.35 4.05
C GLU A 25 -0.31 -15.87 5.39
N SER A 26 0.77 -16.64 5.33
CA SER A 26 1.34 -17.26 6.53
C SER A 26 2.24 -16.28 7.31
N LEU A 27 2.49 -15.12 6.73
CA LEU A 27 3.35 -14.13 7.36
C LEU A 27 2.58 -13.18 8.26
N THR A 28 3.34 -12.38 8.98
CA THR A 28 2.79 -11.38 9.87
C THR A 28 2.84 -10.02 9.17
N GLY A 29 2.56 -8.95 9.90
CA GLY A 29 2.55 -7.62 9.32
C GLY A 29 3.86 -7.23 8.65
N PRO A 30 4.93 -6.96 9.42
CA PRO A 30 6.23 -6.55 8.87
C PRO A 30 6.86 -7.60 7.96
N GLN A 31 6.74 -8.88 8.33
CA GLN A 31 7.31 -9.94 7.52
C GLN A 31 6.63 -10.03 6.16
N ALA A 32 5.38 -9.58 6.08
CA ALA A 32 4.65 -9.57 4.82
C ALA A 32 5.39 -8.67 3.84
N VAL A 33 5.73 -7.47 4.31
CA VAL A 33 6.46 -6.50 3.49
C VAL A 33 7.81 -7.10 3.10
N ALA A 34 8.36 -7.93 3.97
CA ALA A 34 9.65 -8.58 3.76
C ALA A 34 9.63 -9.56 2.61
N ARG A 35 8.78 -10.58 2.69
CA ARG A 35 8.70 -11.60 1.65
C ARG A 35 8.30 -10.95 0.32
N ALA A 36 7.43 -9.96 0.41
CA ALA A 36 6.99 -9.23 -0.77
C ALA A 36 8.14 -8.43 -1.38
N SER A 37 8.84 -7.67 -0.54
CA SER A 37 9.97 -6.86 -1.01
C SER A 37 11.10 -7.74 -1.55
N SER A 38 11.45 -8.78 -0.80
CA SER A 38 12.50 -9.69 -1.21
C SER A 38 12.20 -10.27 -2.58
N ALA A 39 10.93 -10.61 -2.82
CA ALA A 39 10.51 -11.17 -4.09
C ALA A 39 10.62 -10.13 -5.20
N ALA A 40 10.42 -8.86 -4.85
CA ALA A 40 10.50 -7.79 -5.83
C ALA A 40 11.94 -7.60 -6.32
N LEU A 41 12.90 -7.79 -5.42
CA LEU A 41 14.32 -7.62 -5.76
C LEU A 41 14.96 -8.93 -6.22
N SER A 42 14.76 -9.98 -5.45
CA SER A 42 15.35 -11.28 -5.73
C SER A 42 14.68 -12.00 -6.90
N CYS A 43 13.39 -11.80 -7.08
CA CYS A 43 12.67 -12.45 -8.16
C CYS A 43 12.48 -11.50 -9.33
N SER A 44 11.92 -10.35 -9.03
CA SER A 44 11.62 -9.32 -10.01
C SER A 44 10.82 -9.90 -11.19
N PRO A 45 9.60 -10.41 -10.92
CA PRO A 45 8.74 -10.98 -11.97
C PRO A 45 8.26 -9.93 -12.95
N ARG A 46 8.19 -8.69 -12.47
CA ARG A 46 7.76 -7.58 -13.27
C ARG A 46 8.96 -6.90 -13.92
N PRO A 47 8.84 -6.52 -15.20
CA PRO A 47 9.93 -5.88 -15.95
C PRO A 47 10.33 -4.53 -15.37
N THR A 48 9.53 -3.50 -15.63
CA THR A 48 9.81 -2.16 -15.15
C THR A 48 8.65 -1.65 -14.33
N PRO A 49 8.94 -1.05 -13.16
CA PRO A 49 7.91 -0.48 -12.27
C PRO A 49 7.05 0.55 -13.00
N ALA A 50 5.80 0.67 -12.55
CA ALA A 50 4.86 1.61 -13.18
C ALA A 50 4.14 2.43 -12.12
N VAL A 51 3.88 3.68 -12.44
CA VAL A 51 3.17 4.56 -11.52
C VAL A 51 1.68 4.27 -11.56
N VAL A 52 1.17 3.71 -10.48
CA VAL A 52 -0.24 3.38 -10.39
C VAL A 52 -0.93 4.33 -9.42
N HIS A 53 -2.24 4.17 -9.26
CA HIS A 53 -3.00 5.05 -8.39
C HIS A 53 -3.35 4.36 -7.09
N PHE A 54 -2.63 4.72 -6.03
CA PHE A 54 -2.86 4.16 -4.71
C PHE A 54 -3.60 5.17 -3.86
N LYS A 55 -4.82 4.83 -3.48
CA LYS A 55 -5.65 5.73 -2.70
C LYS A 55 -5.96 5.12 -1.35
N VAL A 56 -5.61 5.83 -0.29
CA VAL A 56 -5.87 5.36 1.05
C VAL A 56 -7.34 5.62 1.41
N SER A 57 -7.92 4.76 2.22
CA SER A 57 -9.30 4.92 2.61
C SER A 57 -9.48 4.50 4.06
N ALA A 58 -10.51 5.02 4.70
CA ALA A 58 -10.78 4.69 6.09
C ALA A 58 -11.48 3.34 6.20
N GLN A 59 -11.96 2.84 5.07
CA GLN A 59 -12.64 1.56 5.04
C GLN A 59 -11.88 0.56 4.17
N GLY A 60 -10.58 0.77 4.04
CA GLY A 60 -9.77 -0.13 3.25
C GLY A 60 -8.79 0.57 2.34
N ILE A 61 -8.23 -0.18 1.40
CA ILE A 61 -7.26 0.36 0.45
C ILE A 61 -7.86 0.43 -0.94
N THR A 62 -7.65 1.54 -1.62
CA THR A 62 -8.17 1.71 -2.96
C THR A 62 -7.05 1.57 -3.99
N LEU A 63 -7.07 0.48 -4.73
CA LEU A 63 -6.08 0.23 -5.76
C LEU A 63 -6.67 0.57 -7.12
N THR A 64 -6.19 1.63 -7.74
CA THR A 64 -6.71 2.05 -9.03
C THR A 64 -5.64 1.98 -10.12
N ASP A 65 -5.97 1.32 -11.21
CA ASP A 65 -5.06 1.19 -12.35
C ASP A 65 -5.68 1.88 -13.56
N ASN A 66 -5.27 3.12 -13.80
CA ASN A 66 -5.78 3.88 -14.93
C ASN A 66 -5.14 3.43 -16.23
N GLN A 67 -4.04 2.69 -16.13
CA GLN A 67 -3.34 2.20 -17.30
C GLN A 67 -3.91 0.85 -17.71
N ARG A 68 -4.41 0.13 -16.71
CA ARG A 68 -5.01 -1.19 -16.89
C ARG A 68 -3.97 -2.18 -17.39
N LYS A 69 -2.77 -2.08 -16.82
CA LYS A 69 -1.69 -2.96 -17.19
C LYS A 69 -1.65 -4.15 -16.25
N LEU A 70 -2.07 -3.92 -15.02
CA LEU A 70 -2.07 -4.97 -14.01
C LEU A 70 -3.46 -5.58 -13.90
N PHE A 71 -4.46 -4.74 -13.65
CA PHE A 71 -5.83 -5.19 -13.51
C PHE A 71 -6.79 -4.00 -13.52
N PHE A 72 -7.89 -4.13 -12.80
CA PHE A 72 -8.89 -3.07 -12.70
C PHE A 72 -8.84 -2.43 -11.32
N ARG A 73 -9.53 -1.31 -11.16
CA ARG A 73 -9.54 -0.62 -9.87
C ARG A 73 -10.39 -1.39 -8.85
N ARG A 74 -9.77 -1.75 -7.74
CA ARG A 74 -10.44 -2.50 -6.69
C ARG A 74 -10.18 -1.89 -5.33
N HIS A 75 -11.24 -1.60 -4.59
CA HIS A 75 -11.12 -1.04 -3.26
C HIS A 75 -11.31 -2.15 -2.23
N TYR A 76 -10.19 -2.60 -1.66
CA TYR A 76 -10.21 -3.67 -0.68
C TYR A 76 -10.72 -3.15 0.66
N PRO A 77 -11.77 -3.77 1.18
CA PRO A 77 -12.34 -3.38 2.47
C PRO A 77 -11.37 -3.59 3.63
N VAL A 78 -11.53 -2.79 4.68
CA VAL A 78 -10.65 -2.88 5.86
C VAL A 78 -10.80 -4.25 6.51
N ASN A 79 -11.91 -4.93 6.24
CA ASN A 79 -12.16 -6.26 6.79
C ASN A 79 -11.16 -7.26 6.21
N SER A 80 -10.71 -6.99 4.99
CA SER A 80 -9.78 -7.87 4.32
C SER A 80 -8.33 -7.50 4.67
N ILE A 81 -8.14 -6.26 5.08
CA ILE A 81 -6.82 -5.78 5.43
C ILE A 81 -6.45 -6.22 6.84
N THR A 82 -5.31 -6.88 6.96
CA THR A 82 -4.86 -7.36 8.25
C THR A 82 -3.71 -6.50 8.78
N PHE A 83 -3.00 -5.84 7.87
CA PHE A 83 -1.89 -4.96 8.25
C PHE A 83 -1.35 -4.22 7.03
N SER A 84 -0.74 -3.07 7.26
CA SER A 84 -0.15 -2.27 6.20
C SER A 84 1.14 -1.62 6.68
N SER A 85 2.25 -1.93 6.03
CA SER A 85 3.55 -1.36 6.41
C SER A 85 4.32 -0.93 5.17
N THR A 86 5.40 -0.19 5.37
CA THR A 86 6.22 0.30 4.29
C THR A 86 7.68 -0.10 4.46
N ASP A 87 7.93 -1.12 5.24
CA ASP A 87 9.29 -1.55 5.48
C ASP A 87 9.36 -2.79 6.34
N PRO A 88 9.82 -3.91 5.78
CA PRO A 88 10.00 -5.14 6.55
C PRO A 88 11.10 -4.97 7.58
N GLN A 89 12.24 -4.49 7.10
CA GLN A 89 13.41 -4.28 7.93
C GLN A 89 14.12 -3.00 7.51
N ASP A 90 13.36 -2.06 6.90
CA ASP A 90 13.93 -0.80 6.43
C ASP A 90 14.75 -1.03 5.16
N ARG A 91 14.06 -1.51 4.14
CA ARG A 91 14.65 -1.81 2.84
C ARG A 91 14.16 -0.81 1.81
N ARG A 92 14.90 -0.62 0.74
CA ARG A 92 14.49 0.32 -0.29
C ARG A 92 14.60 -0.28 -1.70
N TRP A 93 13.87 0.31 -2.63
CA TRP A 93 13.86 -0.12 -4.02
C TRP A 93 14.79 0.76 -4.84
N THR A 94 15.47 0.17 -5.81
CA THR A 94 16.38 0.90 -6.66
C THR A 94 15.86 0.90 -8.09
N ASN A 95 15.53 2.08 -8.59
CA ASN A 95 15.03 2.23 -9.95
C ASN A 95 16.19 2.17 -10.94
N PRO A 96 15.92 1.75 -12.19
CA PRO A 96 16.94 1.63 -13.23
C PRO A 96 17.67 2.95 -13.51
N ASP A 97 17.08 4.05 -13.09
CA ASP A 97 17.68 5.37 -13.29
C ASP A 97 18.78 5.63 -12.26
N GLY A 98 18.69 4.93 -11.13
CA GLY A 98 19.67 5.11 -10.08
C GLY A 98 19.10 5.74 -8.83
N THR A 99 17.78 5.90 -8.82
CA THR A 99 17.11 6.51 -7.69
C THR A 99 16.63 5.43 -6.71
N THR A 100 16.54 5.77 -5.44
CA THR A 100 16.10 4.82 -4.43
C THR A 100 14.96 5.38 -3.58
N SER A 101 13.97 4.54 -3.32
CA SER A 101 12.82 4.93 -2.51
C SER A 101 12.36 3.75 -1.66
N LYS A 102 11.54 4.00 -0.65
CA LYS A 102 11.07 2.93 0.21
C LYS A 102 10.07 2.03 -0.53
N ILE A 103 9.70 0.92 0.11
CA ILE A 103 8.76 -0.01 -0.50
C ILE A 103 7.67 -0.37 0.50
N PHE A 104 6.42 -0.12 0.14
CA PHE A 104 5.32 -0.42 1.04
C PHE A 104 4.52 -1.61 0.55
N GLY A 105 3.89 -2.30 1.49
CA GLY A 105 3.08 -3.44 1.17
C GLY A 105 1.92 -3.56 2.13
N PHE A 106 0.72 -3.73 1.58
CA PHE A 106 -0.46 -3.86 2.41
C PHE A 106 -0.97 -5.28 2.31
N VAL A 107 -1.25 -5.86 3.47
CA VAL A 107 -1.73 -7.21 3.55
C VAL A 107 -3.24 -7.28 3.48
N ALA A 108 -3.76 -7.82 2.38
CA ALA A 108 -5.19 -7.95 2.20
C ALA A 108 -5.56 -9.39 1.85
N LYS A 109 -6.60 -9.90 2.50
CA LYS A 109 -7.06 -11.26 2.26
C LYS A 109 -7.68 -11.38 0.88
N LYS A 110 -7.59 -12.57 0.29
CA LYS A 110 -8.12 -12.80 -1.04
C LYS A 110 -9.59 -13.24 -0.97
N PRO A 111 -10.41 -12.77 -1.91
CA PRO A 111 -11.83 -13.11 -1.97
C PRO A 111 -12.04 -14.59 -2.26
N GLY A 112 -12.81 -15.25 -1.40
CA GLY A 112 -13.07 -16.67 -1.57
C GLY A 112 -12.27 -17.49 -0.61
N SER A 113 -11.12 -16.96 -0.22
CA SER A 113 -10.24 -17.62 0.72
C SER A 113 -9.80 -16.64 1.81
N PRO A 114 -10.70 -16.34 2.77
CA PRO A 114 -10.42 -15.39 3.86
C PRO A 114 -9.35 -15.88 4.82
N TRP A 115 -8.94 -17.14 4.71
CA TRP A 115 -7.91 -17.67 5.58
C TRP A 115 -6.53 -17.36 5.03
N GLU A 116 -6.47 -16.81 3.82
CA GLU A 116 -5.22 -16.44 3.19
C GLU A 116 -5.24 -14.98 2.78
N ASN A 117 -4.07 -14.37 2.71
CA ASN A 117 -3.95 -12.97 2.34
C ASN A 117 -2.76 -12.78 1.41
N VAL A 118 -2.77 -11.68 0.67
CA VAL A 118 -1.71 -11.37 -0.26
C VAL A 118 -1.22 -9.95 -0.04
N CYS A 119 0.08 -9.75 -0.10
CA CYS A 119 0.67 -8.44 0.10
C CYS A 119 1.03 -7.81 -1.23
N HIS A 120 0.28 -6.79 -1.63
CA HIS A 120 0.57 -6.09 -2.87
C HIS A 120 1.66 -5.08 -2.58
N LEU A 121 2.84 -5.35 -3.11
CA LEU A 121 4.00 -4.50 -2.87
C LEU A 121 4.13 -3.39 -3.89
N PHE A 122 4.31 -2.18 -3.40
CA PHE A 122 4.47 -1.00 -4.23
C PHE A 122 5.62 -0.14 -3.71
N ALA A 123 6.38 0.45 -4.59
CA ALA A 123 7.50 1.29 -4.21
C ALA A 123 7.05 2.73 -3.99
N GLU A 124 7.77 3.44 -3.15
CA GLU A 124 7.47 4.82 -2.85
C GLU A 124 7.73 5.69 -4.07
N LEU A 125 6.92 6.72 -4.24
CA LEU A 125 7.07 7.63 -5.37
C LEU A 125 7.94 8.82 -4.98
N ASP A 126 7.32 9.99 -4.87
CA ASP A 126 8.03 11.21 -4.50
C ASP A 126 7.11 12.16 -3.75
N PRO A 127 6.92 11.93 -2.46
CA PRO A 127 6.07 12.76 -1.62
C PRO A 127 6.87 13.71 -0.72
N ASP A 128 6.22 14.20 0.31
CA ASP A 128 6.83 15.09 1.29
C ASP A 128 6.97 14.31 2.57
N GLN A 129 5.98 13.48 2.81
CA GLN A 129 5.94 12.60 3.95
C GLN A 129 6.22 11.18 3.46
N PRO A 130 7.14 10.47 4.11
CA PRO A 130 7.52 9.11 3.72
C PRO A 130 6.32 8.17 3.64
N ALA A 131 6.38 7.23 2.70
CA ALA A 131 5.32 6.25 2.52
C ALA A 131 5.11 5.45 3.80
N GLY A 132 6.15 5.38 4.63
CA GLY A 132 6.07 4.68 5.89
C GLY A 132 5.11 5.37 6.84
N ALA A 133 5.04 6.68 6.76
CA ALA A 133 4.16 7.46 7.60
C ALA A 133 2.71 7.18 7.23
N ILE A 134 2.48 7.00 5.93
CA ILE A 134 1.16 6.73 5.39
C ILE A 134 0.56 5.47 6.03
N VAL A 135 1.28 4.36 5.95
CA VAL A 135 0.81 3.11 6.53
C VAL A 135 0.75 3.19 8.05
N THR A 136 1.63 4.00 8.63
CA THR A 136 1.68 4.18 10.08
C THR A 136 0.33 4.62 10.62
N PHE A 137 -0.25 5.67 10.04
CA PHE A 137 -1.54 6.14 10.52
C PHE A 137 -2.65 5.22 10.03
N ILE A 138 -2.47 4.64 8.85
CA ILE A 138 -3.43 3.74 8.26
C ILE A 138 -3.76 2.58 9.20
N THR A 139 -2.73 1.86 9.63
CA THR A 139 -2.93 0.72 10.53
C THR A 139 -3.57 1.17 11.85
N LYS A 140 -3.20 2.35 12.29
CA LYS A 140 -3.68 2.88 13.54
C LYS A 140 -5.13 3.39 13.45
N VAL A 141 -5.53 3.92 12.30
CA VAL A 141 -6.89 4.43 12.15
C VAL A 141 -7.85 3.38 11.59
N LEU A 142 -7.33 2.51 10.72
CA LEU A 142 -8.16 1.46 10.11
C LEU A 142 -8.41 0.32 11.08
N LEU A 143 -7.34 -0.18 11.67
CA LEU A 143 -7.44 -1.29 12.61
C LEU A 143 -7.75 -0.78 14.01
N GLY A 144 -7.59 0.53 14.21
CA GLY A 144 -7.83 1.11 15.52
C GLY A 144 -6.70 0.82 16.47
N GLN A 145 -5.52 0.63 15.91
CA GLN A 145 -4.32 0.32 16.68
C GLN A 145 -3.68 1.57 17.26
N ARG A 146 -4.25 2.71 16.96
CA ARG A 146 -3.71 3.98 17.44
C ARG A 146 -3.79 4.10 18.95
N LYS A 147 -2.81 4.76 19.51
CA LYS A 147 -2.72 4.98 20.94
C LYS A 147 -3.69 6.08 21.34
N GLU B 1 0.11 10.18 -0.90
CA GLU B 1 1.59 10.25 -1.02
C GLU B 1 2.05 11.69 -0.81
N ASP B 2 2.13 12.46 -1.89
CA ASP B 2 2.56 13.84 -1.82
C ASP B 2 1.37 14.77 -1.67
N HIS B 3 1.52 15.77 -0.80
CA HIS B 3 0.48 16.78 -0.54
C HIS B 3 -0.67 16.20 0.27
N LYS B 4 -1.17 16.99 1.21
CA LYS B 4 -2.28 16.58 2.06
C LYS B 4 -3.57 16.59 1.25
N PRO B 5 -4.34 15.49 1.30
CA PRO B 5 -5.60 15.37 0.56
C PRO B 5 -6.65 16.36 1.06
N GLY B 6 -7.12 17.20 0.16
CA GLY B 6 -8.13 18.17 0.51
C GLY B 6 -9.28 18.17 -0.49
N THR B 7 -9.62 16.97 -0.91
CA THR B 7 -10.69 16.74 -1.88
C THR B 7 -10.87 15.24 -2.03
N PHE B 8 -12.02 14.81 -2.55
CA PHE B 8 -12.30 13.38 -2.72
C PHE B 8 -12.12 12.63 -1.41
N PRO B 9 -13.12 12.66 -0.52
CA PRO B 9 -13.04 11.96 0.75
C PRO B 9 -13.66 10.57 0.71
N LYS B 10 -13.35 9.78 1.71
CA LYS B 10 -13.86 8.44 1.84
C LYS B 10 -14.77 8.38 3.06
N ALA B 11 -14.92 7.19 3.63
CA ALA B 11 -15.73 7.04 4.82
C ALA B 11 -15.05 7.78 5.97
N LEU B 12 -15.77 8.65 6.64
CA LEU B 12 -15.19 9.41 7.73
C LEU B 12 -15.17 8.60 9.03
N THR B 13 -14.33 7.59 9.06
CA THR B 13 -14.20 6.72 10.23
C THR B 13 -13.43 7.42 11.35
N ASN B 14 -12.28 7.99 11.01
CA ASN B 14 -11.46 8.67 12.00
C ASN B 14 -11.63 10.18 11.88
N MET A 1 -0.15 10.84 13.98
CA MET A 1 -1.60 10.49 13.94
C MET A 1 -2.47 11.74 14.05
N SER A 2 -1.88 12.91 13.84
CA SER A 2 -2.62 14.15 13.93
C SER A 2 -3.45 14.38 12.67
N THR A 3 -4.71 14.74 12.85
CA THR A 3 -5.63 14.98 11.75
C THR A 3 -5.62 13.81 10.77
N ALA A 4 -5.59 12.60 11.32
CA ALA A 4 -5.56 11.38 10.52
C ALA A 4 -6.89 11.16 9.81
N ALA A 5 -8.00 11.39 10.52
CA ALA A 5 -9.33 11.22 9.97
C ALA A 5 -9.51 12.09 8.74
N ASP A 6 -8.83 13.23 8.72
CA ASP A 6 -8.89 14.17 7.61
C ASP A 6 -8.33 13.54 6.33
N LEU A 7 -7.34 12.69 6.48
CA LEU A 7 -6.72 12.03 5.33
C LEU A 7 -7.68 11.04 4.68
N LEU A 8 -8.45 10.36 5.49
CA LEU A 8 -9.40 9.36 4.98
C LEU A 8 -10.71 10.01 4.56
N ARG A 9 -11.16 10.99 5.34
CA ARG A 9 -12.42 11.68 5.05
C ARG A 9 -12.30 12.56 3.82
N GLN A 10 -11.08 12.99 3.53
CA GLN A 10 -10.82 13.82 2.36
C GLN A 10 -10.36 12.96 1.20
N GLY A 11 -10.03 11.71 1.50
CA GLY A 11 -9.58 10.78 0.47
C GLY A 11 -8.21 11.15 -0.07
N ALA A 12 -7.17 10.78 0.66
CA ALA A 12 -5.80 11.06 0.26
C ALA A 12 -5.45 10.28 -1.00
N ALA A 13 -5.29 11.00 -2.10
CA ALA A 13 -4.96 10.40 -3.37
C ALA A 13 -3.54 10.76 -3.77
N CYS A 14 -2.65 9.77 -3.79
CA CYS A 14 -1.25 10.00 -4.14
C CYS A 14 -0.83 9.04 -5.24
N SER A 15 0.46 9.08 -5.59
CA SER A 15 0.99 8.22 -6.64
C SER A 15 1.94 7.18 -6.04
N VAL A 16 1.82 5.94 -6.51
CA VAL A 16 2.67 4.86 -6.03
C VAL A 16 3.17 4.01 -7.20
N LEU A 17 4.31 3.37 -7.01
CA LEU A 17 4.90 2.53 -8.05
C LEU A 17 4.55 1.07 -7.78
N TYR A 18 3.84 0.46 -8.71
CA TYR A 18 3.44 -0.93 -8.55
C TYR A 18 4.61 -1.86 -8.86
N LEU A 19 4.75 -2.91 -8.07
CA LEU A 19 5.83 -3.86 -8.26
C LEU A 19 5.27 -5.25 -8.58
N THR A 20 4.62 -5.86 -7.59
CA THR A 20 4.05 -7.20 -7.79
C THR A 20 3.32 -7.66 -6.51
N SER A 21 2.57 -8.76 -6.63
CA SER A 21 1.84 -9.30 -5.49
C SER A 21 2.48 -10.61 -5.04
N VAL A 22 2.73 -10.73 -3.74
CA VAL A 22 3.35 -11.94 -3.20
C VAL A 22 2.51 -12.51 -2.05
N GLU A 23 2.18 -13.79 -2.13
CA GLU A 23 1.38 -14.45 -1.10
C GLU A 23 2.08 -14.43 0.26
N THR A 24 1.35 -14.09 1.30
CA THR A 24 1.91 -14.01 2.65
C THR A 24 0.94 -14.57 3.68
N GLU A 25 0.05 -15.45 3.24
CA GLU A 25 -0.97 -16.05 4.11
C GLU A 25 -0.37 -16.72 5.35
N SER A 26 0.76 -17.39 5.17
CA SER A 26 1.41 -18.09 6.27
C SER A 26 2.40 -17.18 7.01
N LEU A 27 2.61 -15.98 6.47
CA LEU A 27 3.55 -15.05 7.06
C LEU A 27 2.88 -14.11 8.06
N THR A 28 3.71 -13.42 8.82
CA THR A 28 3.24 -12.47 9.81
C THR A 28 3.26 -11.06 9.21
N GLY A 29 3.10 -10.05 10.05
CA GLY A 29 3.08 -8.68 9.58
C GLY A 29 4.32 -8.26 8.81
N PRO A 30 5.43 -7.93 9.50
CA PRO A 30 6.68 -7.52 8.85
C PRO A 30 7.23 -8.56 7.87
N GLN A 31 7.13 -9.84 8.25
CA GLN A 31 7.62 -10.92 7.41
C GLN A 31 6.90 -10.93 6.05
N ALA A 32 5.65 -10.47 6.03
CA ALA A 32 4.90 -10.40 4.79
C ALA A 32 5.62 -9.49 3.79
N VAL A 33 5.95 -8.28 4.24
CA VAL A 33 6.67 -7.32 3.41
C VAL A 33 8.05 -7.87 3.05
N ALA A 34 8.61 -8.66 3.96
CA ALA A 34 9.92 -9.26 3.75
C ALA A 34 9.93 -10.21 2.56
N ARG A 35 9.07 -11.22 2.59
CA ARG A 35 9.00 -12.18 1.50
C ARG A 35 8.61 -11.47 0.21
N ALA A 36 7.63 -10.56 0.32
CA ALA A 36 7.16 -9.81 -0.83
C ALA A 36 8.31 -9.04 -1.48
N SER A 37 9.13 -8.38 -0.67
CA SER A 37 10.25 -7.62 -1.19
C SER A 37 11.35 -8.57 -1.66
N SER A 38 11.63 -9.62 -0.89
CA SER A 38 12.65 -10.59 -1.24
C SER A 38 12.37 -11.17 -2.62
N ALA A 39 11.13 -11.57 -2.85
CA ALA A 39 10.72 -12.13 -4.12
C ALA A 39 10.97 -11.13 -5.25
N ALA A 40 10.78 -9.86 -4.96
CA ALA A 40 10.98 -8.80 -5.93
C ALA A 40 12.47 -8.57 -6.21
N LEU A 41 13.28 -8.58 -5.16
CA LEU A 41 14.72 -8.37 -5.32
C LEU A 41 15.36 -9.58 -5.96
N SER A 42 14.95 -10.76 -5.52
CA SER A 42 15.50 -12.02 -6.02
C SER A 42 15.00 -12.38 -7.42
N CYS A 43 13.77 -12.03 -7.76
CA CYS A 43 13.24 -12.39 -9.07
C CYS A 43 12.32 -11.33 -9.67
N SER A 44 11.21 -11.07 -8.99
CA SER A 44 10.18 -10.13 -9.43
C SER A 44 9.65 -10.51 -10.82
N PRO A 45 8.52 -11.23 -10.85
CA PRO A 45 7.88 -11.67 -12.10
C PRO A 45 7.60 -10.51 -13.05
N ARG A 46 7.34 -9.35 -12.47
CA ARG A 46 7.08 -8.14 -13.25
C ARG A 46 8.41 -7.51 -13.64
N PRO A 47 8.72 -7.50 -14.94
CA PRO A 47 9.99 -6.94 -15.46
C PRO A 47 10.14 -5.45 -15.18
N THR A 48 9.09 -4.67 -15.41
CA THR A 48 9.16 -3.25 -15.20
C THR A 48 7.99 -2.73 -14.36
N PRO A 49 8.28 -1.94 -13.32
CA PRO A 49 7.27 -1.35 -12.45
C PRO A 49 6.52 -0.20 -13.15
N ALA A 50 5.39 0.20 -12.60
CA ALA A 50 4.59 1.28 -13.19
C ALA A 50 4.03 2.21 -12.12
N VAL A 51 3.86 3.47 -12.47
CA VAL A 51 3.32 4.46 -11.55
C VAL A 51 1.80 4.52 -11.66
N VAL A 52 1.12 4.06 -10.62
CA VAL A 52 -0.33 4.05 -10.61
C VAL A 52 -0.86 5.02 -9.55
N HIS A 53 -2.17 5.13 -9.44
CA HIS A 53 -2.78 6.02 -8.46
C HIS A 53 -3.08 5.25 -7.19
N PHE A 54 -2.73 5.82 -6.06
CA PHE A 54 -2.93 5.17 -4.77
C PHE A 54 -3.79 6.05 -3.87
N LYS A 55 -4.87 5.50 -3.35
CA LYS A 55 -5.76 6.25 -2.47
C LYS A 55 -5.95 5.52 -1.15
N VAL A 56 -5.89 6.25 -0.05
CA VAL A 56 -6.05 5.66 1.26
C VAL A 56 -7.38 6.04 1.90
N SER A 57 -8.00 5.06 2.53
CA SER A 57 -9.28 5.27 3.20
C SER A 57 -9.33 4.45 4.49
N ALA A 58 -10.20 4.81 5.41
CA ALA A 58 -10.32 4.08 6.67
C ALA A 58 -11.11 2.79 6.49
N GLN A 59 -11.65 2.60 5.31
CA GLN A 59 -12.40 1.39 5.00
C GLN A 59 -11.56 0.46 4.14
N GLY A 60 -10.30 0.82 3.96
CA GLY A 60 -9.41 0.02 3.16
C GLY A 60 -8.55 0.85 2.24
N ILE A 61 -7.68 0.18 1.49
CA ILE A 61 -6.80 0.87 0.56
C ILE A 61 -7.35 0.77 -0.86
N THR A 62 -7.23 1.86 -1.61
CA THR A 62 -7.74 1.89 -2.96
C THR A 62 -6.62 1.96 -4.00
N LEU A 63 -6.65 1.03 -4.94
CA LEU A 63 -5.67 0.99 -6.01
C LEU A 63 -6.33 1.49 -7.29
N THR A 64 -5.79 2.54 -7.87
CA THR A 64 -6.36 3.11 -9.08
C THR A 64 -5.41 2.97 -10.27
N ASP A 65 -5.76 2.08 -11.18
CA ASP A 65 -4.95 1.87 -12.37
C ASP A 65 -5.34 2.88 -13.44
N ASN A 66 -4.78 4.08 -13.33
CA ASN A 66 -5.07 5.16 -14.27
C ASN A 66 -4.40 4.89 -15.61
N GLN A 67 -3.48 3.94 -15.62
CA GLN A 67 -2.78 3.56 -16.83
C GLN A 67 -3.56 2.49 -17.58
N ARG A 68 -4.37 1.75 -16.83
CA ARG A 68 -5.20 0.67 -17.36
C ARG A 68 -4.35 -0.40 -18.02
N LYS A 69 -3.12 -0.54 -17.53
CA LYS A 69 -2.19 -1.52 -18.06
C LYS A 69 -2.25 -2.82 -17.26
N LEU A 70 -2.76 -2.73 -16.04
CA LEU A 70 -2.87 -3.89 -15.18
C LEU A 70 -4.27 -4.46 -15.21
N PHE A 71 -5.24 -3.66 -14.79
CA PHE A 71 -6.63 -4.09 -14.77
C PHE A 71 -7.58 -2.91 -14.60
N PHE A 72 -8.07 -2.71 -13.40
CA PHE A 72 -8.99 -1.62 -13.11
C PHE A 72 -8.81 -1.12 -11.70
N ARG A 73 -9.47 0.00 -11.38
CA ARG A 73 -9.40 0.58 -10.04
C ARG A 73 -10.24 -0.24 -9.07
N ARG A 74 -9.67 -0.59 -7.92
CA ARG A 74 -10.36 -1.39 -6.93
C ARG A 74 -9.86 -1.10 -5.52
N HIS A 75 -10.77 -1.05 -4.56
CA HIS A 75 -10.40 -0.81 -3.17
C HIS A 75 -10.62 -2.07 -2.34
N TYR A 76 -9.66 -2.37 -1.48
CA TYR A 76 -9.71 -3.54 -0.64
C TYR A 76 -10.29 -3.18 0.73
N PRO A 77 -11.41 -3.83 1.11
CA PRO A 77 -12.08 -3.58 2.38
C PRO A 77 -11.21 -3.86 3.60
N VAL A 78 -11.46 -3.14 4.68
CA VAL A 78 -10.69 -3.29 5.91
C VAL A 78 -10.87 -4.67 6.53
N ASN A 79 -11.92 -5.38 6.14
CA ASN A 79 -12.17 -6.72 6.67
C ASN A 79 -11.22 -7.73 6.03
N SER A 80 -10.66 -7.37 4.89
CA SER A 80 -9.73 -8.26 4.21
C SER A 80 -8.29 -7.87 4.54
N ILE A 81 -8.08 -6.61 4.89
CA ILE A 81 -6.76 -6.11 5.24
C ILE A 81 -6.41 -6.52 6.66
N THR A 82 -5.30 -7.22 6.82
CA THR A 82 -4.88 -7.67 8.13
C THR A 82 -3.68 -6.92 8.66
N PHE A 83 -2.86 -6.38 7.75
CA PHE A 83 -1.66 -5.66 8.15
C PHE A 83 -1.18 -4.74 7.05
N SER A 84 -0.45 -3.69 7.41
CA SER A 84 0.07 -2.73 6.45
C SER A 84 1.41 -2.16 6.92
N SER A 85 2.45 -2.34 6.11
CA SER A 85 3.78 -1.83 6.44
C SER A 85 4.49 -1.35 5.17
N THR A 86 5.55 -0.58 5.35
CA THR A 86 6.30 -0.04 4.22
C THR A 86 7.72 -0.57 4.18
N ASP A 87 7.96 -1.61 4.97
CA ASP A 87 9.26 -2.26 5.02
C ASP A 87 9.28 -3.33 6.09
N PRO A 88 9.86 -4.50 5.78
CA PRO A 88 10.00 -5.59 6.73
C PRO A 88 11.08 -5.25 7.76
N GLN A 89 12.24 -4.88 7.24
CA GLN A 89 13.38 -4.53 8.05
C GLN A 89 14.01 -3.25 7.48
N ASP A 90 13.17 -2.40 6.91
CA ASP A 90 13.61 -1.13 6.31
C ASP A 90 14.41 -1.37 5.03
N ARG A 91 13.76 -2.00 4.05
CA ARG A 91 14.38 -2.28 2.76
C ARG A 91 14.06 -1.17 1.76
N ARG A 92 14.72 -1.21 0.61
CA ARG A 92 14.49 -0.21 -0.43
C ARG A 92 14.59 -0.84 -1.83
N TRP A 93 13.75 -0.35 -2.73
CA TRP A 93 13.70 -0.84 -4.10
C TRP A 93 14.56 0.04 -4.99
N THR A 94 15.29 -0.58 -5.91
CA THR A 94 16.15 0.14 -6.82
C THR A 94 15.49 0.26 -8.19
N ASN A 95 15.27 1.48 -8.63
CA ASN A 95 14.66 1.74 -9.93
C ASN A 95 15.71 1.61 -11.04
N PRO A 96 15.27 1.35 -12.28
CA PRO A 96 16.18 1.19 -13.43
C PRO A 96 16.98 2.45 -13.74
N ASP A 97 16.61 3.56 -13.12
CA ASP A 97 17.30 4.82 -13.32
C ASP A 97 18.50 4.93 -12.40
N GLY A 98 18.48 4.15 -11.32
CA GLY A 98 19.56 4.15 -10.36
C GLY A 98 19.13 4.78 -9.05
N THR A 99 17.84 4.98 -8.93
CA THR A 99 17.25 5.58 -7.76
C THR A 99 16.72 4.52 -6.80
N THR A 100 16.42 4.92 -5.57
CA THR A 100 15.92 3.99 -4.58
C THR A 100 14.70 4.55 -3.85
N SER A 101 13.75 3.67 -3.55
CA SER A 101 12.52 4.07 -2.86
C SER A 101 12.08 2.99 -1.88
N LYS A 102 11.28 3.37 -0.89
CA LYS A 102 10.77 2.43 0.09
C LYS A 102 9.85 1.41 -0.56
N ILE A 103 9.91 0.17 -0.08
CA ILE A 103 9.05 -0.88 -0.59
C ILE A 103 7.94 -1.13 0.40
N PHE A 104 6.73 -0.83 0.02
CA PHE A 104 5.60 -1.00 0.90
C PHE A 104 4.78 -2.21 0.48
N GLY A 105 4.22 -2.87 1.47
CA GLY A 105 3.42 -4.04 1.22
C GLY A 105 2.30 -4.15 2.21
N PHE A 106 1.08 -4.26 1.72
CA PHE A 106 -0.06 -4.38 2.59
C PHE A 106 -0.62 -5.79 2.49
N VAL A 107 -0.98 -6.34 3.62
CA VAL A 107 -1.50 -7.69 3.67
C VAL A 107 -3.02 -7.68 3.63
N ALA A 108 -3.57 -8.18 2.54
CA ALA A 108 -5.01 -8.24 2.38
C ALA A 108 -5.44 -9.57 1.82
N LYS A 109 -6.57 -10.07 2.29
CA LYS A 109 -7.12 -11.33 1.81
C LYS A 109 -7.58 -11.18 0.38
N LYS A 110 -7.32 -12.18 -0.44
CA LYS A 110 -7.73 -12.14 -1.84
C LYS A 110 -9.21 -12.45 -1.96
N PRO A 111 -9.94 -11.64 -2.73
CA PRO A 111 -11.38 -11.82 -2.95
C PRO A 111 -11.71 -13.24 -3.37
N GLY A 112 -12.54 -13.91 -2.57
CA GLY A 112 -12.92 -15.27 -2.86
C GLY A 112 -12.27 -16.24 -1.91
N SER A 113 -11.12 -15.85 -1.37
CA SER A 113 -10.38 -16.68 -0.44
C SER A 113 -9.93 -15.84 0.77
N PRO A 114 -10.86 -15.54 1.70
CA PRO A 114 -10.53 -14.76 2.90
C PRO A 114 -9.66 -15.53 3.89
N TRP A 115 -9.40 -16.79 3.57
CA TRP A 115 -8.57 -17.64 4.42
C TRP A 115 -7.10 -17.36 4.15
N GLU A 116 -6.81 -16.83 2.97
CA GLU A 116 -5.45 -16.51 2.60
C GLU A 116 -5.31 -15.02 2.38
N ASN A 117 -4.14 -14.49 2.69
CA ASN A 117 -3.87 -13.08 2.52
C ASN A 117 -2.62 -12.89 1.67
N VAL A 118 -2.68 -11.93 0.77
CA VAL A 118 -1.57 -11.67 -0.13
C VAL A 118 -1.03 -10.26 0.10
N CYS A 119 0.28 -10.12 0.00
CA CYS A 119 0.93 -8.83 0.20
C CYS A 119 1.27 -8.21 -1.14
N HIS A 120 0.56 -7.17 -1.51
CA HIS A 120 0.82 -6.49 -2.77
C HIS A 120 1.93 -5.48 -2.56
N LEU A 121 3.02 -5.66 -3.27
CA LEU A 121 4.19 -4.80 -3.16
C LEU A 121 4.06 -3.56 -4.02
N PHE A 122 4.21 -2.41 -3.37
CA PHE A 122 4.13 -1.12 -4.05
C PHE A 122 5.22 -0.20 -3.52
N ALA A 123 6.15 0.15 -4.40
CA ALA A 123 7.23 1.04 -4.02
C ALA A 123 6.73 2.49 -4.02
N GLU A 124 7.17 3.28 -3.08
CA GLU A 124 6.74 4.67 -2.98
C GLU A 124 7.46 5.54 -4.00
N LEU A 125 6.83 6.65 -4.35
CA LEU A 125 7.40 7.59 -5.30
C LEU A 125 8.18 8.67 -4.55
N ASP A 126 8.24 9.88 -5.10
CA ASP A 126 8.95 10.97 -4.45
C ASP A 126 8.01 12.17 -4.21
N PRO A 127 7.01 12.01 -3.33
CA PRO A 127 6.06 13.07 -3.03
C PRO A 127 6.41 13.80 -1.74
N ASP A 128 5.41 14.42 -1.13
CA ASP A 128 5.61 15.13 0.12
C ASP A 128 5.54 14.12 1.27
N GLN A 129 4.48 13.32 1.26
CA GLN A 129 4.30 12.29 2.26
C GLN A 129 4.52 10.93 1.62
N PRO A 130 5.60 10.25 2.00
CA PRO A 130 5.96 8.93 1.46
C PRO A 130 5.03 7.82 1.95
N ALA A 131 5.34 6.59 1.57
CA ALA A 131 4.55 5.44 1.96
C ALA A 131 4.59 5.26 3.48
N GLY A 132 5.74 5.55 4.06
CA GLY A 132 5.89 5.44 5.49
C GLY A 132 5.00 6.40 6.23
N ALA A 133 4.68 7.53 5.59
CA ALA A 133 3.84 8.55 6.20
C ALA A 133 2.38 8.13 6.20
N ILE A 134 1.89 7.59 5.09
CA ILE A 134 0.50 7.16 5.00
C ILE A 134 0.22 6.00 5.96
N VAL A 135 1.12 5.03 6.01
CA VAL A 135 0.93 3.89 6.92
C VAL A 135 1.06 4.34 8.37
N THR A 136 1.86 5.39 8.58
CA THR A 136 2.05 5.95 9.92
C THR A 136 0.71 6.17 10.62
N PHE A 137 -0.27 6.72 9.90
CA PHE A 137 -1.57 6.94 10.48
C PHE A 137 -2.52 5.79 10.12
N ILE A 138 -2.34 5.23 8.93
CA ILE A 138 -3.18 4.14 8.45
C ILE A 138 -3.24 2.98 9.44
N THR A 139 -2.10 2.64 10.03
CA THR A 139 -2.05 1.56 10.99
C THR A 139 -2.92 1.85 12.21
N LYS A 140 -2.91 3.10 12.64
CA LYS A 140 -3.67 3.52 13.81
C LYS A 140 -5.16 3.63 13.47
N VAL A 141 -5.45 3.94 12.22
CA VAL A 141 -6.83 4.10 11.77
C VAL A 141 -7.44 2.78 11.30
N LEU A 142 -6.80 2.16 10.31
CA LEU A 142 -7.28 0.91 9.72
C LEU A 142 -7.21 -0.26 10.68
N LEU A 143 -6.02 -0.48 11.24
CA LEU A 143 -5.82 -1.60 12.17
C LEU A 143 -6.30 -1.23 13.56
N GLY A 144 -6.35 0.07 13.83
CA GLY A 144 -6.80 0.55 15.13
C GLY A 144 -5.90 0.07 16.25
N GLN A 145 -4.59 0.12 16.04
CA GLN A 145 -3.64 -0.34 17.04
C GLN A 145 -3.39 0.75 18.08
N ARG A 146 -3.85 1.95 17.80
CA ARG A 146 -3.67 3.07 18.71
C ARG A 146 -4.68 3.01 19.85
N LYS A 147 -4.26 3.47 21.01
CA LYS A 147 -5.11 3.48 22.19
C LYS A 147 -5.47 4.92 22.53
N GLU B 1 2.86 13.39 -7.48
CA GLU B 1 3.15 12.19 -6.66
C GLU B 1 2.28 12.18 -5.41
N ASP B 2 1.76 13.34 -5.03
CA ASP B 2 0.89 13.48 -3.87
C ASP B 2 0.21 14.84 -3.90
N HIS B 3 -1.09 14.86 -3.71
CA HIS B 3 -1.84 16.10 -3.72
C HIS B 3 -2.84 16.13 -2.56
N LYS B 4 -3.34 17.32 -2.25
CA LYS B 4 -4.30 17.49 -1.16
C LYS B 4 -5.52 16.61 -1.37
N PRO B 5 -5.85 15.77 -0.37
CA PRO B 5 -7.00 14.87 -0.42
C PRO B 5 -8.30 15.59 -0.79
N GLY B 6 -8.94 15.12 -1.85
CA GLY B 6 -10.17 15.73 -2.31
C GLY B 6 -11.04 14.75 -3.07
N THR B 7 -11.25 13.57 -2.49
CA THR B 7 -12.05 12.54 -3.10
C THR B 7 -12.65 11.65 -1.99
N PHE B 8 -13.43 10.64 -2.39
CA PHE B 8 -14.06 9.72 -1.44
C PHE B 8 -15.16 10.44 -0.63
N PRO B 9 -15.97 9.70 0.14
CA PRO B 9 -17.06 10.28 0.93
C PRO B 9 -16.61 10.79 2.30
N LYS B 10 -16.90 10.00 3.34
CA LYS B 10 -16.57 10.37 4.71
C LYS B 10 -15.28 9.71 5.17
N ALA B 11 -14.96 9.85 6.45
CA ALA B 11 -13.75 9.28 7.02
C ALA B 11 -13.72 7.77 6.85
N LEU B 12 -14.89 7.14 7.00
CA LEU B 12 -15.04 5.69 6.85
C LEU B 12 -14.36 4.95 8.01
N THR B 13 -14.10 5.68 9.08
CA THR B 13 -13.45 5.11 10.25
C THR B 13 -14.51 4.59 11.23
N ASN B 14 -14.13 3.60 12.02
CA ASN B 14 -15.04 2.99 12.98
C ASN B 14 -14.35 2.76 14.32
N MET A 1 1.11 13.13 12.98
CA MET A 1 -0.17 12.55 13.45
C MET A 1 -1.25 13.63 13.53
N SER A 2 -0.83 14.87 13.49
CA SER A 2 -1.75 15.99 13.55
C SER A 2 -2.54 16.12 12.26
N THR A 3 -1.84 16.03 11.15
CA THR A 3 -2.48 16.12 9.84
C THR A 3 -3.19 14.80 9.50
N ALA A 4 -2.72 13.73 10.13
CA ALA A 4 -3.27 12.39 9.94
C ALA A 4 -4.78 12.40 10.11
N ALA A 5 -5.25 13.09 11.15
CA ALA A 5 -6.69 13.19 11.43
C ALA A 5 -7.47 13.64 10.20
N ASP A 6 -7.08 14.76 9.63
CA ASP A 6 -7.74 15.31 8.45
C ASP A 6 -7.56 14.36 7.27
N LEU A 7 -6.38 13.77 7.17
CA LEU A 7 -6.05 12.85 6.09
C LEU A 7 -6.92 11.60 6.12
N LEU A 8 -7.12 11.03 7.29
CA LEU A 8 -7.91 9.82 7.43
C LEU A 8 -9.41 10.11 7.42
N ARG A 9 -9.83 11.19 8.05
CA ARG A 9 -11.25 11.52 8.13
C ARG A 9 -11.83 11.94 6.78
N GLN A 10 -11.00 12.52 5.94
CA GLN A 10 -11.46 12.97 4.64
C GLN A 10 -11.05 12.01 3.53
N GLY A 11 -9.95 11.29 3.75
CA GLY A 11 -9.48 10.34 2.75
C GLY A 11 -8.73 11.02 1.64
N ALA A 12 -7.42 10.82 1.59
CA ALA A 12 -6.59 11.44 0.57
C ALA A 12 -6.17 10.43 -0.49
N ALA A 13 -5.74 10.95 -1.64
CA ALA A 13 -5.28 10.11 -2.73
C ALA A 13 -3.75 10.14 -2.78
N CYS A 14 -3.15 8.99 -3.04
CA CYS A 14 -1.71 8.89 -3.10
C CYS A 14 -1.27 8.30 -4.45
N SER A 15 0.02 8.34 -4.71
CA SER A 15 0.57 7.81 -5.94
C SER A 15 1.75 6.90 -5.59
N VAL A 16 1.65 5.64 -5.97
CA VAL A 16 2.71 4.71 -5.65
C VAL A 16 3.22 3.99 -6.89
N LEU A 17 4.52 3.71 -6.87
CA LEU A 17 5.18 3.01 -7.95
C LEU A 17 4.97 1.50 -7.80
N TYR A 18 4.23 0.92 -8.72
CA TYR A 18 3.91 -0.50 -8.70
C TYR A 18 5.13 -1.37 -8.84
N LEU A 19 5.16 -2.47 -8.08
CA LEU A 19 6.28 -3.39 -8.13
C LEU A 19 5.79 -4.81 -8.40
N THR A 20 5.12 -5.43 -7.42
CA THR A 20 4.62 -6.80 -7.58
C THR A 20 3.65 -7.19 -6.46
N SER A 21 3.16 -8.42 -6.52
CA SER A 21 2.23 -8.96 -5.53
C SER A 21 2.62 -10.40 -5.17
N VAL A 22 2.84 -10.66 -3.88
CA VAL A 22 3.25 -11.98 -3.42
C VAL A 22 2.32 -12.49 -2.30
N GLU A 23 1.86 -13.73 -2.41
CA GLU A 23 0.97 -14.31 -1.41
C GLU A 23 1.69 -14.47 -0.07
N THR A 24 1.01 -14.11 1.00
CA THR A 24 1.59 -14.17 2.33
C THR A 24 0.59 -14.68 3.37
N GLU A 25 -0.30 -15.56 2.93
CA GLU A 25 -1.34 -16.13 3.80
C GLU A 25 -0.80 -16.69 5.13
N SER A 26 0.27 -17.46 5.06
CA SER A 26 0.85 -18.06 6.25
C SER A 26 1.79 -17.11 6.99
N LEU A 27 2.06 -15.95 6.40
CA LEU A 27 2.96 -14.98 7.00
C LEU A 27 2.23 -14.00 7.89
N THR A 28 2.99 -13.28 8.70
CA THR A 28 2.43 -12.28 9.59
C THR A 28 2.54 -10.91 8.94
N GLY A 29 2.11 -9.88 9.65
CA GLY A 29 2.14 -8.52 9.14
C GLY A 29 3.47 -8.12 8.51
N PRO A 30 4.52 -7.91 9.31
CA PRO A 30 5.83 -7.50 8.80
C PRO A 30 6.51 -8.55 7.92
N GLN A 31 6.42 -9.82 8.32
CA GLN A 31 7.04 -10.89 7.55
C GLN A 31 6.46 -10.99 6.15
N ALA A 32 5.18 -10.63 6.01
CA ALA A 32 4.52 -10.65 4.71
C ALA A 32 5.31 -9.79 3.73
N VAL A 33 5.54 -8.55 4.12
CA VAL A 33 6.28 -7.62 3.29
C VAL A 33 7.71 -8.09 3.11
N ALA A 34 8.27 -8.71 4.14
CA ALA A 34 9.64 -9.21 4.10
C ALA A 34 9.85 -10.21 2.97
N ARG A 35 9.00 -11.23 2.92
CA ARG A 35 9.11 -12.24 1.88
C ARG A 35 8.72 -11.65 0.53
N ALA A 36 7.67 -10.83 0.52
CA ALA A 36 7.20 -10.21 -0.71
C ALA A 36 8.26 -9.33 -1.35
N SER A 37 8.84 -8.42 -0.56
CA SER A 37 9.86 -7.51 -1.07
C SER A 37 11.09 -8.30 -1.53
N SER A 38 11.55 -9.21 -0.69
CA SER A 38 12.72 -10.02 -1.02
C SER A 38 12.51 -10.75 -2.34
N ALA A 39 11.32 -11.29 -2.55
CA ALA A 39 11.02 -11.99 -3.78
C ALA A 39 11.07 -11.04 -4.98
N ALA A 40 10.62 -9.81 -4.77
CA ALA A 40 10.62 -8.80 -5.82
C ALA A 40 12.03 -8.37 -6.18
N LEU A 41 12.95 -8.46 -5.24
CA LEU A 41 14.34 -8.07 -5.49
C LEU A 41 15.17 -9.26 -5.94
N SER A 42 15.01 -10.38 -5.24
CA SER A 42 15.75 -11.59 -5.53
C SER A 42 15.31 -12.24 -6.84
N CYS A 43 14.02 -12.24 -7.11
CA CYS A 43 13.50 -12.85 -8.33
C CYS A 43 13.02 -11.81 -9.31
N SER A 44 12.16 -10.91 -8.85
CA SER A 44 11.60 -9.85 -9.68
C SER A 44 10.75 -10.45 -10.80
N PRO A 45 9.56 -10.98 -10.45
CA PRO A 45 8.65 -11.60 -11.43
C PRO A 45 8.02 -10.56 -12.36
N ARG A 46 7.85 -9.35 -11.87
CA ARG A 46 7.25 -8.27 -12.65
C ARG A 46 8.34 -7.50 -13.37
N PRO A 47 7.99 -6.78 -14.45
CA PRO A 47 8.95 -6.02 -15.25
C PRO A 47 9.32 -4.67 -14.64
N THR A 48 9.17 -3.61 -15.43
CA THR A 48 9.51 -2.27 -14.99
C THR A 48 8.39 -1.66 -14.16
N PRO A 49 8.73 -1.13 -12.98
CA PRO A 49 7.78 -0.49 -12.08
C PRO A 49 7.10 0.72 -12.70
N ALA A 50 5.87 1.00 -12.27
CA ALA A 50 5.11 2.12 -12.82
C ALA A 50 4.21 2.77 -11.78
N VAL A 51 4.02 4.07 -11.87
CA VAL A 51 3.18 4.81 -10.94
C VAL A 51 1.69 4.47 -11.17
N VAL A 52 1.07 3.89 -10.15
CA VAL A 52 -0.33 3.50 -10.22
C VAL A 52 -1.19 4.33 -9.25
N HIS A 53 -2.50 4.07 -9.23
CA HIS A 53 -3.40 4.82 -8.37
C HIS A 53 -3.47 4.22 -6.96
N PHE A 54 -3.63 5.09 -5.97
CA PHE A 54 -3.73 4.68 -4.58
C PHE A 54 -4.54 5.70 -3.78
N LYS A 55 -5.35 5.22 -2.85
CA LYS A 55 -6.16 6.11 -2.01
C LYS A 55 -6.22 5.57 -0.58
N VAL A 56 -6.33 6.48 0.38
CA VAL A 56 -6.38 6.13 1.79
C VAL A 56 -7.80 6.20 2.36
N SER A 57 -8.33 5.06 2.78
CA SER A 57 -9.66 5.01 3.37
C SER A 57 -9.67 3.96 4.48
N ALA A 58 -10.28 4.28 5.62
CA ALA A 58 -10.35 3.34 6.73
C ALA A 58 -11.28 2.17 6.41
N GLN A 59 -12.06 2.32 5.36
CA GLN A 59 -12.98 1.28 4.93
C GLN A 59 -12.33 0.36 3.91
N GLY A 60 -11.09 0.68 3.55
CA GLY A 60 -10.37 -0.12 2.59
C GLY A 60 -9.32 0.68 1.87
N ILE A 61 -8.31 0.00 1.38
CA ILE A 61 -7.22 0.63 0.67
C ILE A 61 -7.43 0.51 -0.83
N THR A 62 -7.16 1.57 -1.55
CA THR A 62 -7.34 1.58 -2.98
C THR A 62 -6.03 1.48 -3.73
N LEU A 63 -5.93 0.45 -4.55
CA LEU A 63 -4.76 0.19 -5.37
C LEU A 63 -5.23 -0.05 -6.79
N THR A 64 -5.97 0.91 -7.30
CA THR A 64 -6.61 0.80 -8.59
C THR A 64 -5.74 1.11 -9.80
N ASP A 65 -6.17 0.52 -10.92
CA ASP A 65 -5.53 0.71 -12.20
C ASP A 65 -6.11 1.95 -12.88
N ASN A 66 -5.62 3.11 -12.48
CA ASN A 66 -6.10 4.37 -13.05
C ASN A 66 -5.87 4.43 -14.56
N GLN A 67 -4.72 3.90 -14.99
CA GLN A 67 -4.38 3.90 -16.40
C GLN A 67 -4.20 2.48 -16.93
N ARG A 68 -4.34 1.50 -16.02
CA ARG A 68 -4.19 0.06 -16.34
C ARG A 68 -3.22 -0.22 -17.48
N LYS A 69 -1.93 -0.06 -17.21
CA LYS A 69 -0.92 -0.28 -18.24
C LYS A 69 -0.36 -1.70 -18.18
N LEU A 70 0.13 -2.09 -17.02
CA LEU A 70 0.72 -3.42 -16.84
C LEU A 70 -0.25 -4.39 -16.16
N PHE A 71 -0.57 -4.07 -14.91
CA PHE A 71 -1.49 -4.86 -14.08
C PHE A 71 -1.60 -4.21 -12.71
N PHE A 72 -2.74 -3.62 -12.45
CA PHE A 72 -2.96 -2.97 -11.17
C PHE A 72 -4.22 -3.58 -10.53
N ARG A 73 -4.66 -3.09 -9.40
CA ARG A 73 -5.83 -3.68 -8.75
C ARG A 73 -7.00 -2.70 -8.61
N ARG A 74 -7.66 -2.75 -7.46
CA ARG A 74 -8.82 -1.90 -7.20
C ARG A 74 -8.90 -1.53 -5.72
N HIS A 75 -10.10 -1.34 -5.23
CA HIS A 75 -10.31 -0.99 -3.83
C HIS A 75 -10.52 -2.23 -2.99
N TYR A 76 -9.56 -2.51 -2.12
CA TYR A 76 -9.63 -3.66 -1.25
C TYR A 76 -10.32 -3.29 0.06
N PRO A 77 -11.49 -3.88 0.31
CA PRO A 77 -12.26 -3.62 1.54
C PRO A 77 -11.44 -3.92 2.79
N VAL A 78 -11.56 -3.05 3.79
CA VAL A 78 -10.81 -3.22 5.05
C VAL A 78 -11.13 -4.55 5.71
N ASN A 79 -12.29 -5.12 5.37
CA ASN A 79 -12.70 -6.40 5.94
C ASN A 79 -11.78 -7.51 5.43
N SER A 80 -11.21 -7.31 4.24
CA SER A 80 -10.31 -8.29 3.65
C SER A 80 -8.86 -7.92 3.97
N ILE A 81 -8.65 -6.71 4.46
CA ILE A 81 -7.32 -6.25 4.80
C ILE A 81 -6.95 -6.69 6.21
N THR A 82 -5.89 -7.47 6.32
CA THR A 82 -5.46 -7.97 7.60
C THR A 82 -4.33 -7.12 8.18
N PHE A 83 -3.52 -6.54 7.31
CA PHE A 83 -2.42 -5.69 7.74
C PHE A 83 -2.03 -4.70 6.63
N SER A 84 -1.52 -3.55 7.04
CA SER A 84 -1.09 -2.52 6.11
C SER A 84 0.11 -1.76 6.67
N SER A 85 1.22 -1.78 5.96
CA SER A 85 2.42 -1.09 6.39
C SER A 85 3.32 -0.82 5.20
N THR A 86 4.55 -0.41 5.47
CA THR A 86 5.50 -0.13 4.42
C THR A 86 6.42 -1.33 4.20
N ASP A 87 7.65 -1.19 4.65
CA ASP A 87 8.66 -2.23 4.49
C ASP A 87 8.84 -3.05 5.77
N PRO A 88 9.44 -4.23 5.66
CA PRO A 88 9.69 -5.11 6.80
C PRO A 88 10.89 -4.64 7.63
N GLN A 89 12.10 -4.83 7.08
CA GLN A 89 13.33 -4.46 7.77
C GLN A 89 13.94 -3.21 7.14
N ASP A 90 13.08 -2.33 6.63
CA ASP A 90 13.51 -1.08 5.99
C ASP A 90 14.13 -1.35 4.62
N ARG A 91 13.41 -2.10 3.80
CA ARG A 91 13.89 -2.43 2.47
C ARG A 91 13.53 -1.33 1.49
N ARG A 92 14.41 -1.09 0.53
CA ARG A 92 14.19 -0.05 -0.47
C ARG A 92 14.22 -0.67 -1.86
N TRP A 93 13.59 0.00 -2.82
CA TRP A 93 13.55 -0.47 -4.19
C TRP A 93 14.48 0.37 -5.04
N THR A 94 15.21 -0.27 -5.94
CA THR A 94 16.12 0.43 -6.82
C THR A 94 15.57 0.51 -8.23
N ASN A 95 15.22 1.72 -8.65
CA ASN A 95 14.68 1.93 -9.98
C ASN A 95 15.79 1.83 -11.02
N PRO A 96 15.43 1.58 -12.29
CA PRO A 96 16.41 1.45 -13.39
C PRO A 96 17.31 2.69 -13.53
N ASP A 97 16.83 3.82 -13.03
CA ASP A 97 17.59 5.07 -13.08
C ASP A 97 18.68 5.09 -12.02
N GLY A 98 18.56 4.18 -11.04
CA GLY A 98 19.51 4.11 -9.97
C GLY A 98 18.96 4.70 -8.69
N THR A 99 17.89 5.48 -8.83
CA THR A 99 17.26 6.10 -7.69
C THR A 99 16.52 5.07 -6.85
N THR A 100 16.58 5.21 -5.53
CA THR A 100 15.92 4.29 -4.63
C THR A 100 14.69 4.91 -3.98
N SER A 101 13.75 4.08 -3.61
CA SER A 101 12.52 4.54 -2.98
C SER A 101 12.05 3.50 -1.97
N LYS A 102 11.28 3.93 -0.97
CA LYS A 102 10.77 3.02 0.05
C LYS A 102 9.68 2.12 -0.54
N ILE A 103 9.53 0.94 0.02
CA ILE A 103 8.53 -0.01 -0.45
C ILE A 103 7.43 -0.16 0.60
N PHE A 104 6.19 -0.26 0.15
CA PHE A 104 5.08 -0.42 1.06
C PHE A 104 4.34 -1.72 0.74
N GLY A 105 4.16 -2.55 1.74
CA GLY A 105 3.49 -3.81 1.54
C GLY A 105 2.25 -3.94 2.41
N PHE A 106 1.14 -4.34 1.80
CA PHE A 106 -0.09 -4.53 2.53
C PHE A 106 -0.60 -5.94 2.36
N VAL A 107 -1.24 -6.46 3.41
CA VAL A 107 -1.75 -7.81 3.38
C VAL A 107 -3.27 -7.80 3.28
N ALA A 108 -3.78 -8.34 2.19
CA ALA A 108 -5.21 -8.41 1.96
C ALA A 108 -5.59 -9.79 1.46
N LYS A 109 -6.76 -10.26 1.86
CA LYS A 109 -7.25 -11.57 1.45
C LYS A 109 -7.50 -11.59 -0.04
N LYS A 110 -7.22 -12.73 -0.66
CA LYS A 110 -7.42 -12.89 -2.09
C LYS A 110 -8.91 -12.86 -2.41
N PRO A 111 -9.32 -12.02 -3.38
CA PRO A 111 -10.72 -11.91 -3.79
C PRO A 111 -11.33 -13.27 -4.16
N GLY A 112 -12.17 -13.79 -3.28
CA GLY A 112 -12.79 -15.08 -3.51
C GLY A 112 -12.24 -16.14 -2.57
N SER A 113 -11.05 -15.89 -2.06
CA SER A 113 -10.39 -16.79 -1.15
C SER A 113 -9.98 -16.07 0.12
N PRO A 114 -10.94 -15.84 1.04
CA PRO A 114 -10.67 -15.14 2.30
C PRO A 114 -9.81 -15.94 3.26
N TRP A 115 -9.50 -17.17 2.88
CA TRP A 115 -8.66 -18.04 3.71
C TRP A 115 -7.19 -17.82 3.40
N GLU A 116 -6.91 -17.07 2.35
CA GLU A 116 -5.53 -16.79 1.97
C GLU A 116 -5.30 -15.29 1.85
N ASN A 117 -4.16 -14.84 2.34
CA ASN A 117 -3.81 -13.43 2.29
C ASN A 117 -2.71 -13.22 1.27
N VAL A 118 -2.81 -12.14 0.51
CA VAL A 118 -1.80 -11.84 -0.49
C VAL A 118 -1.23 -10.45 -0.24
N CYS A 119 0.09 -10.35 -0.25
CA CYS A 119 0.76 -9.09 -0.01
C CYS A 119 1.14 -8.42 -1.31
N HIS A 120 0.36 -7.42 -1.69
CA HIS A 120 0.65 -6.66 -2.88
C HIS A 120 1.47 -5.47 -2.44
N LEU A 121 2.74 -5.45 -2.77
CA LEU A 121 3.59 -4.39 -2.32
C LEU A 121 4.23 -3.62 -3.46
N PHE A 122 4.12 -2.31 -3.35
CA PHE A 122 4.64 -1.40 -4.36
C PHE A 122 5.59 -0.39 -3.71
N ALA A 123 6.32 0.34 -4.52
CA ALA A 123 7.24 1.34 -4.02
C ALA A 123 6.50 2.67 -3.88
N GLU A 124 7.14 3.65 -3.27
CA GLU A 124 6.51 4.94 -3.07
C GLU A 124 7.17 6.04 -3.87
N LEU A 125 6.45 7.14 -3.99
CA LEU A 125 6.92 8.33 -4.66
C LEU A 125 7.29 9.35 -3.59
N ASP A 126 7.30 10.64 -3.90
CA ASP A 126 7.61 11.65 -2.87
C ASP A 126 7.35 13.11 -3.29
N PRO A 127 6.33 13.40 -4.13
CA PRO A 127 6.03 14.78 -4.49
C PRO A 127 5.11 15.46 -3.47
N ASP A 128 4.47 14.67 -2.60
CA ASP A 128 3.57 15.23 -1.59
C ASP A 128 3.46 14.35 -0.34
N GLN A 129 2.69 13.28 -0.43
CA GLN A 129 2.49 12.38 0.71
C GLN A 129 2.83 10.92 0.33
N PRO A 130 4.12 10.56 0.41
CA PRO A 130 4.60 9.22 0.07
C PRO A 130 4.11 8.12 1.01
N ALA A 131 4.54 6.89 0.74
CA ALA A 131 4.15 5.73 1.53
C ALA A 131 4.52 5.94 3.00
N GLY A 132 5.73 6.40 3.23
CA GLY A 132 6.20 6.63 4.59
C GLY A 132 5.28 7.54 5.37
N ALA A 133 4.59 8.43 4.68
CA ALA A 133 3.68 9.36 5.33
C ALA A 133 2.31 8.74 5.51
N ILE A 134 1.79 8.13 4.44
CA ILE A 134 0.47 7.52 4.49
C ILE A 134 0.40 6.33 5.44
N VAL A 135 1.43 5.47 5.42
CA VAL A 135 1.44 4.30 6.28
C VAL A 135 1.56 4.70 7.75
N THR A 136 2.26 5.80 8.01
CA THR A 136 2.44 6.30 9.37
C THR A 136 1.10 6.37 10.10
N PHE A 137 0.08 6.86 9.43
CA PHE A 137 -1.23 6.94 10.05
C PHE A 137 -2.12 5.79 9.59
N ILE A 138 -1.93 5.33 8.36
CA ILE A 138 -2.74 4.24 7.81
C ILE A 138 -2.75 3.02 8.72
N THR A 139 -1.62 2.71 9.34
CA THR A 139 -1.55 1.58 10.25
C THR A 139 -2.49 1.79 11.45
N LYS A 140 -2.52 3.02 11.94
CA LYS A 140 -3.36 3.38 13.07
C LYS A 140 -4.82 3.52 12.65
N VAL A 141 -5.03 3.89 11.40
CA VAL A 141 -6.37 4.09 10.85
C VAL A 141 -7.01 2.81 10.33
N LEU A 142 -6.35 2.17 9.39
CA LEU A 142 -6.85 0.94 8.76
C LEU A 142 -6.91 -0.23 9.72
N LEU A 143 -5.78 -0.52 10.34
CA LEU A 143 -5.70 -1.64 11.28
C LEU A 143 -6.17 -1.22 12.66
N GLY A 144 -5.78 -0.03 13.07
CA GLY A 144 -6.16 0.45 14.37
C GLY A 144 -5.19 -0.01 15.43
N GLN A 145 -3.91 -0.02 15.06
CA GLN A 145 -2.84 -0.43 15.97
C GLN A 145 -2.84 0.43 17.23
N ARG A 146 -3.23 1.69 17.08
CA ARG A 146 -3.29 2.61 18.20
C ARG A 146 -4.67 2.59 18.81
N LYS A 147 -4.70 2.60 20.13
CA LYS A 147 -5.95 2.58 20.87
C LYS A 147 -6.22 3.96 21.45
N GLU B 1 1.48 12.28 -5.67
CA GLU B 1 0.27 12.10 -4.84
C GLU B 1 -0.73 13.19 -5.15
N ASP B 2 -1.76 13.32 -4.31
CA ASP B 2 -2.76 14.35 -4.49
C ASP B 2 -2.29 15.62 -3.80
N HIS B 3 -3.22 16.39 -3.26
CA HIS B 3 -2.86 17.61 -2.57
C HIS B 3 -3.40 17.59 -1.15
N LYS B 4 -4.69 17.36 -1.00
CA LYS B 4 -5.31 17.31 0.32
C LYS B 4 -6.39 16.24 0.36
N PRO B 5 -6.67 15.71 1.55
CA PRO B 5 -7.70 14.68 1.74
C PRO B 5 -9.11 15.22 1.53
N GLY B 6 -10.00 14.35 1.10
CA GLY B 6 -11.37 14.75 0.87
C GLY B 6 -11.87 14.33 -0.49
N THR B 7 -11.72 13.04 -0.79
CA THR B 7 -12.17 12.51 -2.08
C THR B 7 -12.09 10.99 -2.11
N PHE B 8 -13.24 10.36 -2.42
CA PHE B 8 -13.42 8.90 -2.54
C PHE B 8 -14.18 8.29 -1.34
N PRO B 9 -13.61 8.28 -0.10
CA PRO B 9 -14.30 7.69 1.06
C PRO B 9 -15.53 8.49 1.49
N LYS B 10 -16.38 7.85 2.27
CA LYS B 10 -17.61 8.48 2.74
C LYS B 10 -17.37 9.17 4.07
N ALA B 11 -16.33 10.00 4.12
CA ALA B 11 -15.95 10.76 5.32
C ALA B 11 -15.74 9.83 6.51
N LEU B 12 -15.31 8.60 6.21
CA LEU B 12 -15.06 7.58 7.22
C LEU B 12 -16.29 7.31 8.07
N THR B 13 -17.19 6.51 7.52
CA THR B 13 -18.41 6.15 8.22
C THR B 13 -18.60 4.63 8.16
N ASN B 14 -19.47 4.11 9.01
CA ASN B 14 -19.73 2.68 9.05
C ASN B 14 -20.87 2.32 8.11
#